data_8BCB
#
_entry.id   8BCB
#
_cell.length_a   100.205
_cell.length_b   119.231
_cell.length_c   186.728
_cell.angle_alpha   90.000
_cell.angle_beta   90.000
_cell.angle_gamma   90.000
#
_symmetry.space_group_name_H-M   'P 21 21 21'
#
loop_
_entity.id
_entity.type
_entity.pdbx_description
1 polymer 'U5 small nuclear ribonucleoprotein 200 kDa helicase'
2 polymer 'Pre-mRNA-processing-splicing factor 8'
3 non-polymer 1,2-ETHANEDIOL
4 non-polymer SULFANILAMIDE
5 water water
#
loop_
_entity_poly.entity_id
_entity_poly.type
_entity_poly.pdbx_seq_one_letter_code
_entity_poly.pdbx_strand_id
1 'polypeptide(L)'
;GAEFMDLDQGGEALAPRQVLDLEDLVFTQGSHFMANKRCQLPDGSFRRQRKGYEEVHVPALKPKPFGSEEQLLPVEKLPK
YAQAGFEGFKTLNRIQSKLYRAALETDENLLLCAPTGAGKTNVALMCMLREIGKHINMDGTINVDDFKIIYIAPMRSLVQ
EMVGSFGKRLATYGITVAELTGDHQLCKEEISATQIIVCTPEKWDIITRKGGERTYTQLVRLIILDEIHLLHDDRGPVLE
ALVARAIRNIEMTQEDVRLIGLSATLPNYEDVATFLRVDPAKGLFYFDNSFRPVPLEQTYVGITEKKAIKRFQIMNEIVY
EKIMEHAGKNQVLVFVHSRKETGKTARAIRDMCLEKDTLGLFLREGSASTEVLRTEAEQCKNLELKDLLPYGFAIHHAGM
TRVDRTLVEDLFADKHIQVLVSTATLAWGVNLPAHTVIIKGTQVYSPEKGRWTELGALDILQMLGRAGRPQYDTKGEGIL
ITSHGELQYYLSLLNQQLPIESQMVSKLPDMLNAEIVLGNVQNAKDAVNWLGYAYLYIRMLRSPTLYGISHDDLKGDPLL
DQRRLDLVHTAALMLDKNNLVKYDKKTGNFQVTELGRIASHYYITNDTVQTYNQLLKPTLSEIELFRVFSLSSEFKNITV
REEEKLELQKLLERVPIPVKESIEEPSAKINVLLQAFISQLKLEGFALMADMVYVTQSAGRLMRAIFEIVLNRGWAQLTD
KTLNLCKMIDKRMWQSMCPLRQFRKLPEEVVKKIEKKNFPFERLYDLNHNEIGELIRMPKMGKTIHKYVHLFPKLELSVH
LQPITRSTLKVELTITPDFQWDEKVHGSSEAFWILVEDVDSEVILHHEYFLLKAKYAQDEHLITFFVPVFEPLPPQYFIR
VVSDRWLSCETQLPVSFRHLILPEKYPPPTELLDLQPLPVSALRNSAFESLYQDKFPFFNPIQTQVFNTVYNSDDNVFVG
APTGSGKTICAEFAILRMLLQSSEGRCVYITPMEALAEQVYMDWYEKFQDRLNKKVVLLTGETSTDLKLLGKGNIIISTP
EKWDILSRRWKQRKNVQNINLFVVDEVHLIGGENGPVLEVICSRMRYISSQIERPIRIVALSSSLSNAKDVAHWLGCSAT
STFNFHPNVRPVPLELHIQGFNISHTQTRLLSMAKPVYHAITKHSPKKPVIVFVPSRKQTRLTAIDILTTCAADIQRQRF
LHCTEKDLIPYLEKLSDSTLKETLLNGVGYLHEGLSPMERRLVEQLFSSGAIQVVVASRSLCWGMNVAAHLVIIMDTQYY
NGKIHAYVDYPIYDVLQMVGHANRPLQDDEGRCVIMCQGSKKDFFKKFLYEPLPVESHLDHCMHDHFNAEIVTKTIENKQ
DAVDYLTWTFLYRRMTQNPNYYNLQGISHRHLSDHLSELVEQTLSDLEQSKCISIEDEMDVAPLNLGMIAAYYYINYTTI
ELFSMSLNAKTKVRGLIEIISNAAEYENIPIRHHEDNLLRQLAQKVPHKLNNPKFNDPHVKTNLLLQAHLSRMQLSAELQ
SDTEEILSKAIRLIQACVDVLSSNGWLSPALAAMELAQMVTQAMWSKDSYLKQLPHFTSEHIKRCTDKGVESVFDIMEME
DEERNALLQLTDSQIADVARFCNRYPNIELSYEVVDKDSIRSGGPVVVLVQLEREEEVTGPVIAPLFPQKREEGWWVVIG
DAKSNSLISIKRLTLQQKAKVKLDFVAPATGAHNYTLYFMSDAYMGCDQEYKFSVDVKEAETDSDSD
;
B
2 'polypeptide(L)'
;GPLGSMTQTFSSKTEWRVRAISAANLHLRTNHIYVSSDDIKETGYTYILPKNVLKKFICISDLRAQIAGYLYGVSPPDNP
QVKEIRCIVMVPQWGTHQTVHLPGQLPQHEYLKEMEPLGWIHTQPNESPQLSPQDVTTHAKIMADNPSWDGEKTIIITCS
FTPGSCTLTAYKLTPSGYEWGRQNTDKGNNPKGYLPSHYERVQMLLSDRFLGFFMVPAQSSWNYNFMGVRHDPNMKYELQ
LANPKEFYHEVHRPSHFLNFALL
;
J
#
# COMPACT_ATOMS: atom_id res chain seq x y z
N ALA A 13 14.17 -21.08 -27.18
CA ALA A 13 15.33 -21.89 -26.82
C ALA A 13 15.93 -22.71 -28.00
N LEU A 14 16.25 -22.06 -29.13
CA LEU A 14 16.99 -22.68 -30.24
C LEU A 14 18.49 -22.53 -30.00
N ALA A 15 19.17 -23.65 -29.76
CA ALA A 15 20.51 -23.62 -29.15
C ALA A 15 21.57 -22.88 -29.96
N PRO A 16 21.85 -23.21 -31.25
CA PRO A 16 23.00 -22.58 -31.92
C PRO A 16 22.87 -21.06 -32.11
N ARG A 17 22.97 -20.34 -31.00
CA ARG A 17 22.77 -18.90 -30.98
C ARG A 17 24.10 -18.17 -31.16
N GLN A 18 24.14 -16.88 -30.84
CA GLN A 18 25.42 -16.17 -30.75
C GLN A 18 25.22 -14.91 -29.91
N VAL A 19 26.30 -14.47 -29.28
CA VAL A 19 26.28 -13.32 -28.39
C VAL A 19 26.66 -12.11 -29.23
N LEU A 20 25.74 -11.15 -29.36
CA LEU A 20 25.99 -9.98 -30.19
C LEU A 20 26.67 -8.90 -29.37
N ASP A 21 27.13 -7.87 -30.04
CA ASP A 21 27.65 -6.66 -29.40
C ASP A 21 26.62 -5.54 -29.61
N LEU A 22 25.76 -5.30 -28.63
CA LEU A 22 24.72 -4.30 -28.79
C LEU A 22 25.29 -2.93 -29.20
N GLU A 23 26.42 -2.53 -28.64
CA GLU A 23 26.97 -1.21 -28.90
C GLU A 23 27.30 -1.00 -30.37
N ASP A 24 27.69 -2.06 -31.08
CA ASP A 24 28.02 -1.94 -32.50
C ASP A 24 26.77 -1.91 -33.38
N LEU A 25 25.61 -2.32 -32.87
CA LEU A 25 24.38 -2.18 -33.62
C LEU A 25 23.72 -0.81 -33.44
N VAL A 26 24.15 -0.03 -32.45
CA VAL A 26 23.48 1.21 -32.05
C VAL A 26 23.67 2.29 -33.11
N PHE A 27 22.60 3.04 -33.40
CA PHE A 27 22.68 4.26 -34.21
C PHE A 27 23.24 5.36 -33.32
N THR A 28 24.53 5.63 -33.43
CA THR A 28 25.18 6.49 -32.45
C THR A 28 24.59 7.91 -32.43
N GLN A 29 24.18 8.47 -33.59
CA GLN A 29 23.74 9.87 -33.66
C GLN A 29 22.34 10.12 -33.12
N GLY A 30 21.61 9.09 -32.68
CA GLY A 30 20.30 9.32 -32.06
C GLY A 30 19.29 9.85 -33.07
N SER A 31 18.56 10.90 -32.69
CA SER A 31 17.68 11.55 -33.66
C SER A 31 18.45 12.20 -34.82
N HIS A 32 19.79 12.26 -34.77
CA HIS A 32 20.51 12.90 -35.86
C HIS A 32 20.96 11.91 -36.94
N PHE A 33 20.76 10.61 -36.74
CA PHE A 33 21.04 9.61 -37.78
C PHE A 33 20.20 9.87 -39.03
N MET A 34 20.87 9.83 -40.18
CA MET A 34 20.24 10.09 -41.47
C MET A 34 20.32 8.81 -42.32
N ALA A 35 19.21 8.06 -42.36
CA ALA A 35 19.23 6.77 -43.05
C ALA A 35 19.24 6.95 -44.55
N ASN A 36 18.65 8.03 -45.06
CA ASN A 36 18.57 8.29 -46.49
C ASN A 36 19.90 8.86 -47.02
N LYS A 37 20.25 8.47 -48.25
CA LYS A 37 21.54 8.90 -48.79
C LYS A 37 21.41 10.04 -49.78
N ARG A 38 20.26 10.17 -50.42
CA ARG A 38 20.03 11.22 -51.40
C ARG A 38 18.95 12.16 -50.92
N CYS A 39 19.09 13.43 -51.30
CA CYS A 39 18.20 14.48 -50.85
C CYS A 39 17.75 15.27 -52.07
N GLN A 40 16.43 15.39 -52.25
CA GLN A 40 15.81 16.08 -53.38
C GLN A 40 14.96 17.25 -52.86
N LEU A 41 15.22 18.48 -53.38
CA LEU A 41 14.53 19.67 -52.89
C LEU A 41 13.33 20.02 -53.77
N PRO A 42 12.35 20.75 -53.24
CA PRO A 42 11.21 21.15 -54.07
C PRO A 42 11.64 21.94 -55.28
N ASP A 43 10.80 21.93 -56.31
CA ASP A 43 11.09 22.69 -57.51
C ASP A 43 11.12 24.18 -57.17
N GLY A 44 12.14 24.86 -57.67
CA GLY A 44 12.34 26.26 -57.35
C GLY A 44 13.33 26.53 -56.23
N SER A 45 13.84 25.49 -55.56
CA SER A 45 14.95 25.66 -54.62
C SER A 45 16.21 26.06 -55.35
N PHE A 46 17.14 26.68 -54.60
CA PHE A 46 18.40 27.04 -55.22
C PHE A 46 19.40 27.38 -54.12
N ARG A 47 20.68 27.19 -54.44
CA ARG A 47 21.76 27.55 -53.55
C ARG A 47 22.40 28.87 -53.99
N ARG A 48 22.78 29.68 -53.02
CA ARG A 48 23.61 30.86 -53.19
C ARG A 48 24.89 30.69 -52.37
N GLN A 49 25.93 31.42 -52.75
CA GLN A 49 27.22 31.34 -52.10
C GLN A 49 27.56 32.65 -51.41
N ARG A 50 28.29 32.55 -50.30
CA ARG A 50 28.87 33.72 -49.67
C ARG A 50 30.10 33.25 -48.89
N LYS A 51 30.94 34.20 -48.47
CA LYS A 51 32.29 33.86 -48.01
C LYS A 51 32.19 33.10 -46.70
N GLY A 52 32.50 31.81 -46.76
CA GLY A 52 32.44 30.96 -45.59
C GLY A 52 31.07 30.45 -45.23
N TYR A 53 30.05 30.69 -46.07
CA TYR A 53 28.76 30.06 -45.77
C TYR A 53 27.93 29.96 -47.05
N GLU A 54 27.28 28.80 -47.23
CA GLU A 54 26.33 28.59 -48.31
C GLU A 54 24.91 28.79 -47.82
N GLU A 55 24.04 29.29 -48.70
CA GLU A 55 22.61 29.43 -48.42
C GLU A 55 21.83 28.54 -49.39
N VAL A 56 20.81 27.85 -48.88
CA VAL A 56 19.85 27.13 -49.69
C VAL A 56 18.50 27.74 -49.43
N HIS A 57 17.82 28.18 -50.46
CA HIS A 57 16.45 28.65 -50.33
C HIS A 57 15.51 27.60 -50.89
N VAL A 58 14.41 27.39 -50.18
CA VAL A 58 13.34 26.50 -50.59
C VAL A 58 12.03 27.28 -50.58
N PRO A 59 11.34 27.42 -51.72
CA PRO A 59 10.14 28.26 -51.77
C PRO A 59 8.98 27.67 -51.01
N ALA A 60 8.05 28.54 -50.62
CA ALA A 60 6.80 28.10 -50.01
C ALA A 60 5.99 27.30 -51.02
N LEU A 61 5.36 26.22 -50.55
CA LEU A 61 4.61 25.33 -51.40
C LEU A 61 3.22 25.88 -51.69
N LYS A 62 2.63 25.40 -52.78
CA LYS A 62 1.23 25.79 -52.97
C LYS A 62 0.28 24.73 -52.38
N PRO A 63 -0.84 25.15 -51.78
CA PRO A 63 -1.82 24.18 -51.29
C PRO A 63 -2.34 23.30 -52.41
N LYS A 64 -2.48 22.00 -52.12
CA LYS A 64 -3.05 21.04 -53.03
C LYS A 64 -4.52 21.40 -53.28
N PRO A 65 -4.88 21.80 -54.50
CA PRO A 65 -6.29 22.11 -54.78
C PRO A 65 -7.17 20.89 -54.54
N PHE A 66 -8.35 21.13 -54.01
CA PHE A 66 -9.27 20.05 -53.64
C PHE A 66 -9.50 19.09 -54.79
N GLY A 67 -9.01 17.86 -54.65
CA GLY A 67 -9.24 16.83 -55.65
C GLY A 67 -10.46 15.97 -55.33
N SER A 68 -10.56 15.52 -54.08
CA SER A 68 -11.69 14.72 -53.62
C SER A 68 -12.97 15.53 -53.44
N GLU A 69 -12.95 16.83 -53.78
CA GLU A 69 -14.13 17.71 -53.70
C GLU A 69 -14.88 17.56 -52.38
N GLU A 70 -14.15 17.20 -51.33
CA GLU A 70 -14.69 17.07 -49.99
C GLU A 70 -14.78 18.45 -49.37
N GLN A 71 -16.00 18.94 -49.17
CA GLN A 71 -16.21 20.20 -48.49
C GLN A 71 -15.95 20.02 -46.99
N LEU A 72 -15.68 21.14 -46.32
CA LEU A 72 -15.44 21.12 -44.89
C LEU A 72 -16.71 20.73 -44.14
N LEU A 73 -16.61 19.77 -43.23
CA LEU A 73 -17.79 19.25 -42.57
C LEU A 73 -18.28 20.24 -41.52
N PRO A 74 -19.50 20.73 -41.62
CA PRO A 74 -20.01 21.63 -40.58
C PRO A 74 -20.24 20.87 -39.29
N VAL A 75 -19.78 21.49 -38.19
CA VAL A 75 -20.03 20.95 -36.86
C VAL A 75 -21.45 20.41 -36.72
N GLU A 76 -22.43 20.98 -37.42
CA GLU A 76 -23.81 20.56 -37.27
C GLU A 76 -24.06 19.16 -37.78
N LYS A 77 -23.28 18.69 -38.75
CA LYS A 77 -23.44 17.33 -39.26
C LYS A 77 -22.64 16.29 -38.47
N LEU A 78 -21.99 16.66 -37.38
CA LEU A 78 -21.40 15.65 -36.51
C LEU A 78 -22.48 14.97 -35.69
N PRO A 79 -22.19 13.84 -35.08
CA PRO A 79 -23.10 13.29 -34.07
C PRO A 79 -23.27 14.27 -32.92
N LYS A 80 -24.48 14.36 -32.39
CA LYS A 80 -24.82 15.50 -31.54
C LYS A 80 -24.06 15.49 -30.22
N TYR A 81 -23.63 14.31 -29.75
CA TYR A 81 -22.83 14.25 -28.53
C TYR A 81 -21.49 14.93 -28.72
N ALA A 82 -21.01 14.95 -29.99
CA ALA A 82 -19.70 15.48 -30.32
C ALA A 82 -19.72 16.98 -30.60
N GLN A 83 -20.90 17.57 -30.76
CA GLN A 83 -21.00 18.97 -31.16
C GLN A 83 -20.64 19.93 -30.03
N ALA A 84 -20.83 19.55 -28.77
CA ALA A 84 -20.42 20.44 -27.69
C ALA A 84 -18.90 20.56 -27.58
N GLY A 85 -18.14 19.57 -28.07
CA GLY A 85 -16.70 19.71 -28.12
C GLY A 85 -16.22 20.64 -29.22
N PHE A 86 -17.12 21.12 -30.07
CA PHE A 86 -16.76 22.03 -31.15
C PHE A 86 -17.51 23.33 -31.00
N GLU A 87 -17.87 23.68 -29.76
CA GLU A 87 -18.62 24.90 -29.51
C GLU A 87 -17.79 26.11 -29.89
N GLY A 88 -18.44 27.07 -30.55
CA GLY A 88 -17.75 28.21 -31.09
C GLY A 88 -16.90 27.92 -32.32
N PHE A 89 -17.19 26.85 -33.06
CA PHE A 89 -16.60 26.62 -34.36
C PHE A 89 -17.70 26.39 -35.37
N LYS A 90 -17.46 26.80 -36.60
CA LYS A 90 -18.46 26.66 -37.64
C LYS A 90 -18.31 25.36 -38.39
N THR A 91 -17.11 25.09 -38.91
CA THR A 91 -16.83 23.83 -39.57
C THR A 91 -15.42 23.39 -39.18
N LEU A 92 -15.22 22.06 -39.18
CA LEU A 92 -13.87 21.50 -39.08
C LEU A 92 -13.01 22.01 -40.24
N ASN A 93 -11.69 21.92 -40.08
CA ASN A 93 -10.77 22.34 -41.14
C ASN A 93 -10.60 21.20 -42.14
N ARG A 94 -9.73 21.34 -43.15
CA ARG A 94 -9.68 20.29 -44.17
C ARG A 94 -9.23 18.95 -43.59
N ILE A 95 -8.20 18.96 -42.72
CA ILE A 95 -7.69 17.72 -42.14
C ILE A 95 -8.77 17.03 -41.32
N GLN A 96 -9.37 17.74 -40.37
CA GLN A 96 -10.40 17.16 -39.52
C GLN A 96 -11.59 16.69 -40.34
N SER A 97 -11.93 17.38 -41.44
CA SER A 97 -13.00 16.91 -42.29
C SER A 97 -12.65 15.59 -42.98
N LYS A 98 -11.40 15.42 -43.42
CA LYS A 98 -11.05 14.15 -44.03
C LYS A 98 -10.91 13.04 -42.99
N LEU A 99 -10.71 13.40 -41.72
CA LEU A 99 -10.51 12.43 -40.66
C LEU A 99 -11.76 12.14 -39.85
N TYR A 100 -12.82 12.92 -40.03
CA TYR A 100 -13.98 12.86 -39.16
C TYR A 100 -14.58 11.44 -39.09
N ARG A 101 -14.82 10.80 -40.24
CA ARG A 101 -15.43 9.47 -40.19
C ARG A 101 -14.54 8.46 -39.45
N ALA A 102 -13.25 8.43 -39.75
CA ALA A 102 -12.38 7.50 -39.04
C ALA A 102 -12.29 7.81 -37.56
N ALA A 103 -12.30 9.09 -37.20
CA ALA A 103 -12.08 9.43 -35.81
C ALA A 103 -13.32 9.21 -34.98
N LEU A 104 -14.50 9.58 -35.51
CA LEU A 104 -15.75 9.60 -34.78
C LEU A 104 -16.65 8.40 -35.03
N GLU A 105 -16.60 7.79 -36.21
CA GLU A 105 -17.50 6.69 -36.55
C GLU A 105 -16.83 5.31 -36.59
N THR A 106 -15.59 5.15 -36.11
CA THR A 106 -14.94 3.84 -36.00
C THR A 106 -13.99 3.87 -34.82
N ASP A 107 -13.64 2.67 -34.33
CA ASP A 107 -12.62 2.53 -33.29
C ASP A 107 -11.28 2.09 -33.86
N GLU A 108 -11.04 2.40 -35.13
CA GLU A 108 -9.88 1.88 -35.85
C GLU A 108 -8.62 2.61 -35.38
N ASN A 109 -7.57 1.87 -35.07
CA ASN A 109 -6.31 2.53 -34.75
C ASN A 109 -5.90 3.45 -35.91
N LEU A 110 -5.36 4.62 -35.58
CA LEU A 110 -5.04 5.59 -36.62
C LEU A 110 -3.59 6.03 -36.52
N LEU A 111 -3.09 6.49 -37.66
CA LEU A 111 -1.82 7.18 -37.75
C LEU A 111 -2.01 8.37 -38.67
N LEU A 112 -1.93 9.57 -38.14
CA LEU A 112 -2.06 10.80 -38.93
C LEU A 112 -0.69 11.46 -39.07
N CYS A 113 -0.21 11.58 -40.31
CA CYS A 113 1.02 12.29 -40.62
C CYS A 113 0.66 13.55 -41.37
N ALA A 114 1.06 14.70 -40.83
CA ALA A 114 0.69 15.99 -41.38
C ALA A 114 1.72 16.97 -40.87
N PRO A 115 1.99 18.04 -41.61
CA PRO A 115 3.04 18.96 -41.19
C PRO A 115 2.67 19.58 -39.85
N THR A 116 3.66 19.89 -39.05
CA THR A 116 3.37 20.26 -37.68
C THR A 116 2.54 21.53 -37.67
N GLY A 117 1.38 21.46 -37.02
CA GLY A 117 0.45 22.55 -36.95
C GLY A 117 -0.74 22.50 -37.90
N ALA A 118 -1.11 21.33 -38.43
CA ALA A 118 -2.14 21.24 -39.48
C ALA A 118 -3.51 20.84 -38.95
N GLY A 119 -3.62 20.36 -37.71
CA GLY A 119 -4.90 20.10 -37.11
C GLY A 119 -4.91 18.83 -36.28
N LYS A 120 -3.72 18.22 -36.11
CA LYS A 120 -3.67 16.86 -35.59
C LYS A 120 -4.31 16.76 -34.21
N THR A 121 -4.11 17.75 -33.35
CA THR A 121 -4.70 17.55 -32.03
C THR A 121 -6.21 17.79 -32.02
N ASN A 122 -6.77 18.39 -33.06
CA ASN A 122 -8.23 18.41 -33.19
C ASN A 122 -8.77 17.08 -33.68
N VAL A 123 -7.96 16.34 -34.44
CA VAL A 123 -8.27 14.96 -34.74
C VAL A 123 -8.25 14.12 -33.47
N ALA A 124 -7.28 14.39 -32.58
CA ALA A 124 -7.24 13.68 -31.29
C ALA A 124 -8.43 14.04 -30.42
N LEU A 125 -8.86 15.30 -30.48
CA LEU A 125 -10.10 15.68 -29.82
C LEU A 125 -11.24 14.81 -30.30
N MET A 126 -11.39 14.68 -31.62
CA MET A 126 -12.50 13.87 -32.13
C MET A 126 -12.43 12.45 -31.61
N CYS A 127 -11.22 11.88 -31.53
CA CYS A 127 -11.09 10.54 -30.97
C CYS A 127 -11.52 10.48 -29.50
N MET A 128 -11.07 11.44 -28.71
CA MET A 128 -11.48 11.46 -27.32
C MET A 128 -13.00 11.61 -27.22
N LEU A 129 -13.60 12.32 -28.17
CA LEU A 129 -15.05 12.52 -28.08
C LEU A 129 -15.78 11.22 -28.37
N ARG A 130 -15.30 10.43 -29.32
CA ARG A 130 -15.85 9.09 -29.52
C ARG A 130 -15.80 8.26 -28.24
N GLU A 131 -14.65 8.27 -27.55
CA GLU A 131 -14.56 7.51 -26.32
C GLU A 131 -15.51 8.05 -25.26
N ILE A 132 -15.61 9.37 -25.12
CA ILE A 132 -16.54 9.98 -24.17
C ILE A 132 -17.96 9.57 -24.49
N GLY A 133 -18.31 9.56 -25.77
CA GLY A 133 -19.65 9.19 -26.18
C GLY A 133 -20.02 7.79 -25.74
N LYS A 134 -19.06 6.87 -25.81
CA LYS A 134 -19.32 5.50 -25.36
C LYS A 134 -19.90 5.40 -23.94
N HIS A 135 -19.84 6.46 -23.15
CA HIS A 135 -20.18 6.42 -21.72
C HIS A 135 -21.19 7.50 -21.37
N ILE A 136 -22.15 7.73 -22.25
CA ILE A 136 -23.16 8.76 -22.05
C ILE A 136 -24.48 8.06 -21.80
N ASN A 137 -25.04 8.27 -20.61
CA ASN A 137 -26.30 7.68 -20.16
C ASN A 137 -27.49 8.26 -20.93
N MET A 138 -28.69 7.81 -20.56
CA MET A 138 -29.90 8.48 -21.00
C MET A 138 -30.13 9.78 -20.23
N ASP A 139 -29.58 9.89 -19.02
CA ASP A 139 -29.64 11.12 -18.24
C ASP A 139 -28.85 12.27 -18.84
N GLY A 140 -28.18 12.05 -19.98
CA GLY A 140 -27.21 12.97 -20.52
C GLY A 140 -25.86 12.98 -19.82
N THR A 141 -25.80 12.55 -18.56
CA THR A 141 -24.56 12.54 -17.81
C THR A 141 -23.56 11.54 -18.42
N ILE A 142 -22.29 11.66 -17.99
CA ILE A 142 -21.20 10.76 -18.42
C ILE A 142 -20.76 9.93 -17.23
N ASN A 143 -20.50 8.65 -17.47
CA ASN A 143 -19.95 7.78 -16.42
C ASN A 143 -18.45 8.01 -16.34
N VAL A 144 -18.09 9.15 -15.75
CA VAL A 144 -16.71 9.61 -15.71
C VAL A 144 -15.78 8.66 -14.97
N ASP A 145 -16.32 7.68 -14.26
CA ASP A 145 -15.50 6.72 -13.54
C ASP A 145 -15.41 5.38 -14.28
N ASP A 146 -15.92 5.33 -15.51
CA ASP A 146 -15.95 4.12 -16.32
C ASP A 146 -14.80 4.00 -17.32
N PHE A 147 -13.82 4.92 -17.31
CA PHE A 147 -12.79 4.91 -18.34
C PHE A 147 -11.69 5.91 -18.03
N LYS A 148 -10.59 5.79 -18.78
CA LYS A 148 -9.51 6.77 -18.80
C LYS A 148 -8.96 6.88 -20.22
N ILE A 149 -8.47 8.06 -20.56
CA ILE A 149 -7.79 8.35 -21.82
C ILE A 149 -6.40 8.89 -21.50
N ILE A 150 -5.36 8.29 -22.10
CA ILE A 150 -3.97 8.75 -21.91
C ILE A 150 -3.53 9.55 -23.14
N TYR A 151 -3.07 10.78 -22.92
CA TYR A 151 -2.46 11.60 -23.95
C TYR A 151 -0.97 11.71 -23.63
N ILE A 152 -0.14 11.08 -24.47
CA ILE A 152 1.31 11.03 -24.27
C ILE A 152 1.94 12.14 -25.11
N ALA A 153 2.61 13.08 -24.46
CA ALA A 153 3.21 14.19 -25.16
C ALA A 153 4.69 14.27 -24.78
N PRO A 154 5.56 14.63 -25.73
CA PRO A 154 7.00 14.45 -25.49
C PRO A 154 7.58 15.37 -24.44
N MET A 155 7.11 16.61 -24.33
CA MET A 155 7.72 17.61 -23.47
C MET A 155 6.75 18.04 -22.39
N ARG A 156 7.29 18.23 -21.18
CA ARG A 156 6.45 18.61 -20.05
C ARG A 156 5.70 19.91 -20.29
N SER A 157 6.36 20.91 -20.88
CA SER A 157 5.65 22.17 -21.13
C SER A 157 4.49 21.96 -22.09
N LEU A 158 4.66 21.07 -23.07
CA LEU A 158 3.58 20.72 -23.97
C LEU A 158 2.45 20.01 -23.22
N VAL A 159 2.80 19.07 -22.34
CA VAL A 159 1.82 18.41 -21.47
C VAL A 159 0.92 19.44 -20.78
N GLN A 160 1.55 20.44 -20.14
CA GLN A 160 0.74 21.44 -19.41
C GLN A 160 -0.15 22.25 -20.35
N GLU A 161 0.35 22.64 -21.52
CA GLU A 161 -0.52 23.38 -22.44
C GLU A 161 -1.73 22.53 -22.86
N MET A 162 -1.49 21.24 -23.11
CA MET A 162 -2.57 20.33 -23.50
C MET A 162 -3.59 20.16 -22.37
N VAL A 163 -3.13 20.07 -21.12
CA VAL A 163 -4.06 19.96 -20.00
C VAL A 163 -5.01 21.15 -19.98
N GLY A 164 -4.46 22.35 -20.13
CA GLY A 164 -5.31 23.53 -20.18
C GLY A 164 -6.33 23.49 -21.30
N SER A 165 -5.88 23.30 -22.54
CA SER A 165 -6.81 23.42 -23.67
C SER A 165 -7.80 22.25 -23.73
N PHE A 166 -7.36 21.03 -23.44
CA PHE A 166 -8.29 19.90 -23.43
C PHE A 166 -9.32 20.08 -22.31
N GLY A 167 -8.87 20.47 -21.11
CA GLY A 167 -9.81 20.75 -20.04
C GLY A 167 -10.83 21.81 -20.43
N LYS A 168 -10.41 22.82 -21.19
CA LYS A 168 -11.33 23.89 -21.57
C LYS A 168 -12.33 23.44 -22.64
N ARG A 169 -11.90 22.59 -23.59
CA ARG A 169 -12.85 22.13 -24.60
C ARG A 169 -13.81 21.10 -24.05
N LEU A 170 -13.44 20.43 -22.96
CA LEU A 170 -14.20 19.32 -22.46
C LEU A 170 -14.88 19.62 -21.13
N ALA A 171 -14.67 20.83 -20.61
CA ALA A 171 -15.42 21.30 -19.44
C ALA A 171 -16.92 21.01 -19.58
N THR A 172 -17.49 21.33 -20.75
CA THR A 172 -18.93 21.18 -20.95
C THR A 172 -19.41 19.74 -20.80
N TYR A 173 -18.52 18.78 -20.65
CA TYR A 173 -18.88 17.40 -20.43
C TYR A 173 -18.67 16.95 -19.00
N GLY A 174 -18.03 17.76 -18.16
CA GLY A 174 -17.70 17.29 -16.83
C GLY A 174 -16.49 16.37 -16.81
N ILE A 175 -15.57 16.56 -17.74
CA ILE A 175 -14.36 15.77 -17.86
C ILE A 175 -13.24 16.52 -17.17
N THR A 176 -12.53 15.84 -16.28
CA THR A 176 -11.29 16.33 -15.71
C THR A 176 -10.12 15.91 -16.60
N VAL A 177 -9.27 16.87 -16.95
CA VAL A 177 -8.02 16.63 -17.63
C VAL A 177 -6.90 17.07 -16.71
N ALA A 178 -5.88 16.24 -16.54
CA ALA A 178 -4.86 16.64 -15.58
C ALA A 178 -3.49 16.08 -15.94
N GLU A 179 -2.49 16.69 -15.35
CA GLU A 179 -1.10 16.26 -15.48
C GLU A 179 -0.77 15.24 -14.40
N LEU A 180 -0.10 14.16 -14.79
CA LEU A 180 0.39 13.17 -13.84
C LEU A 180 1.67 13.68 -13.18
N THR A 181 1.70 13.63 -11.86
CA THR A 181 2.69 14.32 -11.06
C THR A 181 3.57 13.33 -10.31
N GLY A 182 4.55 13.89 -9.59
CA GLY A 182 5.69 13.11 -9.14
C GLY A 182 5.42 12.29 -7.89
N ASP A 183 4.59 12.84 -7.01
CA ASP A 183 4.21 12.15 -5.78
C ASP A 183 3.54 10.82 -6.12
N HIS A 184 3.91 9.78 -5.38
CA HIS A 184 3.56 8.42 -5.79
C HIS A 184 2.32 7.87 -5.09
N GLN A 185 1.99 8.32 -3.89
CA GLN A 185 0.89 7.74 -3.13
C GLN A 185 -0.36 8.62 -3.09
N LEU A 186 -0.20 9.90 -2.74
CA LEU A 186 -1.37 10.77 -2.58
C LEU A 186 -1.93 11.27 -3.92
N CYS A 187 -1.16 11.17 -5.01
CA CYS A 187 -1.64 11.68 -6.29
C CYS A 187 -2.62 10.71 -6.97
N LYS A 188 -2.44 9.40 -6.80
CA LYS A 188 -3.40 8.44 -7.33
C LYS A 188 -4.82 8.72 -6.85
N GLU A 189 -4.96 9.39 -5.70
CA GLU A 189 -6.27 9.91 -5.29
C GLU A 189 -6.89 10.75 -6.39
N GLU A 190 -6.17 11.77 -6.85
CA GLU A 190 -6.69 12.61 -7.94
C GLU A 190 -6.79 11.82 -9.24
N ILE A 191 -5.83 10.93 -9.50
CA ILE A 191 -5.83 10.13 -10.72
C ILE A 191 -7.11 9.31 -10.82
N SER A 192 -7.74 8.99 -9.69
CA SER A 192 -9.05 8.35 -9.76
C SER A 192 -10.12 9.30 -10.32
N ALA A 193 -9.96 10.61 -10.15
CA ALA A 193 -10.95 11.59 -10.61
C ALA A 193 -10.60 12.23 -11.94
N THR A 194 -9.49 11.81 -12.55
CA THR A 194 -9.03 12.31 -13.83
C THR A 194 -9.45 11.35 -14.94
N GLN A 195 -10.20 11.84 -15.91
CA GLN A 195 -10.55 10.99 -17.03
C GLN A 195 -9.50 11.03 -18.14
N ILE A 196 -8.78 12.14 -18.28
CA ILE A 196 -7.75 12.27 -19.29
C ILE A 196 -6.44 12.62 -18.59
N ILE A 197 -5.49 11.68 -18.62
CA ILE A 197 -4.16 11.91 -18.05
C ILE A 197 -3.24 12.39 -19.17
N VAL A 198 -2.58 13.52 -18.97
CA VAL A 198 -1.60 14.01 -19.94
C VAL A 198 -0.22 13.83 -19.33
N CYS A 199 0.63 13.07 -20.01
CA CYS A 199 1.94 12.82 -19.44
C CYS A 199 2.93 12.52 -20.55
N THR A 200 4.20 12.45 -20.16
CA THR A 200 5.28 12.17 -21.08
C THR A 200 5.37 10.66 -21.25
N PRO A 201 6.11 10.19 -22.27
CA PRO A 201 6.29 8.73 -22.41
C PRO A 201 6.88 8.08 -21.18
N GLU A 202 7.91 8.70 -20.62
CA GLU A 202 8.63 8.09 -19.51
C GLU A 202 7.75 7.95 -18.28
N LYS A 203 6.82 8.89 -18.05
CA LYS A 203 5.97 8.77 -16.87
C LYS A 203 4.94 7.65 -17.05
N TRP A 204 4.34 7.52 -18.24
CA TRP A 204 3.44 6.40 -18.42
C TRP A 204 4.20 5.08 -18.31
N ASP A 205 5.46 5.05 -18.75
CA ASP A 205 6.28 3.84 -18.63
C ASP A 205 6.54 3.47 -17.17
N ILE A 206 6.97 4.45 -16.35
CA ILE A 206 7.18 4.20 -14.92
C ILE A 206 5.88 3.72 -14.25
N ILE A 207 4.73 4.35 -14.60
CA ILE A 207 3.44 3.97 -13.99
C ILE A 207 3.06 2.54 -14.37
N THR A 208 3.09 2.23 -15.66
CA THR A 208 2.71 0.87 -16.01
C THR A 208 3.81 -0.14 -15.72
N ARG A 209 4.97 0.29 -15.20
CA ARG A 209 5.99 -0.65 -14.76
C ARG A 209 5.69 -1.15 -13.37
N LYS A 210 5.36 -0.24 -12.46
CA LYS A 210 5.01 -0.67 -11.11
C LYS A 210 3.82 -1.62 -11.14
N GLY A 211 2.86 -1.38 -12.02
CA GLY A 211 1.68 -2.25 -12.04
C GLY A 211 1.00 -2.22 -10.69
N GLY A 212 0.74 -3.41 -10.14
CA GLY A 212 0.31 -3.56 -8.76
C GLY A 212 -1.19 -3.60 -8.48
N GLU A 213 -1.56 -3.17 -7.28
CA GLU A 213 -2.93 -3.21 -6.79
C GLU A 213 -3.53 -1.81 -6.84
N ARG A 214 -4.86 -1.76 -7.06
CA ARG A 214 -5.59 -0.50 -7.12
C ARG A 214 -5.12 0.35 -8.30
N THR A 215 -4.88 -0.31 -9.43
CA THR A 215 -4.46 0.39 -10.64
C THR A 215 -5.69 0.80 -11.46
N TYR A 216 -5.64 2.03 -11.93
CA TYR A 216 -6.61 2.57 -12.85
C TYR A 216 -6.21 2.33 -14.30
N THR A 217 -5.08 1.67 -14.52
CA THR A 217 -4.64 1.33 -15.87
C THR A 217 -5.65 0.43 -16.58
N GLN A 218 -6.45 -0.33 -15.83
CA GLN A 218 -7.43 -1.19 -16.47
C GLN A 218 -8.53 -0.39 -17.15
N LEU A 219 -8.78 0.84 -16.69
CA LEU A 219 -9.80 1.71 -17.27
C LEU A 219 -9.38 2.32 -18.61
N VAL A 220 -8.07 2.36 -18.92
CA VAL A 220 -7.56 3.07 -20.08
C VAL A 220 -8.13 2.44 -21.35
N ARG A 221 -8.90 3.23 -22.12
CA ARG A 221 -9.49 2.75 -23.37
C ARG A 221 -8.89 3.39 -24.62
N LEU A 222 -8.16 4.50 -24.48
CA LEU A 222 -7.62 5.21 -25.63
C LEU A 222 -6.27 5.81 -25.20
N ILE A 223 -5.23 5.51 -25.99
CA ILE A 223 -3.93 6.12 -25.82
C ILE A 223 -3.62 6.89 -27.10
N ILE A 224 -3.35 8.18 -26.94
CA ILE A 224 -2.89 9.04 -28.01
C ILE A 224 -1.39 9.23 -27.83
N LEU A 225 -0.65 9.08 -28.92
CA LEU A 225 0.80 9.17 -28.95
C LEU A 225 1.13 10.33 -29.88
N ASP A 226 1.35 11.50 -29.29
CA ASP A 226 1.64 12.71 -30.04
C ASP A 226 3.12 12.80 -30.40
N GLU A 227 3.40 13.32 -31.58
CA GLU A 227 4.78 13.44 -32.03
C GLU A 227 5.45 12.06 -32.02
N ILE A 228 4.75 11.07 -32.59
CA ILE A 228 5.26 9.72 -32.53
C ILE A 228 6.58 9.56 -33.29
N HIS A 229 6.93 10.52 -34.16
CA HIS A 229 8.27 10.50 -34.76
C HIS A 229 9.39 10.59 -33.73
N LEU A 230 9.08 10.81 -32.45
CA LEU A 230 10.09 10.67 -31.42
C LEU A 230 10.72 9.28 -31.43
N LEU A 231 10.07 8.30 -32.07
CA LEU A 231 10.62 6.97 -32.25
C LEU A 231 12.07 7.02 -32.68
N HIS A 232 12.43 8.04 -33.47
CA HIS A 232 13.75 8.24 -34.04
C HIS A 232 14.74 8.86 -33.05
N ASP A 233 14.25 9.39 -31.92
CA ASP A 233 15.06 10.01 -30.88
C ASP A 233 15.65 8.93 -29.96
N ASP A 234 16.62 9.29 -29.13
CA ASP A 234 17.10 8.32 -28.14
C ASP A 234 16.04 7.97 -27.11
N ARG A 235 15.00 8.81 -26.98
CA ARG A 235 13.84 8.54 -26.14
C ARG A 235 12.84 7.58 -26.79
N GLY A 236 13.00 7.26 -28.09
CA GLY A 236 12.05 6.47 -28.84
C GLY A 236 11.73 5.08 -28.32
N PRO A 237 12.70 4.44 -27.70
CA PRO A 237 12.43 3.10 -27.18
C PRO A 237 11.41 3.10 -26.06
N VAL A 238 11.16 4.23 -25.38
CA VAL A 238 10.04 4.30 -24.44
C VAL A 238 8.71 4.08 -25.16
N LEU A 239 8.53 4.71 -26.32
CA LEU A 239 7.29 4.55 -27.08
C LEU A 239 7.13 3.13 -27.56
N GLU A 240 8.24 2.51 -28.01
CA GLU A 240 8.19 1.09 -28.35
C GLU A 240 7.77 0.24 -27.15
N ALA A 241 8.35 0.51 -25.98
CA ALA A 241 8.00 -0.26 -24.80
C ALA A 241 6.52 -0.11 -24.46
N LEU A 242 6.02 1.12 -24.48
CA LEU A 242 4.62 1.40 -24.21
C LEU A 242 3.69 0.68 -25.18
N VAL A 243 3.97 0.77 -26.47
CA VAL A 243 3.04 0.21 -27.45
C VAL A 243 3.07 -1.31 -27.40
N ALA A 244 4.27 -1.89 -27.32
CA ALA A 244 4.38 -3.35 -27.22
C ALA A 244 3.66 -3.88 -25.97
N ARG A 245 3.92 -3.28 -24.81
CA ARG A 245 3.20 -3.64 -23.59
C ARG A 245 1.69 -3.47 -23.72
N ALA A 246 1.23 -2.41 -24.39
CA ALA A 246 -0.20 -2.15 -24.53
C ALA A 246 -0.88 -3.19 -25.44
N ILE A 247 -0.25 -3.55 -26.56
CA ILE A 247 -0.86 -4.49 -27.50
C ILE A 247 -0.82 -5.93 -26.95
N ARG A 248 0.33 -6.34 -26.39
CA ARG A 248 0.35 -7.63 -25.70
C ARG A 248 -0.68 -7.66 -24.57
N ASN A 249 -0.90 -6.55 -23.87
CA ASN A 249 -1.84 -6.61 -22.77
C ASN A 249 -3.28 -6.63 -23.23
N ILE A 250 -3.59 -5.95 -24.35
CA ILE A 250 -4.88 -6.13 -25.03
C ILE A 250 -5.12 -7.61 -25.28
N GLU A 251 -4.10 -8.33 -25.75
CA GLU A 251 -4.30 -9.77 -25.97
C GLU A 251 -4.50 -10.53 -24.67
N MET A 252 -3.71 -10.23 -23.63
CA MET A 252 -3.88 -10.91 -22.34
C MET A 252 -5.20 -10.56 -21.66
N THR A 253 -5.88 -9.50 -22.09
CA THR A 253 -7.15 -9.08 -21.47
C THR A 253 -8.37 -9.33 -22.34
N GLN A 254 -8.22 -9.36 -23.65
CA GLN A 254 -9.30 -9.27 -24.63
C GLN A 254 -10.13 -7.99 -24.50
N GLU A 255 -9.73 -7.07 -23.61
CA GLU A 255 -10.25 -5.70 -23.58
C GLU A 255 -9.47 -4.82 -24.55
N ASP A 256 -10.18 -4.18 -25.47
CA ASP A 256 -9.50 -3.39 -26.50
C ASP A 256 -8.96 -2.08 -25.95
N VAL A 257 -7.95 -1.56 -26.64
CA VAL A 257 -7.45 -0.20 -26.42
C VAL A 257 -7.21 0.42 -27.79
N ARG A 258 -7.88 1.55 -28.06
CA ARG A 258 -7.61 2.28 -29.28
C ARG A 258 -6.26 3.00 -29.19
N LEU A 259 -5.46 2.88 -30.26
CA LEU A 259 -4.17 3.56 -30.40
C LEU A 259 -4.26 4.62 -31.49
N ILE A 260 -3.94 5.88 -31.14
CA ILE A 260 -3.88 6.98 -32.12
C ILE A 260 -2.44 7.53 -32.13
N GLY A 261 -1.77 7.51 -33.28
CA GLY A 261 -0.44 8.11 -33.42
C GLY A 261 -0.51 9.39 -34.25
N LEU A 262 0.16 10.44 -33.77
CA LEU A 262 0.22 11.73 -34.47
C LEU A 262 1.67 12.01 -34.80
N SER A 263 1.97 12.14 -36.10
CA SER A 263 3.34 12.16 -36.56
C SER A 263 3.55 13.30 -37.54
N ALA A 264 4.79 13.79 -37.59
CA ALA A 264 5.19 14.66 -38.67
C ALA A 264 5.22 13.87 -39.98
N THR A 265 5.43 14.55 -41.08
CA THR A 265 5.50 13.86 -42.35
C THR A 265 6.94 13.46 -42.65
N LEU A 266 7.27 12.21 -42.38
CA LEU A 266 8.61 11.68 -42.56
C LEU A 266 8.51 10.25 -43.08
N PRO A 267 9.54 9.75 -43.78
CA PRO A 267 9.48 8.40 -44.34
C PRO A 267 9.46 7.30 -43.28
N ASN A 268 8.93 6.14 -43.67
CA ASN A 268 8.67 4.95 -42.85
C ASN A 268 7.37 5.03 -42.07
N TYR A 269 6.47 6.01 -42.36
CA TYR A 269 5.17 6.05 -41.70
C TYR A 269 4.34 4.81 -41.98
N GLU A 270 4.63 4.09 -43.06
CA GLU A 270 3.92 2.84 -43.30
C GLU A 270 4.33 1.79 -42.27
N ASP A 271 5.64 1.78 -41.92
CA ASP A 271 6.14 0.94 -40.84
C ASP A 271 5.64 1.40 -39.46
N VAL A 272 5.64 2.72 -39.19
CA VAL A 272 5.05 3.16 -37.92
C VAL A 272 3.62 2.63 -37.81
N ALA A 273 2.84 2.73 -38.90
CA ALA A 273 1.46 2.24 -38.88
C ALA A 273 1.38 0.74 -38.64
N THR A 274 2.23 -0.06 -39.30
CA THR A 274 2.33 -1.49 -38.95
C THR A 274 2.50 -1.69 -37.43
N PHE A 275 3.40 -0.90 -36.84
CA PHE A 275 3.75 -1.02 -35.42
C PHE A 275 2.59 -0.65 -34.49
N LEU A 276 1.72 0.30 -34.90
CA LEU A 276 0.51 0.67 -34.16
C LEU A 276 -0.68 -0.24 -34.47
N ARG A 277 -0.55 -1.23 -35.37
CA ARG A 277 -1.68 -2.07 -35.76
C ARG A 277 -2.73 -1.23 -36.47
N VAL A 278 -2.27 -0.34 -37.35
CA VAL A 278 -3.14 0.50 -38.14
C VAL A 278 -3.33 -0.20 -39.47
N ASP A 279 -4.59 -0.42 -39.85
CA ASP A 279 -4.92 -0.83 -41.20
C ASP A 279 -4.65 0.32 -42.18
N PRO A 280 -3.72 0.17 -43.13
CA PRO A 280 -3.45 1.27 -44.08
C PRO A 280 -4.67 1.67 -44.87
N ALA A 281 -5.47 0.67 -45.25
CA ALA A 281 -6.66 0.93 -46.04
C ALA A 281 -7.68 1.75 -45.26
N LYS A 282 -7.76 1.61 -43.93
CA LYS A 282 -8.78 2.27 -43.12
C LYS A 282 -8.26 3.34 -42.15
N GLY A 283 -7.03 3.24 -41.63
CA GLY A 283 -6.64 4.16 -40.57
C GLY A 283 -5.40 5.02 -40.77
N LEU A 284 -4.85 5.05 -41.97
CA LEU A 284 -3.60 5.75 -42.26
C LEU A 284 -3.91 6.96 -43.13
N PHE A 285 -3.46 8.12 -42.68
CA PHE A 285 -3.65 9.35 -43.45
C PHE A 285 -2.32 10.07 -43.53
N TYR A 286 -1.95 10.48 -44.74
CA TYR A 286 -0.69 11.19 -44.96
C TYR A 286 -0.97 12.50 -45.69
N PHE A 287 -0.75 13.62 -45.02
CA PHE A 287 -0.88 14.93 -45.61
C PHE A 287 0.51 15.50 -45.80
N ASP A 288 0.87 15.86 -47.04
CA ASP A 288 2.24 16.35 -47.26
C ASP A 288 2.39 17.79 -46.72
N ASN A 289 3.59 18.36 -46.88
CA ASN A 289 3.92 19.67 -46.28
C ASN A 289 3.18 20.85 -46.92
N SER A 290 2.41 20.63 -47.99
CA SER A 290 1.57 21.67 -48.56
C SER A 290 0.31 21.93 -47.73
N PHE A 291 0.03 21.11 -46.73
CA PHE A 291 -1.08 21.33 -45.82
C PHE A 291 -0.67 22.11 -44.59
N ARG A 292 0.49 22.73 -44.61
CA ARG A 292 0.87 23.63 -43.53
C ARG A 292 -0.10 24.81 -43.50
N PRO A 293 -0.68 25.15 -42.35
CA PRO A 293 -1.57 26.33 -42.30
C PRO A 293 -1.04 27.56 -43.02
N VAL A 294 0.16 28.02 -42.68
CA VAL A 294 0.82 29.13 -43.38
C VAL A 294 1.96 28.54 -44.21
N PRO A 295 1.99 28.77 -45.52
CA PRO A 295 3.12 28.29 -46.34
C PRO A 295 4.47 28.76 -45.80
N LEU A 296 5.49 27.91 -45.92
CA LEU A 296 6.77 28.20 -45.32
C LEU A 296 7.84 28.38 -46.39
N GLU A 297 8.41 29.58 -46.45
CA GLU A 297 9.57 29.87 -47.28
C GLU A 297 10.79 29.67 -46.41
N GLN A 298 11.59 28.66 -46.71
CA GLN A 298 12.67 28.25 -45.84
C GLN A 298 13.99 28.77 -46.37
N THR A 299 14.87 29.13 -45.45
CA THR A 299 16.24 29.51 -45.74
C THR A 299 17.15 28.69 -44.84
N TYR A 300 18.13 28.03 -45.44
CA TYR A 300 19.10 27.23 -44.70
C TYR A 300 20.46 27.86 -44.92
N VAL A 301 21.13 28.23 -43.85
CA VAL A 301 22.44 28.84 -43.92
C VAL A 301 23.41 27.85 -43.29
N GLY A 302 24.34 27.32 -44.08
CA GLY A 302 25.35 26.42 -43.57
C GLY A 302 26.72 27.06 -43.60
N ILE A 303 27.31 27.26 -42.43
CA ILE A 303 28.59 27.94 -42.30
C ILE A 303 29.72 26.93 -42.50
N THR A 304 30.70 27.31 -43.33
CA THR A 304 31.83 26.42 -43.55
C THR A 304 33.01 26.70 -42.62
N GLU A 305 33.10 27.89 -42.03
CA GLU A 305 34.26 28.23 -41.23
C GLU A 305 34.40 27.24 -40.08
N LYS A 306 35.58 26.63 -39.97
CA LYS A 306 35.86 25.70 -38.87
C LYS A 306 36.51 26.39 -37.67
N LYS A 307 36.80 27.68 -37.75
CA LYS A 307 37.44 28.41 -36.66
C LYS A 307 36.36 29.00 -35.76
N ALA A 308 36.42 28.70 -34.45
CA ALA A 308 35.32 29.02 -33.55
C ALA A 308 35.06 30.52 -33.47
N ILE A 309 36.12 31.29 -33.25
CA ILE A 309 36.00 32.75 -33.17
C ILE A 309 35.32 33.31 -34.41
N LYS A 310 35.91 33.02 -35.58
CA LYS A 310 35.37 33.52 -36.83
C LYS A 310 33.98 32.97 -37.09
N ARG A 311 33.71 31.74 -36.67
CA ARG A 311 32.40 31.14 -36.92
C ARG A 311 31.31 31.90 -36.16
N PHE A 312 31.56 32.22 -34.88
CA PHE A 312 30.51 32.92 -34.13
C PHE A 312 30.38 34.38 -34.57
N GLN A 313 31.49 35.00 -34.99
CA GLN A 313 31.37 36.28 -35.69
C GLN A 313 30.43 36.16 -36.88
N ILE A 314 30.71 35.20 -37.77
CA ILE A 314 29.91 35.00 -38.99
C ILE A 314 28.45 34.77 -38.63
N MET A 315 28.19 34.05 -37.55
CA MET A 315 26.81 33.75 -37.19
C MET A 315 26.08 35.03 -36.79
N ASN A 316 26.72 35.85 -35.96
CA ASN A 316 26.07 37.11 -35.59
C ASN A 316 25.90 38.01 -36.81
N GLU A 317 26.81 37.91 -37.79
CA GLU A 317 26.67 38.72 -38.98
C GLU A 317 25.49 38.27 -39.85
N ILE A 318 25.31 36.95 -40.02
CA ILE A 318 24.17 36.46 -40.79
C ILE A 318 22.86 36.79 -40.09
N VAL A 319 22.83 36.62 -38.76
CA VAL A 319 21.64 36.97 -37.98
C VAL A 319 21.29 38.43 -38.18
N TYR A 320 22.28 39.33 -38.07
CA TYR A 320 22.01 40.76 -38.22
C TYR A 320 21.47 41.08 -39.60
N GLU A 321 22.13 40.59 -40.66
CA GLU A 321 21.64 40.87 -42.01
C GLU A 321 20.23 40.35 -42.21
N LYS A 322 19.95 39.12 -41.76
CA LYS A 322 18.60 38.58 -41.92
C LYS A 322 17.59 39.42 -41.13
N ILE A 323 17.98 39.88 -39.94
CA ILE A 323 17.08 40.72 -39.16
C ILE A 323 16.78 42.02 -39.90
N MET A 324 17.80 42.63 -40.52
CA MET A 324 17.59 43.89 -41.20
C MET A 324 16.62 43.77 -42.38
N GLU A 325 16.43 42.57 -42.94
CA GLU A 325 15.47 42.39 -44.01
C GLU A 325 14.02 42.37 -43.51
N HIS A 326 13.81 42.38 -42.19
CA HIS A 326 12.48 42.33 -41.60
C HIS A 326 12.22 43.44 -40.58
N ALA A 327 13.21 44.32 -40.33
CA ALA A 327 13.08 45.36 -39.31
C ALA A 327 12.05 46.40 -39.73
N GLY A 328 11.04 46.60 -38.89
CA GLY A 328 9.92 47.43 -39.25
C GLY A 328 8.84 46.75 -40.04
N LYS A 329 9.13 45.62 -40.69
CA LYS A 329 8.19 44.91 -41.54
C LYS A 329 7.61 43.65 -40.91
N ASN A 330 8.38 42.89 -40.12
CA ASN A 330 7.91 41.64 -39.54
C ASN A 330 8.61 41.38 -38.22
N GLN A 331 7.87 40.80 -37.27
CA GLN A 331 8.50 40.35 -36.04
C GLN A 331 9.52 39.25 -36.36
N VAL A 332 10.56 39.16 -35.54
CA VAL A 332 11.60 38.16 -35.67
C VAL A 332 11.71 37.41 -34.35
N LEU A 333 11.63 36.09 -34.41
CA LEU A 333 11.76 35.25 -33.24
C LEU A 333 13.02 34.42 -33.42
N VAL A 334 14.01 34.66 -32.59
CA VAL A 334 15.28 33.96 -32.67
C VAL A 334 15.34 32.96 -31.54
N PHE A 335 15.47 31.68 -31.88
CA PHE A 335 15.74 30.64 -30.89
C PHE A 335 17.24 30.48 -30.73
N VAL A 336 17.72 30.67 -29.49
CA VAL A 336 19.05 30.27 -29.07
C VAL A 336 18.87 29.16 -28.05
N HIS A 337 19.97 28.56 -27.62
CA HIS A 337 19.85 27.24 -27.02
C HIS A 337 20.42 27.13 -25.60
N SER A 338 20.68 28.26 -24.95
CA SER A 338 20.87 28.29 -23.52
C SER A 338 20.07 29.46 -22.95
N ARG A 339 20.00 29.52 -21.62
CA ARG A 339 19.31 30.64 -20.99
C ARG A 339 20.12 31.94 -21.13
N LYS A 340 21.43 31.90 -20.81
CA LYS A 340 22.27 33.11 -20.93
C LYS A 340 22.36 33.60 -22.37
N GLU A 341 22.16 32.70 -23.34
CA GLU A 341 22.33 33.08 -24.73
C GLU A 341 21.19 33.95 -25.26
N THR A 342 19.99 33.86 -24.67
CA THR A 342 18.92 34.76 -25.08
C THR A 342 19.35 36.22 -24.91
N GLY A 343 19.81 36.58 -23.71
CA GLY A 343 20.27 37.93 -23.49
C GLY A 343 21.53 38.26 -24.27
N LYS A 344 22.47 37.31 -24.33
CA LYS A 344 23.72 37.60 -25.04
C LYS A 344 23.47 37.95 -26.51
N THR A 345 22.59 37.20 -27.20
CA THR A 345 22.38 37.54 -28.60
C THR A 345 21.45 38.74 -28.76
N ALA A 346 20.43 38.90 -27.89
CA ALA A 346 19.64 40.11 -27.97
C ALA A 346 20.54 41.35 -27.87
N ARG A 347 21.53 41.29 -26.96
CA ARG A 347 22.43 42.42 -26.76
C ARG A 347 23.41 42.56 -27.92
N ALA A 348 23.88 41.44 -28.47
CA ALA A 348 24.69 41.51 -29.68
C ALA A 348 23.97 42.25 -30.79
N ILE A 349 22.75 41.82 -31.11
CA ILE A 349 21.99 42.43 -32.20
C ILE A 349 21.73 43.90 -31.91
N ARG A 350 21.34 44.24 -30.67
CA ARG A 350 21.03 45.64 -30.36
C ARG A 350 22.27 46.53 -30.47
N ASP A 351 23.43 46.04 -30.05
CA ASP A 351 24.67 46.81 -30.16
C ASP A 351 25.04 47.05 -31.61
N MET A 352 24.94 46.00 -32.45
CA MET A 352 25.25 46.19 -33.86
C MET A 352 24.23 47.08 -34.57
N CYS A 353 23.00 47.17 -34.04
CA CYS A 353 22.04 48.11 -34.60
C CYS A 353 22.37 49.55 -34.23
N LEU A 354 22.82 49.79 -32.99
CA LEU A 354 23.15 51.15 -32.62
C LEU A 354 24.45 51.61 -33.29
N GLU A 355 25.43 50.70 -33.43
CA GLU A 355 26.65 51.04 -34.13
C GLU A 355 26.40 51.36 -35.61
N LYS A 356 25.28 50.90 -36.17
CA LYS A 356 24.94 51.17 -37.55
C LYS A 356 23.73 52.07 -37.69
N ASP A 357 23.26 52.67 -36.59
CA ASP A 357 22.19 53.67 -36.62
C ASP A 357 20.92 53.10 -37.26
N THR A 358 20.59 51.87 -36.90
CA THR A 358 19.43 51.21 -37.46
C THR A 358 18.36 50.90 -36.43
N LEU A 359 18.62 51.16 -35.15
CA LEU A 359 17.62 50.85 -34.12
C LEU A 359 16.28 51.53 -34.39
N GLY A 360 16.25 52.59 -35.18
CA GLY A 360 15.01 53.30 -35.46
C GLY A 360 14.06 52.56 -36.38
N LEU A 361 14.51 51.51 -37.06
CA LEU A 361 13.60 50.80 -37.96
C LEU A 361 12.65 49.88 -37.21
N PHE A 362 13.01 49.42 -36.00
CA PHE A 362 12.14 48.51 -35.28
C PHE A 362 10.96 49.25 -34.65
N LEU A 363 11.23 50.41 -34.05
CA LEU A 363 10.21 51.24 -33.45
C LEU A 363 10.15 52.54 -34.23
N ARG A 364 8.98 52.88 -34.74
CA ARG A 364 8.81 54.19 -35.37
C ARG A 364 8.70 55.27 -34.29
N GLU A 365 9.19 56.46 -34.64
CA GLU A 365 9.29 57.54 -33.67
C GLU A 365 7.91 58.01 -33.25
N GLY A 366 7.68 58.06 -31.93
CA GLY A 366 6.40 58.48 -31.39
C GLY A 366 5.35 57.40 -31.34
N SER A 367 5.73 56.13 -31.47
CA SER A 367 4.77 55.04 -31.44
C SER A 367 4.29 54.80 -30.01
N ALA A 368 2.98 54.56 -29.88
CA ALA A 368 2.45 54.20 -28.57
C ALA A 368 3.09 52.92 -28.05
N SER A 369 3.53 52.04 -28.97
CA SER A 369 4.25 50.84 -28.55
C SER A 369 5.59 51.19 -27.91
N THR A 370 6.24 52.27 -28.37
CA THR A 370 7.50 52.69 -27.76
C THR A 370 7.29 53.08 -26.31
N GLU A 371 6.15 53.70 -26.00
CA GLU A 371 5.85 54.10 -24.64
C GLU A 371 5.40 52.91 -23.79
N VAL A 372 4.55 52.04 -24.33
CA VAL A 372 4.20 50.83 -23.61
C VAL A 372 5.46 50.05 -23.24
N LEU A 373 6.45 50.07 -24.15
CA LEU A 373 7.72 49.39 -23.88
C LEU A 373 8.51 50.09 -22.78
N ARG A 374 8.68 51.42 -22.87
CA ARG A 374 9.38 52.13 -21.80
C ARG A 374 8.73 51.87 -20.45
N THR A 375 7.40 51.93 -20.39
CA THR A 375 6.66 51.74 -19.14
C THR A 375 6.91 50.34 -18.58
N GLU A 376 6.59 49.30 -19.37
CA GLU A 376 6.72 47.94 -18.85
C GLU A 376 8.17 47.58 -18.54
N ALA A 377 9.13 48.18 -19.25
CA ALA A 377 10.54 48.01 -18.91
C ALA A 377 10.84 48.59 -17.54
N GLU A 378 10.37 49.83 -17.27
CA GLU A 378 10.62 50.45 -15.97
C GLU A 378 9.93 49.69 -14.84
N GLN A 379 8.73 49.14 -15.09
CA GLN A 379 8.04 48.35 -14.09
C GLN A 379 8.65 46.95 -13.93
N CYS A 380 9.36 46.46 -14.94
CA CYS A 380 9.91 45.11 -14.88
C CYS A 380 11.20 45.07 -14.07
N LYS A 381 11.38 43.97 -13.32
CA LYS A 381 12.54 43.76 -12.46
C LYS A 381 13.60 42.85 -13.07
N ASN A 382 13.36 42.28 -14.25
CA ASN A 382 14.41 41.57 -14.96
C ASN A 382 15.36 42.59 -15.59
N LEU A 383 16.62 42.57 -15.15
CA LEU A 383 17.59 43.58 -15.60
C LEU A 383 17.88 43.46 -17.09
N GLU A 384 17.95 42.23 -17.60
CA GLU A 384 18.11 42.05 -19.04
C GLU A 384 16.88 42.58 -19.78
N LEU A 385 15.69 42.22 -19.28
CA LEU A 385 14.46 42.71 -19.88
C LEU A 385 14.36 44.23 -19.78
N LYS A 386 14.88 44.81 -18.69
CA LYS A 386 14.94 46.26 -18.56
C LYS A 386 15.85 46.88 -19.60
N ASP A 387 17.08 46.38 -19.72
CA ASP A 387 18.02 46.90 -20.68
C ASP A 387 17.51 46.78 -22.12
N LEU A 388 16.71 45.75 -22.42
CA LEU A 388 16.37 45.47 -23.82
C LEU A 388 14.96 45.91 -24.24
N LEU A 389 13.96 45.85 -23.37
CA LEU A 389 12.59 46.16 -23.77
C LEU A 389 12.38 47.55 -24.38
N PRO A 390 13.12 48.60 -24.00
CA PRO A 390 12.89 49.89 -24.67
C PRO A 390 13.21 49.87 -26.16
N TYR A 391 14.12 49.02 -26.61
CA TYR A 391 14.47 48.98 -28.03
C TYR A 391 13.56 48.10 -28.88
N GLY A 392 12.65 47.36 -28.27
CA GLY A 392 11.84 46.41 -28.99
C GLY A 392 12.40 45.02 -29.02
N PHE A 393 13.49 44.78 -28.31
CA PHE A 393 14.11 43.47 -28.15
C PHE A 393 13.63 42.86 -26.83
N ALA A 394 13.44 41.54 -26.80
CA ALA A 394 13.08 40.87 -25.56
C ALA A 394 13.76 39.52 -25.45
N ILE A 395 13.74 38.96 -24.24
CA ILE A 395 14.23 37.61 -23.98
C ILE A 395 13.11 36.80 -23.34
N HIS A 396 13.21 35.47 -23.46
CA HIS A 396 12.20 34.60 -22.88
C HIS A 396 12.80 33.23 -22.63
N HIS A 397 12.91 32.84 -21.36
CA HIS A 397 13.47 31.54 -21.01
C HIS A 397 12.94 31.13 -19.65
N ALA A 398 13.15 29.84 -19.33
CA ALA A 398 12.58 29.24 -18.14
C ALA A 398 12.99 29.92 -16.84
N GLY A 399 14.17 30.57 -16.80
CA GLY A 399 14.72 31.16 -15.61
C GLY A 399 14.11 32.48 -15.21
N MET A 400 13.03 32.88 -15.88
CA MET A 400 12.32 34.12 -15.67
C MET A 400 11.04 33.88 -14.88
N THR A 401 10.55 34.95 -14.26
CA THR A 401 9.29 34.92 -13.52
C THR A 401 8.15 34.51 -14.45
N ARG A 402 7.08 33.98 -13.85
CA ARG A 402 5.86 33.76 -14.61
C ARG A 402 5.23 35.08 -15.06
N VAL A 403 5.31 36.12 -14.22
CA VAL A 403 4.76 37.41 -14.60
C VAL A 403 5.61 38.05 -15.69
N ASP A 404 6.93 37.91 -15.57
CA ASP A 404 7.84 38.40 -16.61
C ASP A 404 7.57 37.73 -17.95
N ARG A 405 7.45 36.38 -17.95
CA ARG A 405 7.20 35.64 -19.17
C ARG A 405 5.83 35.98 -19.75
N THR A 406 4.82 36.16 -18.89
CA THR A 406 3.50 36.57 -19.36
C THR A 406 3.55 37.97 -19.97
N LEU A 407 4.35 38.86 -19.38
CA LEU A 407 4.58 40.17 -19.97
C LEU A 407 5.17 40.04 -21.36
N VAL A 408 6.22 39.23 -21.50
CA VAL A 408 6.87 39.10 -22.80
C VAL A 408 5.90 38.52 -23.82
N GLU A 409 5.12 37.50 -23.43
CA GLU A 409 4.18 36.88 -24.35
C GLU A 409 3.09 37.85 -24.80
N ASP A 410 2.48 38.56 -23.84
CA ASP A 410 1.43 39.51 -24.19
C ASP A 410 1.98 40.65 -25.04
N LEU A 411 3.17 41.17 -24.69
CA LEU A 411 3.75 42.27 -25.46
C LEU A 411 4.26 41.85 -26.83
N PHE A 412 4.53 40.54 -27.04
CA PHE A 412 4.88 40.07 -28.37
C PHE A 412 3.65 39.81 -29.22
N ALA A 413 2.59 39.23 -28.62
CA ALA A 413 1.34 39.07 -29.36
C ALA A 413 0.75 40.41 -29.78
N ASP A 414 1.02 41.46 -28.98
CA ASP A 414 0.52 42.82 -29.21
C ASP A 414 1.36 43.60 -30.21
N LYS A 415 2.26 42.93 -30.95
CA LYS A 415 3.07 43.56 -32.01
C LYS A 415 3.96 44.69 -31.49
N HIS A 416 4.31 44.64 -30.20
CA HIS A 416 5.18 45.64 -29.59
C HIS A 416 6.65 45.23 -29.67
N ILE A 417 6.97 44.03 -29.17
CA ILE A 417 8.31 43.47 -29.32
C ILE A 417 8.50 43.05 -30.77
N GLN A 418 9.50 43.62 -31.43
CA GLN A 418 9.76 43.31 -32.83
C GLN A 418 10.88 42.30 -33.03
N VAL A 419 11.60 41.95 -31.96
CA VAL A 419 12.66 40.94 -31.99
C VAL A 419 12.65 40.25 -30.64
N LEU A 420 12.34 38.96 -30.64
CA LEU A 420 12.25 38.16 -29.42
C LEU A 420 13.25 37.02 -29.49
N VAL A 421 14.19 36.99 -28.56
CA VAL A 421 15.12 35.88 -28.46
C VAL A 421 14.66 34.95 -27.35
N SER A 422 14.70 33.64 -27.62
CA SER A 422 14.02 32.69 -26.75
C SER A 422 14.69 31.33 -26.85
N THR A 423 14.27 30.44 -25.94
CA THR A 423 14.72 29.06 -25.85
C THR A 423 13.67 28.14 -26.47
N ALA A 424 13.94 26.83 -26.44
CA ALA A 424 12.96 25.88 -26.94
C ALA A 424 11.68 25.88 -26.10
N THR A 425 11.78 26.16 -24.80
CA THR A 425 10.62 26.12 -23.91
C THR A 425 9.44 26.91 -24.48
N LEU A 426 9.70 28.13 -24.96
CA LEU A 426 8.63 28.95 -25.54
C LEU A 426 7.97 28.25 -26.73
N ALA A 427 8.75 27.57 -27.56
CA ALA A 427 8.19 26.88 -28.72
C ALA A 427 7.31 25.71 -28.31
N TRP A 428 7.62 25.04 -27.19
CA TRP A 428 6.81 23.88 -26.81
C TRP A 428 5.62 24.23 -25.92
N GLY A 429 5.80 25.14 -24.96
CA GLY A 429 4.82 25.34 -23.90
C GLY A 429 3.84 26.47 -24.10
N VAL A 430 4.22 27.46 -24.88
CA VAL A 430 3.42 28.63 -25.16
C VAL A 430 2.98 28.60 -26.61
N ASN A 431 1.89 29.28 -26.92
CA ASN A 431 1.42 29.47 -28.29
C ASN A 431 1.69 30.92 -28.66
N LEU A 432 2.58 31.14 -29.61
CA LEU A 432 3.10 32.44 -29.98
C LEU A 432 3.79 32.31 -31.32
N PRO A 433 3.07 32.49 -32.43
CA PRO A 433 3.72 32.53 -33.75
C PRO A 433 4.25 33.90 -34.15
N ALA A 434 5.31 33.86 -34.96
CA ALA A 434 5.96 35.05 -35.50
C ALA A 434 6.07 34.90 -37.00
N HIS A 435 6.01 36.02 -37.72
CA HIS A 435 6.18 35.94 -39.16
C HIS A 435 7.53 35.32 -39.52
N THR A 436 8.56 35.66 -38.77
CA THR A 436 9.92 35.25 -39.09
C THR A 436 10.48 34.50 -37.88
N VAL A 437 11.08 33.34 -38.15
CA VAL A 437 11.77 32.57 -37.13
C VAL A 437 13.19 32.33 -37.62
N ILE A 438 14.15 32.49 -36.71
CA ILE A 438 15.55 32.24 -36.96
C ILE A 438 16.05 31.29 -35.88
N ILE A 439 16.54 30.13 -36.31
CA ILE A 439 17.18 29.15 -35.44
C ILE A 439 18.68 29.42 -35.50
N LYS A 440 19.27 29.93 -34.40
CA LYS A 440 20.62 30.49 -34.42
C LYS A 440 21.60 29.43 -33.93
N GLY A 441 22.14 28.66 -34.87
CA GLY A 441 22.96 27.51 -34.54
C GLY A 441 22.08 26.35 -34.19
N THR A 442 22.53 25.13 -34.49
CA THR A 442 21.82 23.90 -34.11
C THR A 442 22.61 23.08 -33.10
N GLN A 443 23.44 23.74 -32.30
CA GLN A 443 24.29 23.07 -31.35
C GLN A 443 23.76 23.27 -29.94
N VAL A 444 23.76 22.21 -29.15
CA VAL A 444 23.21 22.23 -27.80
C VAL A 444 24.12 21.38 -26.93
N TYR A 445 24.26 21.77 -25.66
CA TYR A 445 25.04 20.99 -24.71
C TYR A 445 24.15 19.94 -24.06
N SER A 446 24.51 18.67 -24.23
CA SER A 446 23.79 17.56 -23.63
C SER A 446 24.63 16.97 -22.49
N PRO A 447 24.25 17.20 -21.23
CA PRO A 447 24.99 16.59 -20.12
C PRO A 447 24.98 15.07 -20.15
N GLU A 448 23.86 14.49 -20.57
CA GLU A 448 23.79 13.03 -20.69
C GLU A 448 24.83 12.51 -21.68
N LYS A 449 25.02 13.22 -22.78
CA LYS A 449 26.07 12.86 -23.71
C LYS A 449 27.41 13.47 -23.31
N GLY A 450 27.40 14.36 -22.33
CA GLY A 450 28.62 14.97 -21.85
C GLY A 450 29.29 15.92 -22.80
N ARG A 451 28.59 16.36 -23.84
CA ARG A 451 29.24 17.11 -24.91
C ARG A 451 28.21 17.88 -25.71
N TRP A 452 28.70 18.66 -26.67
CA TRP A 452 27.85 19.39 -27.58
C TRP A 452 27.38 18.45 -28.68
N THR A 453 26.17 18.71 -29.15
CA THR A 453 25.50 17.78 -30.04
C THR A 453 24.46 18.59 -30.81
N GLU A 454 23.93 17.98 -31.86
CA GLU A 454 22.91 18.67 -32.66
C GLU A 454 21.57 18.70 -31.93
N LEU A 455 20.79 19.75 -32.20
CA LEU A 455 19.45 19.80 -31.61
C LEU A 455 18.65 18.57 -32.03
N GLY A 456 17.70 18.19 -31.18
CA GLY A 456 16.79 17.12 -31.53
C GLY A 456 15.87 17.52 -32.67
N ALA A 457 15.51 16.52 -33.48
CA ALA A 457 14.58 16.78 -34.58
C ALA A 457 13.27 17.38 -34.09
N LEU A 458 12.72 16.86 -32.99
CA LEU A 458 11.46 17.39 -32.47
C LEU A 458 11.57 18.89 -32.17
N ASP A 459 12.64 19.31 -31.49
CA ASP A 459 12.85 20.71 -31.18
C ASP A 459 12.88 21.58 -32.45
N ILE A 460 13.57 21.11 -33.48
CA ILE A 460 13.66 21.85 -34.74
C ILE A 460 12.29 21.96 -35.38
N LEU A 461 11.59 20.83 -35.51
CA LEU A 461 10.28 20.86 -36.15
C LEU A 461 9.39 21.85 -35.43
N GLN A 462 9.36 21.77 -34.11
CA GLN A 462 8.46 22.62 -33.37
C GLN A 462 8.82 24.09 -33.58
N MET A 463 10.12 24.40 -33.43
CA MET A 463 10.56 25.79 -33.53
C MET A 463 10.25 26.38 -34.89
N LEU A 464 10.63 25.70 -35.96
CA LEU A 464 10.28 26.22 -37.29
C LEU A 464 8.77 26.20 -37.52
N GLY A 465 8.05 25.32 -36.82
CA GLY A 465 6.60 25.34 -36.91
C GLY A 465 6.05 26.66 -36.44
N ARG A 466 6.77 27.33 -35.53
CA ARG A 466 6.28 28.64 -35.10
C ARG A 466 6.44 29.76 -36.13
N ALA A 467 6.76 29.59 -37.41
CA ALA A 467 6.88 30.70 -38.34
C ALA A 467 5.61 30.81 -39.19
N GLY A 468 5.15 32.03 -39.39
CA GLY A 468 3.86 32.29 -39.99
C GLY A 468 2.75 32.30 -38.95
N ARG A 469 2.20 33.49 -38.64
CA ARG A 469 1.02 33.59 -37.77
C ARG A 469 -0.20 33.16 -38.57
N PRO A 470 -1.12 32.36 -38.00
CA PRO A 470 -2.09 31.67 -38.85
C PRO A 470 -3.06 32.60 -39.57
N GLN A 471 -3.68 33.55 -38.88
CA GLN A 471 -4.67 34.40 -39.50
C GLN A 471 -4.17 35.82 -39.78
N TYR A 472 -2.88 36.07 -39.58
CA TYR A 472 -2.34 37.40 -39.80
C TYR A 472 -1.30 37.47 -40.90
N ASP A 473 -0.60 36.38 -41.20
CA ASP A 473 0.39 36.33 -42.27
C ASP A 473 -0.11 35.47 -43.41
N THR A 474 0.46 35.71 -44.60
CA THR A 474 0.20 34.87 -45.75
C THR A 474 1.39 33.97 -46.10
N LYS A 475 2.49 34.07 -45.36
CA LYS A 475 3.65 33.21 -45.52
C LYS A 475 4.55 33.41 -44.32
N GLY A 476 5.07 32.31 -43.80
CA GLY A 476 6.10 32.41 -42.79
C GLY A 476 7.47 32.35 -43.42
N GLU A 477 8.48 32.68 -42.61
CA GLU A 477 9.87 32.69 -43.07
C GLU A 477 10.73 32.04 -42.00
N GLY A 478 11.14 30.80 -42.25
CA GLY A 478 12.03 30.09 -41.34
C GLY A 478 13.45 30.14 -41.87
N ILE A 479 14.36 30.56 -41.02
CA ILE A 479 15.77 30.66 -41.33
C ILE A 479 16.53 29.78 -40.34
N LEU A 480 17.09 28.67 -40.82
CA LEU A 480 17.88 27.78 -40.00
C LEU A 480 19.36 28.05 -40.26
N ILE A 481 20.16 28.21 -39.19
CA ILE A 481 21.59 28.50 -39.33
C ILE A 481 22.38 27.38 -38.66
N THR A 482 23.24 26.70 -39.41
CA THR A 482 23.91 25.49 -38.95
C THR A 482 25.27 25.34 -39.60
N SER A 483 26.01 24.32 -39.16
CA SER A 483 27.26 23.93 -39.83
C SER A 483 26.98 23.45 -41.25
N HIS A 484 27.84 23.86 -42.20
CA HIS A 484 27.63 23.46 -43.60
C HIS A 484 27.38 21.98 -43.73
N GLY A 485 28.18 21.16 -43.07
CA GLY A 485 28.04 19.72 -43.22
C GLY A 485 26.80 19.12 -42.57
N GLU A 486 25.91 19.95 -42.04
CA GLU A 486 24.63 19.46 -41.55
C GLU A 486 23.48 19.85 -42.46
N LEU A 487 23.73 20.62 -43.51
CA LEU A 487 22.65 21.09 -44.37
C LEU A 487 21.75 19.93 -44.85
N GLN A 488 22.36 18.88 -45.40
CA GLN A 488 21.55 17.77 -45.90
C GLN A 488 20.64 17.24 -44.81
N TYR A 489 21.17 17.07 -43.60
CA TYR A 489 20.32 16.58 -42.53
C TYR A 489 19.10 17.49 -42.34
N TYR A 490 19.32 18.81 -42.23
CA TYR A 490 18.16 19.62 -41.89
C TYR A 490 17.26 19.72 -43.09
N LEU A 491 17.84 19.65 -44.29
CA LEU A 491 17.03 19.72 -45.50
C LEU A 491 16.14 18.49 -45.59
N SER A 492 16.65 17.35 -45.14
CA SER A 492 15.82 16.15 -45.13
C SER A 492 14.68 16.30 -44.13
N LEU A 493 15.01 16.78 -42.94
CA LEU A 493 14.02 16.75 -41.87
C LEU A 493 12.84 17.65 -42.19
N LEU A 494 13.10 18.85 -42.69
CA LEU A 494 12.01 19.78 -42.96
C LEU A 494 11.40 19.60 -44.35
N ASN A 495 11.80 18.57 -45.09
CA ASN A 495 11.19 18.37 -46.41
C ASN A 495 10.80 16.92 -46.62
N GLN A 496 10.23 16.29 -45.59
CA GLN A 496 9.55 14.99 -45.67
C GLN A 496 10.50 13.83 -46.01
N GLN A 497 11.79 13.91 -45.69
CA GLN A 497 12.67 12.87 -46.20
C GLN A 497 13.63 12.29 -45.18
N LEU A 498 13.50 12.62 -43.90
CA LEU A 498 14.39 11.99 -42.93
C LEU A 498 13.72 10.76 -42.31
N PRO A 499 14.12 9.54 -42.70
CA PRO A 499 13.34 8.35 -42.31
C PRO A 499 13.32 8.16 -40.82
N ILE A 500 12.21 7.64 -40.31
CA ILE A 500 12.10 7.38 -38.88
C ILE A 500 12.69 6.00 -38.60
N GLU A 501 13.74 5.94 -37.79
CA GLU A 501 14.34 4.66 -37.45
C GLU A 501 14.05 4.31 -36.00
N SER A 502 14.40 3.07 -35.64
CA SER A 502 14.30 2.56 -34.28
C SER A 502 15.65 2.64 -33.56
N GLN A 503 15.64 3.21 -32.35
CA GLN A 503 16.81 3.25 -31.48
C GLN A 503 16.74 2.20 -30.37
N MET A 504 15.92 1.17 -30.56
CA MET A 504 15.61 0.21 -29.50
C MET A 504 16.85 -0.55 -29.00
N VAL A 505 17.82 -0.85 -29.88
CA VAL A 505 18.93 -1.72 -29.49
C VAL A 505 19.68 -1.14 -28.30
N SER A 506 19.90 0.18 -28.31
CA SER A 506 20.62 0.83 -27.20
C SER A 506 19.94 0.62 -25.84
N LYS A 507 18.62 0.40 -25.81
CA LYS A 507 17.91 0.24 -24.56
C LYS A 507 17.43 -1.19 -24.33
N LEU A 508 17.87 -2.15 -25.15
CA LEU A 508 17.27 -3.48 -25.08
C LEU A 508 17.38 -4.15 -23.70
N PRO A 509 18.54 -4.18 -23.02
CA PRO A 509 18.55 -4.82 -21.69
C PRO A 509 17.54 -4.20 -20.72
N ASP A 510 17.56 -2.86 -20.57
CA ASP A 510 16.65 -2.20 -19.63
C ASP A 510 15.20 -2.49 -19.99
N MET A 511 14.84 -2.24 -21.25
CA MET A 511 13.46 -2.46 -21.68
C MET A 511 13.04 -3.89 -21.39
N LEU A 512 13.96 -4.85 -21.57
CA LEU A 512 13.57 -6.26 -21.43
C LEU A 512 13.34 -6.60 -19.99
N ASN A 513 14.18 -5.99 -19.13
CA ASN A 513 14.08 -6.24 -17.72
C ASN A 513 12.72 -5.81 -17.21
N ALA A 514 12.21 -4.70 -17.77
CA ALA A 514 10.89 -4.24 -17.35
C ALA A 514 9.83 -5.31 -17.65
N GLU A 515 9.90 -5.95 -18.82
CA GLU A 515 8.90 -6.95 -19.13
C GLU A 515 9.11 -8.22 -18.31
N ILE A 516 10.34 -8.47 -17.84
CA ILE A 516 10.56 -9.61 -16.97
C ILE A 516 10.01 -9.29 -15.60
N VAL A 517 10.16 -8.04 -15.17
CA VAL A 517 9.76 -7.75 -13.80
C VAL A 517 8.24 -7.75 -13.71
N LEU A 518 7.56 -7.41 -14.81
CA LEU A 518 6.11 -7.37 -14.92
C LEU A 518 5.48 -8.74 -15.10
N GLY A 519 6.26 -9.80 -15.27
CA GLY A 519 5.67 -11.08 -15.56
C GLY A 519 5.32 -11.32 -17.00
N ASN A 520 5.36 -10.29 -17.86
CA ASN A 520 4.98 -10.44 -19.27
C ASN A 520 5.97 -11.29 -20.05
N VAL A 521 7.21 -11.38 -19.62
CA VAL A 521 8.22 -12.16 -20.30
C VAL A 521 8.88 -13.02 -19.23
N GLN A 522 8.67 -14.34 -19.30
CA GLN A 522 9.27 -15.26 -18.36
C GLN A 522 10.37 -16.10 -18.97
N ASN A 523 10.57 -16.04 -20.28
CA ASN A 523 11.63 -16.82 -20.92
C ASN A 523 11.98 -16.15 -22.24
N ALA A 524 13.03 -16.69 -22.88
CA ALA A 524 13.52 -16.12 -24.12
C ALA A 524 12.51 -16.21 -25.27
N LYS A 525 11.61 -17.19 -25.24
CA LYS A 525 10.59 -17.27 -26.30
C LYS A 525 9.59 -16.14 -26.16
N ASP A 526 9.02 -15.96 -24.96
CA ASP A 526 8.26 -14.76 -24.65
C ASP A 526 8.99 -13.52 -25.11
N ALA A 527 10.29 -13.43 -24.84
CA ALA A 527 11.00 -12.20 -25.16
C ALA A 527 11.10 -12.00 -26.67
N VAL A 528 11.24 -13.09 -27.43
CA VAL A 528 11.22 -13.01 -28.89
C VAL A 528 9.85 -12.53 -29.37
N ASN A 529 8.81 -13.09 -28.78
CA ASN A 529 7.45 -12.63 -29.08
C ASN A 529 7.32 -11.15 -28.75
N TRP A 530 7.83 -10.73 -27.60
CA TRP A 530 7.66 -9.34 -27.18
C TRP A 530 8.38 -8.41 -28.14
N LEU A 531 9.57 -8.83 -28.59
CA LEU A 531 10.33 -8.03 -29.53
C LEU A 531 9.64 -7.96 -30.88
N GLY A 532 8.79 -8.95 -31.19
CA GLY A 532 7.99 -8.91 -32.42
C GLY A 532 7.01 -7.75 -32.54
N TYR A 533 6.68 -7.07 -31.42
CA TYR A 533 5.85 -5.87 -31.41
C TYR A 533 6.68 -4.59 -31.39
N ALA A 534 7.98 -4.69 -31.19
CA ALA A 534 8.82 -3.51 -31.21
C ALA A 534 8.81 -2.89 -32.60
N TYR A 535 8.96 -1.56 -32.67
CA TYR A 535 9.14 -0.92 -33.96
C TYR A 535 10.48 -1.35 -34.61
N LEU A 536 11.49 -1.63 -33.76
CA LEU A 536 12.74 -2.23 -34.19
C LEU A 536 12.49 -3.41 -35.11
N TYR A 537 11.51 -4.26 -34.76
CA TYR A 537 11.31 -5.48 -35.52
C TYR A 537 10.84 -5.16 -36.93
N ILE A 538 9.91 -4.21 -37.02
CA ILE A 538 9.32 -3.87 -38.31
C ILE A 538 10.36 -3.24 -39.23
N ARG A 539 11.26 -2.42 -38.66
CA ARG A 539 12.35 -1.86 -39.45
C ARG A 539 13.38 -2.94 -39.85
N MET A 540 13.63 -3.92 -38.96
CA MET A 540 14.56 -4.98 -39.29
C MET A 540 14.05 -5.83 -40.44
N LEU A 541 12.72 -6.06 -40.51
CA LEU A 541 12.17 -6.79 -41.64
C LEU A 541 12.17 -5.97 -42.91
N ARG A 542 11.92 -4.67 -42.79
CA ARG A 542 11.78 -3.85 -43.99
C ARG A 542 13.13 -3.38 -44.51
N SER A 543 14.11 -3.17 -43.63
CA SER A 543 15.42 -2.61 -43.99
C SER A 543 16.53 -3.33 -43.23
N PRO A 544 16.72 -4.62 -43.49
CA PRO A 544 17.69 -5.39 -42.68
C PRO A 544 19.09 -4.82 -42.72
N THR A 545 19.46 -4.22 -43.85
CA THR A 545 20.79 -3.70 -44.06
C THR A 545 21.14 -2.66 -42.99
N LEU A 546 20.20 -1.77 -42.66
CA LEU A 546 20.42 -0.76 -41.62
C LEU A 546 20.70 -1.37 -40.26
N TYR A 547 20.16 -2.55 -39.98
CA TYR A 547 20.19 -3.09 -38.63
C TYR A 547 21.19 -4.25 -38.48
N GLY A 548 22.14 -4.35 -39.41
CA GLY A 548 23.22 -5.32 -39.33
C GLY A 548 22.90 -6.72 -39.81
N ILE A 549 21.88 -6.88 -40.66
CA ILE A 549 21.42 -8.17 -41.17
C ILE A 549 21.63 -8.19 -42.68
N SER A 550 22.39 -9.17 -43.17
CA SER A 550 22.56 -9.32 -44.62
C SER A 550 21.28 -9.83 -45.26
N HIS A 551 21.10 -9.52 -46.55
CA HIS A 551 19.90 -9.98 -47.26
C HIS A 551 19.88 -11.51 -47.35
N ASP A 552 21.05 -12.13 -47.38
CA ASP A 552 21.12 -13.58 -47.25
C ASP A 552 20.66 -14.03 -45.86
N ASP A 553 21.12 -13.34 -44.81
CA ASP A 553 20.65 -13.64 -43.45
C ASP A 553 19.13 -13.66 -43.37
N LEU A 554 18.49 -12.68 -44.03
CA LEU A 554 17.03 -12.55 -43.96
C LEU A 554 16.34 -13.65 -44.76
N LYS A 555 16.75 -13.87 -46.03
CA LYS A 555 16.14 -14.96 -46.79
C LYS A 555 16.31 -16.32 -46.10
N GLY A 556 17.35 -16.48 -45.27
CA GLY A 556 17.47 -17.68 -44.47
C GLY A 556 16.71 -17.66 -43.16
N ASP A 557 16.33 -16.48 -42.68
CA ASP A 557 15.63 -16.33 -41.41
C ASP A 557 14.49 -15.34 -41.65
N PRO A 558 13.47 -15.75 -42.41
CA PRO A 558 12.49 -14.77 -42.91
C PRO A 558 11.70 -14.04 -41.84
N LEU A 559 11.39 -14.67 -40.72
CA LEU A 559 10.70 -13.97 -39.65
C LEU A 559 11.66 -13.35 -38.64
N LEU A 560 12.98 -13.38 -38.94
CA LEU A 560 14.03 -12.95 -38.01
C LEU A 560 13.81 -13.57 -36.62
N ASP A 561 13.45 -14.87 -36.63
CA ASP A 561 13.39 -15.69 -35.42
C ASP A 561 14.74 -15.79 -34.75
N GLN A 562 15.75 -16.21 -35.51
CA GLN A 562 17.06 -16.42 -34.91
C GLN A 562 17.69 -15.09 -34.50
N ARG A 563 17.56 -14.06 -35.34
CA ARG A 563 18.12 -12.76 -34.99
C ARG A 563 17.53 -12.22 -33.69
N ARG A 564 16.21 -12.34 -33.53
CA ARG A 564 15.58 -11.91 -32.28
C ARG A 564 16.04 -12.75 -31.10
N LEU A 565 16.13 -14.07 -31.28
CA LEU A 565 16.64 -14.89 -30.20
C LEU A 565 18.06 -14.46 -29.80
N ASP A 566 18.93 -14.18 -30.78
CA ASP A 566 20.28 -13.71 -30.46
C ASP A 566 20.28 -12.38 -29.71
N LEU A 567 19.46 -11.40 -30.14
CA LEU A 567 19.36 -10.14 -29.39
C LEU A 567 18.87 -10.36 -27.96
N VAL A 568 17.83 -11.18 -27.80
CA VAL A 568 17.28 -11.44 -26.48
C VAL A 568 18.30 -12.16 -25.60
N HIS A 569 19.02 -13.10 -26.18
CA HIS A 569 20.07 -13.82 -25.48
C HIS A 569 21.19 -12.87 -25.03
N THR A 570 21.59 -11.93 -25.89
CA THR A 570 22.60 -10.97 -25.49
C THR A 570 22.10 -10.13 -24.31
N ALA A 571 20.91 -9.55 -24.45
CA ALA A 571 20.35 -8.74 -23.37
C ALA A 571 20.24 -9.53 -22.07
N ALA A 572 19.71 -10.75 -22.14
CA ALA A 572 19.58 -11.59 -20.96
C ALA A 572 20.93 -11.85 -20.29
N LEU A 573 21.98 -12.15 -21.08
CA LEU A 573 23.26 -12.39 -20.43
C LEU A 573 23.81 -11.12 -19.77
N MET A 574 23.54 -9.94 -20.35
CA MET A 574 23.93 -8.71 -19.66
C MET A 574 23.17 -8.57 -18.34
N LEU A 575 21.86 -8.78 -18.36
CA LEU A 575 21.11 -8.62 -17.12
C LEU A 575 21.53 -9.63 -16.09
N ASP A 576 21.92 -10.80 -16.55
CA ASP A 576 22.32 -11.86 -15.64
C ASP A 576 23.70 -11.57 -15.05
N LYS A 577 24.63 -11.07 -15.86
CA LYS A 577 25.93 -10.68 -15.33
C LYS A 577 25.79 -9.63 -14.23
N ASN A 578 24.78 -8.77 -14.30
CA ASN A 578 24.56 -7.70 -13.34
C ASN A 578 23.60 -8.10 -12.23
N ASN A 579 23.24 -9.38 -12.11
CA ASN A 579 22.38 -9.88 -11.02
C ASN A 579 21.01 -9.20 -10.97
N LEU A 580 20.49 -8.75 -12.12
CA LEU A 580 19.09 -8.33 -12.13
C LEU A 580 18.14 -9.47 -12.50
N VAL A 581 18.65 -10.48 -13.20
CA VAL A 581 17.85 -11.60 -13.68
C VAL A 581 18.67 -12.87 -13.51
N LYS A 582 18.00 -13.99 -13.19
CA LYS A 582 18.65 -15.30 -13.23
C LYS A 582 18.26 -15.96 -14.54
N TYR A 583 19.24 -16.16 -15.43
CA TYR A 583 19.02 -16.63 -16.78
C TYR A 583 19.56 -18.04 -16.89
N ASP A 584 18.65 -19.03 -16.96
CA ASP A 584 19.04 -20.40 -17.26
C ASP A 584 19.27 -20.53 -18.77
N LYS A 585 20.54 -20.56 -19.18
CA LYS A 585 20.87 -20.64 -20.61
C LYS A 585 20.28 -21.90 -21.26
N LYS A 586 20.11 -22.98 -20.50
CA LYS A 586 19.59 -24.22 -21.07
C LYS A 586 18.10 -24.11 -21.38
N THR A 587 17.29 -23.75 -20.38
CA THR A 587 15.86 -23.66 -20.61
C THR A 587 15.47 -22.37 -21.33
N GLY A 588 16.25 -21.31 -21.14
CA GLY A 588 15.83 -20.00 -21.53
C GLY A 588 15.01 -19.28 -20.50
N ASN A 589 14.79 -19.87 -19.33
CA ASN A 589 13.93 -19.24 -18.36
C ASN A 589 14.61 -18.02 -17.73
N PHE A 590 13.78 -17.10 -17.26
CA PHE A 590 14.12 -15.85 -16.62
C PHE A 590 13.50 -15.85 -15.24
N GLN A 591 14.31 -15.72 -14.21
CA GLN A 591 13.85 -15.59 -12.84
C GLN A 591 14.05 -14.14 -12.39
N VAL A 592 12.97 -13.48 -11.97
CA VAL A 592 13.07 -12.11 -11.50
C VAL A 592 13.89 -12.05 -10.20
N THR A 593 14.35 -10.84 -9.85
CA THR A 593 15.09 -10.60 -8.61
C THR A 593 14.68 -9.24 -8.05
N GLU A 594 15.00 -9.04 -6.77
CA GLU A 594 14.68 -7.78 -6.12
C GLU A 594 15.44 -6.61 -6.75
N LEU A 595 16.71 -6.82 -7.11
CA LEU A 595 17.49 -5.77 -7.77
C LEU A 595 16.91 -5.44 -9.13
N GLY A 596 16.51 -6.46 -9.88
CA GLY A 596 15.84 -6.22 -11.13
C GLY A 596 14.58 -5.40 -10.95
N ARG A 597 13.80 -5.72 -9.92
CA ARG A 597 12.54 -5.01 -9.71
C ARG A 597 12.78 -3.54 -9.38
N ILE A 598 13.71 -3.28 -8.45
CA ILE A 598 14.09 -1.90 -8.10
C ILE A 598 14.63 -1.16 -9.32
N ALA A 599 15.39 -1.86 -10.18
CA ALA A 599 15.91 -1.20 -11.38
C ALA A 599 14.77 -0.80 -12.29
N SER A 600 13.79 -1.67 -12.48
CA SER A 600 12.68 -1.29 -13.34
C SER A 600 11.84 -0.15 -12.73
N HIS A 601 11.58 -0.22 -11.43
CA HIS A 601 10.56 0.63 -10.79
C HIS A 601 11.08 2.02 -10.46
N TYR A 602 12.40 2.19 -10.29
CA TYR A 602 12.99 3.49 -10.12
C TYR A 602 13.61 4.00 -11.40
N TYR A 603 13.40 3.29 -12.52
CA TYR A 603 13.77 3.80 -13.84
C TYR A 603 15.28 3.98 -13.95
N ILE A 604 15.98 2.96 -13.53
CA ILE A 604 17.42 2.99 -13.38
C ILE A 604 18.04 1.98 -14.32
N THR A 605 19.14 2.38 -14.94
CA THR A 605 19.82 1.52 -15.89
C THR A 605 20.55 0.37 -15.16
N ASN A 606 20.69 -0.77 -15.87
CA ASN A 606 21.01 -2.03 -15.15
C ASN A 606 22.46 -2.04 -14.63
N ASP A 607 23.37 -1.29 -15.27
CA ASP A 607 24.74 -1.14 -14.75
C ASP A 607 24.75 -0.44 -13.40
N THR A 608 23.87 0.56 -13.23
CA THR A 608 23.83 1.30 -11.98
C THR A 608 23.45 0.39 -10.81
N VAL A 609 22.48 -0.50 -11.01
CA VAL A 609 22.11 -1.26 -9.82
C VAL A 609 23.14 -2.32 -9.57
N GLN A 610 23.86 -2.75 -10.60
CA GLN A 610 24.99 -3.62 -10.29
C GLN A 610 26.03 -2.89 -9.43
N THR A 611 26.36 -1.64 -9.76
CA THR A 611 27.27 -0.87 -8.93
C THR A 611 26.74 -0.77 -7.50
N TYR A 612 25.48 -0.37 -7.34
CA TYR A 612 24.92 -0.27 -6.00
C TYR A 612 25.03 -1.59 -5.26
N ASN A 613 24.70 -2.70 -5.92
CA ASN A 613 24.77 -3.97 -5.22
C ASN A 613 26.19 -4.33 -4.85
N GLN A 614 27.16 -3.86 -5.63
CA GLN A 614 28.56 -4.18 -5.37
C GLN A 614 29.19 -3.32 -4.29
N LEU A 615 28.78 -2.05 -4.18
CA LEU A 615 29.46 -1.14 -3.27
C LEU A 615 28.74 -0.96 -1.94
N LEU A 616 27.42 -1.03 -1.90
CA LEU A 616 26.69 -0.76 -0.65
C LEU A 616 27.02 -1.80 0.40
N LYS A 617 27.37 -1.34 1.59
CA LYS A 617 27.60 -2.17 2.76
C LYS A 617 26.89 -1.50 3.91
N PRO A 618 26.58 -2.24 4.99
CA PRO A 618 25.93 -1.59 6.14
C PRO A 618 26.79 -0.54 6.83
N THR A 619 28.11 -0.60 6.72
CA THR A 619 29.03 0.28 7.42
C THR A 619 29.30 1.62 6.70
N LEU A 620 28.67 1.86 5.55
CA LEU A 620 28.92 3.05 4.75
C LEU A 620 28.63 4.35 5.51
N SER A 621 29.60 5.28 5.46
CA SER A 621 29.38 6.63 5.95
C SER A 621 28.79 7.46 4.82
N GLU A 622 28.41 8.71 5.14
CA GLU A 622 28.00 9.65 4.10
C GLU A 622 29.03 9.73 3.00
N ILE A 623 30.31 9.57 3.34
CA ILE A 623 31.37 9.74 2.36
C ILE A 623 31.22 8.74 1.23
N GLU A 624 31.12 7.46 1.59
CA GLU A 624 30.98 6.44 0.55
C GLU A 624 29.60 6.47 -0.07
N LEU A 625 28.58 6.93 0.66
CA LEU A 625 27.26 7.08 0.04
C LEU A 625 27.32 8.06 -1.12
N PHE A 626 27.91 9.24 -0.91
CA PHE A 626 28.00 10.21 -2.00
C PHE A 626 28.83 9.67 -3.15
N ARG A 627 29.94 8.98 -2.83
CA ARG A 627 30.73 8.37 -3.90
C ARG A 627 29.89 7.35 -4.68
N VAL A 628 29.23 6.43 -3.96
CA VAL A 628 28.45 5.39 -4.63
C VAL A 628 27.46 6.03 -5.59
N PHE A 629 26.77 7.08 -5.12
CA PHE A 629 25.87 7.82 -6.00
C PHE A 629 26.60 8.38 -7.21
N SER A 630 27.72 9.05 -6.97
CA SER A 630 28.44 9.69 -8.06
C SER A 630 28.93 8.69 -9.09
N LEU A 631 28.93 7.39 -8.80
CA LEU A 631 29.38 6.39 -9.76
C LEU A 631 28.26 5.81 -10.60
N SER A 632 27.06 6.39 -10.56
CA SER A 632 25.96 5.81 -11.30
C SER A 632 26.23 5.92 -12.77
N SER A 633 25.70 4.96 -13.53
CA SER A 633 25.95 4.94 -14.97
C SER A 633 25.16 6.01 -15.71
N GLU A 634 24.14 6.60 -15.07
CA GLU A 634 23.48 7.76 -15.68
C GLU A 634 24.49 8.87 -15.99
N PHE A 635 25.60 8.90 -15.26
CA PHE A 635 26.61 9.94 -15.34
C PHE A 635 27.90 9.48 -16.05
N LYS A 636 27.87 8.36 -16.77
CA LYS A 636 29.11 7.77 -17.31
C LYS A 636 29.81 8.64 -18.36
N ASN A 637 29.12 9.57 -19.01
CA ASN A 637 29.78 10.43 -19.98
C ASN A 637 30.21 11.75 -19.38
N ILE A 638 29.96 11.99 -18.09
CA ILE A 638 30.43 13.24 -17.50
C ILE A 638 31.95 13.23 -17.43
N THR A 639 32.57 14.38 -17.74
CA THR A 639 34.01 14.51 -17.67
C THR A 639 34.36 15.79 -16.92
N VAL A 640 35.59 15.84 -16.40
CA VAL A 640 36.11 17.04 -15.78
C VAL A 640 36.92 17.75 -16.84
N ARG A 641 36.42 18.89 -17.30
CA ARG A 641 37.08 19.73 -18.28
C ARG A 641 38.09 20.64 -17.60
N GLU A 642 39.16 20.97 -18.33
CA GLU A 642 40.24 21.76 -17.74
C GLU A 642 39.72 23.08 -17.20
N GLU A 643 38.85 23.75 -17.96
CA GLU A 643 38.32 25.05 -17.54
C GLU A 643 37.38 24.97 -16.32
N GLU A 644 36.97 23.78 -15.89
CA GLU A 644 36.21 23.66 -14.65
C GLU A 644 37.10 23.48 -13.43
N LYS A 645 38.37 23.09 -13.66
CA LYS A 645 39.15 22.51 -12.60
C LYS A 645 39.46 23.51 -11.48
N LEU A 646 39.39 24.80 -11.74
CA LEU A 646 39.61 25.73 -10.64
C LEU A 646 38.37 25.85 -9.78
N GLU A 647 37.20 26.01 -10.42
CA GLU A 647 35.99 26.22 -9.65
C GLU A 647 35.65 25.00 -8.82
N LEU A 648 35.70 23.82 -9.47
CA LEU A 648 35.59 22.57 -8.74
C LEU A 648 36.51 22.54 -7.54
N GLN A 649 37.79 22.91 -7.73
CA GLN A 649 38.72 22.82 -6.62
C GLN A 649 38.28 23.73 -5.49
N LYS A 650 37.86 24.95 -5.82
CA LYS A 650 37.38 25.89 -4.80
C LYS A 650 36.27 25.26 -3.96
N LEU A 651 35.40 24.45 -4.59
CA LEU A 651 34.32 23.78 -3.88
C LEU A 651 34.76 22.48 -3.23
N LEU A 652 35.70 21.76 -3.84
CA LEU A 652 36.09 20.45 -3.32
C LEU A 652 36.66 20.57 -1.91
N GLU A 653 37.44 21.61 -1.65
CA GLU A 653 38.05 21.81 -0.35
C GLU A 653 37.17 22.61 0.59
N ARG A 654 35.89 22.71 0.29
CA ARG A 654 34.96 23.33 1.19
C ARG A 654 33.68 22.52 1.42
N VAL A 655 33.35 21.55 0.56
CA VAL A 655 32.14 20.73 0.72
C VAL A 655 32.13 20.09 2.10
N PRO A 656 30.99 20.00 2.80
CA PRO A 656 31.00 19.43 4.15
C PRO A 656 31.16 17.91 4.20
N ILE A 657 30.82 17.17 3.15
CA ILE A 657 31.15 15.75 3.07
C ILE A 657 32.49 15.62 2.34
N PRO A 658 33.53 15.05 2.97
CA PRO A 658 34.80 14.85 2.26
C PRO A 658 34.66 13.97 1.04
N VAL A 659 35.53 14.22 0.06
CA VAL A 659 35.66 13.44 -1.17
C VAL A 659 37.05 12.81 -1.18
N LYS A 660 37.12 11.49 -1.26
CA LYS A 660 38.42 10.81 -1.32
C LYS A 660 39.12 10.95 -2.69
N GLU A 661 38.39 11.10 -3.80
CA GLU A 661 39.02 11.07 -5.12
C GLU A 661 39.55 12.42 -5.56
N SER A 662 40.58 12.39 -6.40
CA SER A 662 41.13 13.59 -7.03
C SER A 662 40.08 14.23 -7.93
N ILE A 663 40.21 15.55 -8.18
CA ILE A 663 39.22 16.19 -9.04
C ILE A 663 39.46 15.92 -10.51
N GLU A 664 40.50 15.16 -10.85
CA GLU A 664 40.66 14.63 -12.18
C GLU A 664 39.68 13.49 -12.48
N GLU A 665 38.93 13.04 -11.46
CA GLU A 665 37.99 11.94 -11.65
C GLU A 665 36.59 12.49 -11.84
N PRO A 666 35.86 12.06 -12.88
CA PRO A 666 34.44 12.46 -12.99
C PRO A 666 33.63 12.23 -11.71
N SER A 667 33.92 11.17 -10.94
CA SER A 667 33.11 10.88 -9.76
C SER A 667 33.23 11.99 -8.72
N ALA A 668 34.39 12.65 -8.62
CA ALA A 668 34.55 13.73 -7.66
C ALA A 668 33.78 14.98 -8.07
N LYS A 669 33.74 15.29 -9.37
CA LYS A 669 32.92 16.42 -9.84
C LYS A 669 31.44 16.18 -9.62
N ILE A 670 30.96 14.95 -9.89
CA ILE A 670 29.54 14.65 -9.69
C ILE A 670 29.17 14.77 -8.21
N ASN A 671 30.06 14.29 -7.34
CA ASN A 671 29.85 14.38 -5.90
C ASN A 671 29.76 15.84 -5.45
N VAL A 672 30.74 16.66 -5.83
CA VAL A 672 30.74 18.09 -5.49
C VAL A 672 29.48 18.77 -6.04
N LEU A 673 29.06 18.42 -7.26
CA LEU A 673 27.86 19.04 -7.82
C LEU A 673 26.62 18.74 -6.99
N LEU A 674 26.48 17.50 -6.51
CA LEU A 674 25.37 17.21 -5.59
C LEU A 674 25.46 18.05 -4.33
N GLN A 675 26.67 18.15 -3.74
CA GLN A 675 26.79 18.84 -2.46
C GLN A 675 26.54 20.33 -2.60
N ALA A 676 26.92 20.90 -3.75
CA ALA A 676 26.63 22.31 -4.02
C ALA A 676 25.15 22.54 -4.30
N PHE A 677 24.52 21.63 -5.05
CA PHE A 677 23.09 21.73 -5.24
C PHE A 677 22.35 21.75 -3.92
N ILE A 678 22.79 20.94 -2.96
CA ILE A 678 22.09 20.90 -1.68
C ILE A 678 22.34 22.17 -0.88
N SER A 679 23.57 22.69 -0.89
CA SER A 679 23.86 23.96 -0.24
C SER A 679 23.36 25.17 -1.02
N GLN A 680 22.73 24.98 -2.16
CA GLN A 680 22.22 26.06 -3.00
C GLN A 680 23.31 27.06 -3.43
N LEU A 681 24.47 26.56 -3.83
CA LEU A 681 25.48 27.44 -4.40
C LEU A 681 25.22 27.71 -5.88
N LYS A 682 25.40 28.97 -6.29
CA LYS A 682 25.37 29.32 -7.71
C LYS A 682 26.77 29.15 -8.28
N LEU A 683 26.88 28.33 -9.32
CA LEU A 683 28.17 28.09 -9.97
C LEU A 683 28.38 29.06 -11.12
N GLU A 684 29.57 29.05 -11.67
CA GLU A 684 29.89 30.01 -12.71
C GLU A 684 30.09 29.38 -14.07
N GLY A 685 30.88 28.32 -14.18
CA GLY A 685 30.95 27.59 -15.44
C GLY A 685 29.59 27.21 -15.98
N PHE A 686 29.40 27.37 -17.30
CA PHE A 686 28.13 26.97 -17.91
C PHE A 686 28.04 25.45 -18.02
N ALA A 687 29.15 24.81 -18.39
CA ALA A 687 29.23 23.36 -18.32
C ALA A 687 28.85 22.86 -16.94
N LEU A 688 29.39 23.50 -15.90
CA LEU A 688 29.11 23.05 -14.54
C LEU A 688 27.63 23.18 -14.19
N MET A 689 26.99 24.29 -14.55
CA MET A 689 25.60 24.48 -14.17
C MET A 689 24.67 23.49 -14.90
N ALA A 690 24.94 23.23 -16.18
CA ALA A 690 24.08 22.28 -16.89
C ALA A 690 24.31 20.84 -16.41
N ASP A 691 25.58 20.48 -16.13
CA ASP A 691 25.88 19.19 -15.53
C ASP A 691 25.20 19.05 -14.16
N MET A 692 25.26 20.08 -13.32
CA MET A 692 24.61 20.00 -12.00
C MET A 692 23.10 19.80 -12.14
N VAL A 693 22.48 20.49 -13.09
CA VAL A 693 21.03 20.26 -13.29
C VAL A 693 20.78 18.80 -13.65
N TYR A 694 21.55 18.25 -14.59
CA TYR A 694 21.32 16.86 -14.98
C TYR A 694 21.57 15.91 -13.80
N VAL A 695 22.63 16.14 -13.04
CA VAL A 695 23.03 15.23 -11.97
C VAL A 695 21.99 15.19 -10.87
N THR A 696 21.40 16.33 -10.55
CA THR A 696 20.41 16.42 -9.48
C THR A 696 18.98 16.15 -9.93
N GLN A 697 18.68 16.31 -11.22
CA GLN A 697 17.35 15.93 -11.70
C GLN A 697 17.02 14.48 -11.40
N SER A 698 18.03 13.62 -11.35
CA SER A 698 17.86 12.19 -11.14
C SER A 698 18.37 11.71 -9.79
N ALA A 699 18.98 12.57 -8.98
CA ALA A 699 19.50 12.11 -7.70
C ALA A 699 18.38 11.61 -6.79
N GLY A 700 17.19 12.19 -6.87
CA GLY A 700 16.13 11.82 -5.95
C GLY A 700 15.67 10.39 -6.11
N ARG A 701 15.40 9.95 -7.37
CA ARG A 701 14.90 8.60 -7.58
C ARG A 701 16.02 7.57 -7.50
N LEU A 702 17.23 7.93 -7.91
CA LEU A 702 18.37 7.06 -7.65
C LEU A 702 18.58 6.87 -6.15
N MET A 703 18.49 7.94 -5.38
CA MET A 703 18.76 7.81 -3.95
C MET A 703 17.61 7.13 -3.26
N ARG A 704 16.42 7.22 -3.83
CA ARG A 704 15.26 6.56 -3.26
C ARG A 704 15.34 5.08 -3.54
N ALA A 705 16.00 4.70 -4.64
CA ALA A 705 16.32 3.29 -4.87
C ALA A 705 17.35 2.78 -3.88
N ILE A 706 18.40 3.57 -3.59
CA ILE A 706 19.31 3.13 -2.52
C ILE A 706 18.51 2.90 -1.25
N PHE A 707 17.65 3.85 -0.92
CA PHE A 707 16.87 3.76 0.30
C PHE A 707 16.10 2.45 0.36
N GLU A 708 15.34 2.15 -0.69
CA GLU A 708 14.58 0.92 -0.68
C GLU A 708 15.49 -0.31 -0.52
N ILE A 709 16.65 -0.31 -1.20
CA ILE A 709 17.57 -1.45 -1.13
C ILE A 709 18.02 -1.71 0.29
N VAL A 710 18.49 -0.66 0.98
CA VAL A 710 19.14 -0.82 2.29
C VAL A 710 18.11 -0.94 3.40
N LEU A 711 16.93 -0.37 3.20
CA LEU A 711 15.87 -0.56 4.16
C LEU A 711 15.40 -2.00 4.15
N ASN A 712 15.21 -2.58 2.97
CA ASN A 712 14.67 -3.93 2.97
C ASN A 712 15.69 -4.97 3.45
N ARG A 713 16.99 -4.63 3.49
CA ARG A 713 18.00 -5.51 4.07
C ARG A 713 18.17 -5.35 5.57
N GLY A 714 17.46 -4.40 6.19
CA GLY A 714 17.57 -4.19 7.63
C GLY A 714 18.74 -3.35 8.11
N TRP A 715 19.40 -2.60 7.23
CA TRP A 715 20.61 -1.86 7.59
C TRP A 715 20.21 -0.52 8.21
N ALA A 716 20.26 -0.41 9.54
CA ALA A 716 19.60 0.70 10.23
C ALA A 716 20.35 2.03 10.03
N GLN A 717 21.67 2.04 10.24
CA GLN A 717 22.46 3.24 10.02
C GLN A 717 22.33 3.76 8.58
N LEU A 718 22.48 2.86 7.59
CA LEU A 718 22.45 3.35 6.22
C LEU A 718 21.05 3.72 5.79
N THR A 719 20.04 3.09 6.39
CA THR A 719 18.68 3.48 6.05
C THR A 719 18.42 4.90 6.53
N ASP A 720 18.94 5.24 7.69
CA ASP A 720 18.84 6.60 8.20
C ASP A 720 19.58 7.59 7.28
N LYS A 721 20.86 7.32 6.99
CA LYS A 721 21.59 8.28 6.14
C LYS A 721 20.95 8.41 4.76
N THR A 722 20.41 7.31 4.20
CA THR A 722 19.88 7.37 2.85
C THR A 722 18.53 8.07 2.80
N LEU A 723 17.60 7.75 3.69
CA LEU A 723 16.37 8.55 3.71
C LEU A 723 16.70 10.03 3.92
N ASN A 724 17.65 10.30 4.82
CA ASN A 724 18.05 11.67 5.07
C ASN A 724 18.50 12.38 3.81
N LEU A 725 19.39 11.72 3.04
CA LEU A 725 19.90 12.32 1.83
C LEU A 725 18.81 12.53 0.80
N CYS A 726 17.84 11.59 0.68
CA CYS A 726 16.69 11.85 -0.19
C CYS A 726 16.03 13.17 0.19
N LYS A 727 15.83 13.36 1.50
CA LYS A 727 15.08 14.54 1.92
C LYS A 727 15.89 15.82 1.73
N MET A 728 17.20 15.78 1.99
CA MET A 728 18.06 16.93 1.70
C MET A 728 18.12 17.25 0.21
N ILE A 729 18.06 16.23 -0.65
CA ILE A 729 17.99 16.49 -2.09
C ILE A 729 16.70 17.19 -2.43
N ASP A 730 15.58 16.73 -1.88
CA ASP A 730 14.27 17.28 -2.24
C ASP A 730 13.99 18.65 -1.60
N LYS A 731 14.51 18.91 -0.41
CA LYS A 731 14.26 20.16 0.29
C LYS A 731 15.32 21.21 0.02
N ARG A 732 16.43 20.82 -0.63
CA ARG A 732 17.57 21.71 -0.91
C ARG A 732 18.16 22.33 0.36
N MET A 733 18.46 21.48 1.36
CA MET A 733 19.11 21.91 2.59
C MET A 733 19.66 20.72 3.36
N TRP A 734 20.62 20.99 4.24
CA TRP A 734 21.13 19.99 5.17
C TRP A 734 20.31 19.96 6.46
N GLN A 735 20.27 18.77 7.08
CA GLN A 735 19.84 18.51 8.45
C GLN A 735 20.17 19.68 9.37
N SER A 736 21.42 20.15 9.31
CA SER A 736 21.97 21.17 10.20
C SER A 736 21.22 22.49 10.15
N MET A 737 20.26 22.64 9.25
CA MET A 737 19.54 23.90 9.11
C MET A 737 18.21 23.85 9.87
N CYS A 738 17.70 25.05 10.17
CA CYS A 738 16.43 25.18 10.90
C CYS A 738 15.34 24.49 10.10
N PRO A 739 14.70 23.47 10.65
CA PRO A 739 13.58 22.85 9.92
C PRO A 739 12.47 23.84 9.60
N LEU A 740 12.48 25.01 10.22
CA LEU A 740 11.47 26.03 9.89
C LEU A 740 11.63 26.52 8.45
N ARG A 741 12.85 26.49 7.91
CA ARG A 741 13.03 26.74 6.49
C ARG A 741 12.08 25.94 5.62
N GLN A 742 11.55 24.81 6.11
CA GLN A 742 10.74 24.00 5.20
C GLN A 742 9.34 24.56 4.97
N PHE A 743 8.97 25.62 5.70
CA PHE A 743 7.75 26.36 5.40
C PHE A 743 8.14 27.48 4.46
N ARG A 744 7.81 27.35 3.18
CA ARG A 744 8.24 28.37 2.23
C ARG A 744 7.65 29.73 2.56
N LYS A 745 6.45 29.76 3.15
CA LYS A 745 5.82 31.03 3.46
C LYS A 745 6.52 31.79 4.58
N LEU A 746 7.48 31.18 5.28
CA LEU A 746 8.18 31.86 6.36
C LEU A 746 9.36 32.67 5.80
N PRO A 747 9.45 33.98 6.10
CA PRO A 747 10.49 34.81 5.47
C PRO A 747 11.90 34.44 5.91
N GLU A 748 12.81 34.33 4.93
CA GLU A 748 14.11 33.75 5.19
C GLU A 748 14.94 34.56 6.17
N GLU A 749 14.76 35.88 6.20
CA GLU A 749 15.55 36.69 7.13
C GLU A 749 15.31 36.24 8.56
N VAL A 750 14.07 35.88 8.88
CA VAL A 750 13.72 35.47 10.23
C VAL A 750 14.38 34.14 10.58
N VAL A 751 14.25 33.15 9.68
CA VAL A 751 14.82 31.84 9.92
C VAL A 751 16.32 31.95 10.08
N LYS A 752 16.97 32.86 9.35
CA LYS A 752 18.41 32.99 9.49
C LYS A 752 18.78 33.71 10.79
N LYS A 753 17.98 34.70 11.22
CA LYS A 753 18.12 35.24 12.57
C LYS A 753 18.10 34.13 13.61
N ILE A 754 17.20 33.15 13.43
CA ILE A 754 17.04 32.09 14.43
C ILE A 754 18.19 31.07 14.33
N GLU A 755 18.59 30.69 13.11
CA GLU A 755 19.72 29.78 12.94
C GLU A 755 20.97 30.36 13.56
N LYS A 756 21.15 31.68 13.46
CA LYS A 756 22.21 32.36 14.19
C LYS A 756 21.99 32.26 15.70
N LYS A 757 20.75 32.43 16.17
CA LYS A 757 20.49 32.25 17.60
C LYS A 757 20.89 30.87 18.10
N ASN A 758 20.90 29.87 17.21
CA ASN A 758 21.68 28.64 17.39
C ASN A 758 21.09 27.66 18.41
N PHE A 759 20.20 28.12 19.30
CA PHE A 759 19.60 27.24 20.31
C PHE A 759 18.90 26.05 19.65
N PRO A 760 18.71 24.94 20.38
CA PRO A 760 18.09 23.76 19.76
C PRO A 760 16.63 24.03 19.39
N PHE A 761 16.25 23.56 18.19
CA PHE A 761 14.89 23.74 17.70
C PHE A 761 13.85 23.29 18.73
N GLU A 762 14.09 22.14 19.37
CA GLU A 762 13.08 21.53 20.21
C GLU A 762 12.64 22.42 21.38
N ARG A 763 13.54 23.27 21.90
CA ARG A 763 13.12 24.07 23.05
C ARG A 763 12.03 25.07 22.68
N LEU A 764 11.89 25.42 21.40
CA LEU A 764 10.79 26.27 20.96
C LEU A 764 9.42 25.67 21.28
N TYR A 765 9.36 24.37 21.58
CA TYR A 765 8.09 23.73 21.90
C TYR A 765 7.57 24.15 23.27
N ASP A 766 8.46 24.54 24.19
CA ASP A 766 8.05 24.79 25.57
C ASP A 766 7.97 26.28 25.90
N LEU A 767 7.68 27.11 24.89
CA LEU A 767 7.55 28.55 25.07
C LEU A 767 6.31 29.03 24.36
N ASN A 768 5.64 30.02 24.96
CA ASN A 768 4.51 30.64 24.28
C ASN A 768 5.00 31.81 23.44
N HIS A 769 4.09 32.33 22.61
CA HIS A 769 4.45 33.30 21.58
C HIS A 769 5.37 34.40 22.12
N ASN A 770 5.14 34.83 23.37
CA ASN A 770 5.91 35.93 23.94
C ASN A 770 7.38 35.55 24.15
N GLU A 771 7.64 34.42 24.82
CA GLU A 771 9.02 34.00 25.07
C GLU A 771 9.72 33.60 23.77
N ILE A 772 8.95 33.20 22.77
CA ILE A 772 9.49 33.02 21.42
C ILE A 772 10.06 34.33 20.91
N GLY A 773 9.21 35.36 20.79
CA GLY A 773 9.65 36.68 20.37
C GLY A 773 10.77 37.28 21.20
N GLU A 774 10.90 36.88 22.47
CA GLU A 774 12.03 37.33 23.29
C GLU A 774 13.32 36.66 22.86
N LEU A 775 13.33 35.31 22.80
CA LEU A 775 14.55 34.59 22.44
C LEU A 775 15.02 34.98 21.04
N ILE A 776 14.09 35.18 20.11
CA ILE A 776 14.46 35.57 18.75
C ILE A 776 15.04 36.97 18.71
N ARG A 777 14.53 37.86 19.57
CA ARG A 777 14.71 39.31 19.48
C ARG A 777 13.88 39.92 18.35
N MET A 778 12.77 39.27 18.00
CA MET A 778 11.77 39.83 17.09
C MET A 778 10.38 39.55 17.66
N PRO A 779 9.68 40.57 18.17
CA PRO A 779 8.48 40.29 18.97
C PRO A 779 7.24 39.82 18.19
N LYS A 780 6.97 40.38 17.00
CA LYS A 780 5.83 39.93 16.19
C LYS A 780 6.04 38.51 15.66
N MET A 781 7.28 38.25 15.25
CA MET A 781 7.62 36.90 14.90
C MET A 781 7.41 35.92 16.05
N GLY A 782 7.16 36.40 17.27
CA GLY A 782 6.80 35.52 18.38
C GLY A 782 5.59 34.65 18.09
N LYS A 783 4.47 35.31 17.75
CA LYS A 783 3.25 34.57 17.45
C LYS A 783 3.37 33.83 16.11
N THR A 784 4.03 34.44 15.11
CA THR A 784 4.10 33.70 13.84
C THR A 784 4.94 32.42 13.98
N ILE A 785 6.05 32.50 14.71
CA ILE A 785 6.92 31.36 14.93
C ILE A 785 6.22 30.28 15.77
N HIS A 786 5.48 30.69 16.81
CA HIS A 786 4.69 29.74 17.59
C HIS A 786 3.76 28.93 16.68
N LYS A 787 3.02 29.62 15.80
CA LYS A 787 2.13 28.92 14.88
C LYS A 787 2.88 27.91 14.02
N TYR A 788 4.02 28.32 13.45
CA TYR A 788 4.74 27.40 12.57
C TYR A 788 5.33 26.22 13.35
N VAL A 789 5.88 26.49 14.53
CA VAL A 789 6.39 25.46 15.43
C VAL A 789 5.34 24.38 15.63
N HIS A 790 4.09 24.78 15.78
CA HIS A 790 3.10 23.76 16.07
C HIS A 790 2.43 23.22 14.81
N LEU A 791 2.73 23.80 13.66
CA LEU A 791 2.41 23.14 12.40
C LEU A 791 3.43 22.08 11.99
N PHE A 792 4.63 22.12 12.55
CA PHE A 792 5.65 21.16 12.18
C PHE A 792 5.17 19.76 12.59
N PRO A 793 5.21 18.78 11.69
CA PRO A 793 4.76 17.43 12.06
C PRO A 793 5.51 16.89 13.26
N LYS A 794 4.76 16.20 14.13
CA LYS A 794 5.24 15.73 15.43
C LYS A 794 4.27 14.67 15.95
N LEU A 795 4.82 13.52 16.37
CA LEU A 795 4.05 12.38 16.85
C LEU A 795 4.50 12.00 18.28
N GLU A 796 3.55 11.74 19.18
CA GLU A 796 3.84 11.14 20.48
C GLU A 796 3.66 9.62 20.39
N LEU A 797 4.49 8.85 21.12
CA LEU A 797 4.53 7.39 21.00
C LEU A 797 4.36 6.72 22.36
N SER A 798 3.64 5.59 22.39
CA SER A 798 3.70 4.76 23.58
C SER A 798 3.48 3.31 23.19
N VAL A 799 3.94 2.40 24.05
CA VAL A 799 3.87 0.98 23.71
C VAL A 799 3.16 0.24 24.82
N HIS A 800 2.39 -0.76 24.42
CA HIS A 800 2.01 -1.88 25.27
C HIS A 800 2.77 -3.08 24.76
N LEU A 801 3.70 -3.58 25.58
CA LEU A 801 4.44 -4.82 25.31
C LEU A 801 3.63 -6.05 25.73
N GLN A 802 3.45 -6.99 24.80
CA GLN A 802 2.65 -8.21 25.03
C GLN A 802 3.44 -9.45 24.70
N PRO A 803 4.11 -10.07 25.67
CA PRO A 803 4.88 -11.28 25.40
C PRO A 803 3.98 -12.35 24.83
N ILE A 804 4.43 -12.96 23.74
CA ILE A 804 3.75 -14.13 23.19
C ILE A 804 4.40 -15.40 23.71
N THR A 805 5.71 -15.51 23.59
CA THR A 805 6.48 -16.59 24.21
C THR A 805 7.69 -15.95 24.89
N ARG A 806 8.69 -16.77 25.20
CA ARG A 806 9.94 -16.25 25.73
C ARG A 806 10.86 -15.78 24.63
N SER A 807 10.42 -15.84 23.39
CA SER A 807 11.26 -15.38 22.30
C SER A 807 10.48 -14.66 21.20
N THR A 808 9.16 -14.49 21.33
CA THR A 808 8.40 -13.65 20.42
C THR A 808 7.55 -12.67 21.22
N LEU A 809 7.54 -11.42 20.80
CA LEU A 809 6.94 -10.34 21.56
C LEU A 809 6.06 -9.52 20.64
N LYS A 810 4.78 -9.41 20.97
CA LYS A 810 3.88 -8.53 20.25
C LYS A 810 4.03 -7.13 20.82
N VAL A 811 4.06 -6.12 19.95
CA VAL A 811 4.07 -4.73 20.40
C VAL A 811 2.84 -4.00 19.86
N GLU A 812 2.15 -3.29 20.72
CA GLU A 812 1.13 -2.35 20.28
C GLU A 812 1.68 -0.93 20.44
N LEU A 813 1.93 -0.29 19.31
CA LEU A 813 2.41 1.09 19.26
C LEU A 813 1.21 2.01 19.09
N THR A 814 1.07 2.98 19.99
CA THR A 814 0.05 4.02 19.87
C THR A 814 0.74 5.29 19.40
N ILE A 815 0.24 5.82 18.29
CA ILE A 815 0.75 7.03 17.66
C ILE A 815 -0.27 8.15 17.87
N THR A 816 0.11 9.17 18.61
CA THR A 816 -0.76 10.29 18.91
C THR A 816 -0.26 11.54 18.19
N PRO A 817 -0.96 12.08 17.20
CA PRO A 817 -0.44 13.26 16.51
C PRO A 817 -0.38 14.45 17.46
N ASP A 818 0.68 15.26 17.35
CA ASP A 818 0.94 16.32 18.31
C ASP A 818 1.24 17.63 17.62
N PHE A 819 0.53 17.87 16.54
CA PHE A 819 0.71 19.09 15.77
C PHE A 819 -0.64 19.53 15.23
N GLN A 820 -0.76 20.80 14.88
CA GLN A 820 -1.94 21.27 14.19
C GLN A 820 -1.82 20.93 12.70
N TRP A 821 -2.88 20.39 12.12
CA TRP A 821 -2.93 20.19 10.68
C TRP A 821 -3.33 21.49 9.97
N ASP A 822 -2.91 21.61 8.70
CA ASP A 822 -3.25 22.75 7.85
C ASP A 822 -2.99 22.33 6.42
N GLU A 823 -4.06 22.12 5.64
CA GLU A 823 -3.92 21.59 4.28
C GLU A 823 -2.99 22.43 3.41
N LYS A 824 -2.82 23.71 3.74
CA LYS A 824 -1.84 24.51 3.02
C LYS A 824 -0.44 23.93 3.19
N VAL A 825 -0.15 23.38 4.36
CA VAL A 825 1.19 22.91 4.70
C VAL A 825 1.30 21.39 4.56
N HIS A 826 0.29 20.64 4.99
CA HIS A 826 0.44 19.21 5.07
C HIS A 826 -0.29 18.48 3.95
N GLY A 827 -1.05 19.19 3.12
CA GLY A 827 -1.84 18.51 2.10
C GLY A 827 -2.99 17.74 2.73
N SER A 828 -3.22 16.52 2.25
CA SER A 828 -4.30 15.67 2.72
C SER A 828 -3.77 14.36 3.33
N SER A 829 -2.46 14.25 3.48
CA SER A 829 -1.84 13.12 4.13
C SER A 829 -0.40 13.50 4.42
N GLU A 830 0.19 12.81 5.38
CA GLU A 830 1.61 12.92 5.68
C GLU A 830 2.12 11.51 5.98
N ALA A 831 3.23 11.13 5.36
CA ALA A 831 3.75 9.78 5.37
C ALA A 831 4.97 9.63 6.30
N PHE A 832 5.09 8.46 6.93
CA PHE A 832 6.14 8.16 7.90
C PHE A 832 6.61 6.72 7.75
N TRP A 833 7.79 6.47 8.29
CA TRP A 833 8.32 5.12 8.43
C TRP A 833 8.42 4.82 9.92
N ILE A 834 7.88 3.66 10.29
CA ILE A 834 8.05 3.07 11.61
C ILE A 834 9.14 2.02 11.47
N LEU A 835 10.17 2.15 12.30
CA LEU A 835 11.37 1.34 12.24
C LEU A 835 11.62 0.84 13.64
N VAL A 836 11.75 -0.47 13.79
CA VAL A 836 12.01 -1.12 15.08
C VAL A 836 13.42 -1.66 14.99
N GLU A 837 14.30 -1.06 15.80
CA GLU A 837 15.75 -1.22 15.72
C GLU A 837 16.26 -1.88 17.00
N ASP A 838 17.32 -2.67 16.88
CA ASP A 838 17.76 -3.50 18.00
C ASP A 838 18.59 -2.68 19.00
N VAL A 839 19.16 -3.39 19.98
CA VAL A 839 19.93 -2.77 21.06
C VAL A 839 20.95 -1.76 20.54
N ASP A 840 21.60 -2.06 19.42
CA ASP A 840 22.76 -1.35 18.93
C ASP A 840 22.44 -0.34 17.85
N SER A 841 21.15 -0.19 17.50
CA SER A 841 20.69 0.57 16.31
C SER A 841 21.40 0.14 15.03
N GLU A 842 21.63 -1.16 14.88
CA GLU A 842 22.28 -1.69 13.69
C GLU A 842 21.36 -2.50 12.79
N VAL A 843 20.33 -3.15 13.34
CA VAL A 843 19.42 -3.97 12.56
C VAL A 843 17.99 -3.43 12.72
N ILE A 844 17.29 -3.28 11.60
CA ILE A 844 15.87 -3.00 11.57
C ILE A 844 15.16 -4.33 11.83
N LEU A 845 14.73 -4.58 13.07
CA LEU A 845 13.93 -5.78 13.29
C LEU A 845 12.61 -5.71 12.58
N HIS A 846 12.06 -4.51 12.38
CA HIS A 846 10.76 -4.43 11.72
C HIS A 846 10.56 -3.04 11.13
N HIS A 847 9.90 -2.95 9.99
CA HIS A 847 9.59 -1.61 9.46
C HIS A 847 8.24 -1.67 8.76
N GLU A 848 7.59 -0.50 8.69
CA GLU A 848 6.41 -0.38 7.85
C GLU A 848 6.13 1.08 7.55
N TYR A 849 5.36 1.30 6.51
CA TYR A 849 4.90 2.61 6.09
C TYR A 849 3.68 3.00 6.92
N PHE A 850 3.54 4.29 7.22
CA PHE A 850 2.41 4.73 8.03
C PHE A 850 1.90 6.04 7.45
N LEU A 851 0.61 6.10 7.15
CA LEU A 851 0.05 7.27 6.47
C LEU A 851 -0.95 7.95 7.40
N LEU A 852 -0.65 9.18 7.82
CA LEU A 852 -1.60 9.95 8.62
C LEU A 852 -2.45 10.78 7.65
N LYS A 853 -3.74 10.43 7.58
CA LYS A 853 -4.70 11.09 6.70
C LYS A 853 -5.28 12.31 7.40
N ALA A 854 -5.52 13.37 6.62
CA ALA A 854 -6.14 14.58 7.18
C ALA A 854 -7.44 14.26 7.90
N LYS A 855 -8.21 13.28 7.41
CA LYS A 855 -9.42 12.82 8.08
C LYS A 855 -9.16 12.51 9.55
N TYR A 856 -7.96 11.98 9.87
CA TYR A 856 -7.66 11.40 11.16
C TYR A 856 -6.54 12.14 11.90
N ALA A 857 -6.22 13.36 11.49
CA ALA A 857 -5.11 14.09 12.09
C ALA A 857 -5.20 14.23 13.60
N GLN A 858 -6.36 13.97 14.20
CA GLN A 858 -6.51 14.16 15.63
C GLN A 858 -6.72 12.84 16.36
N ASP A 859 -6.85 11.75 15.65
CA ASP A 859 -7.15 10.47 16.27
C ASP A 859 -5.86 9.73 16.54
N GLU A 860 -5.90 8.90 17.57
CA GLU A 860 -4.78 8.00 17.81
C GLU A 860 -4.80 6.88 16.81
N HIS A 861 -3.61 6.40 16.44
CA HIS A 861 -3.53 5.27 15.55
C HIS A 861 -2.80 4.15 16.26
N LEU A 862 -3.21 2.92 15.96
CA LEU A 862 -2.70 1.73 16.61
C LEU A 862 -2.02 0.88 15.56
N ILE A 863 -0.79 0.50 15.85
CA ILE A 863 -0.01 -0.37 15.00
C ILE A 863 0.38 -1.56 15.86
N THR A 864 0.30 -2.76 15.30
CA THR A 864 0.70 -3.96 16.02
C THR A 864 1.71 -4.73 15.19
N PHE A 865 2.75 -5.24 15.84
CA PHE A 865 3.69 -6.06 15.09
C PHE A 865 4.39 -7.00 16.06
N PHE A 866 5.17 -7.91 15.49
CA PHE A 866 5.92 -8.91 16.26
C PHE A 866 7.40 -8.63 16.12
N VAL A 867 8.14 -8.81 17.20
CA VAL A 867 9.59 -8.73 17.15
C VAL A 867 10.15 -9.93 17.91
N PRO A 868 11.29 -10.45 17.48
CA PRO A 868 11.98 -11.49 18.27
C PRO A 868 12.74 -10.88 19.43
N VAL A 869 12.99 -11.76 20.41
CA VAL A 869 13.53 -11.40 21.71
C VAL A 869 14.24 -12.65 22.20
N PHE A 870 15.15 -12.51 23.17
CA PHE A 870 15.98 -13.63 23.55
C PHE A 870 16.30 -13.57 25.04
N GLU A 871 17.06 -14.54 25.49
CA GLU A 871 17.46 -14.63 26.88
C GLU A 871 18.95 -14.89 26.94
N PRO A 872 19.73 -14.13 27.74
CA PRO A 872 19.29 -13.01 28.62
C PRO A 872 18.69 -11.89 27.80
N LEU A 873 17.58 -11.34 28.28
CA LEU A 873 16.89 -10.26 27.60
C LEU A 873 17.87 -9.15 27.23
N PRO A 874 17.74 -8.54 26.06
CA PRO A 874 18.52 -7.35 25.76
C PRO A 874 18.00 -6.14 26.53
N PRO A 875 18.86 -5.17 26.81
CA PRO A 875 18.40 -3.99 27.58
C PRO A 875 17.20 -3.25 26.97
N GLN A 876 17.21 -2.92 25.68
CA GLN A 876 16.09 -2.19 25.08
C GLN A 876 16.09 -2.38 23.58
N TYR A 877 14.95 -2.06 22.95
CA TYR A 877 14.87 -1.78 21.52
C TYR A 877 14.55 -0.30 21.28
N PHE A 878 14.36 0.06 20.03
CA PHE A 878 14.06 1.46 19.77
C PHE A 878 12.99 1.50 18.71
N ILE A 879 12.01 2.37 18.87
CA ILE A 879 11.01 2.59 17.83
C ILE A 879 11.20 4.01 17.30
N ARG A 880 11.59 4.12 16.03
CA ARG A 880 11.74 5.39 15.34
C ARG A 880 10.56 5.56 14.42
N VAL A 881 9.96 6.75 14.46
CA VAL A 881 8.98 7.16 13.48
C VAL A 881 9.53 8.40 12.84
N VAL A 882 9.79 8.33 11.55
CA VAL A 882 10.46 9.44 10.91
C VAL A 882 9.67 9.83 9.68
N SER A 883 9.57 11.13 9.44
CA SER A 883 8.81 11.61 8.30
C SER A 883 9.44 11.09 7.01
N ASP A 884 8.59 10.73 6.05
CA ASP A 884 9.08 10.35 4.74
C ASP A 884 9.47 11.53 3.88
N ARG A 885 9.05 12.76 4.23
CA ARG A 885 9.45 13.95 3.45
C ARG A 885 9.99 15.12 4.28
N TRP A 886 9.68 15.23 5.56
CA TRP A 886 10.19 16.35 6.34
C TRP A 886 11.56 16.01 6.91
N LEU A 887 12.50 16.92 6.71
CA LEU A 887 13.77 16.87 7.41
C LEU A 887 13.58 17.21 8.89
N SER A 888 14.44 16.62 9.73
CA SER A 888 14.44 16.82 11.17
C SER A 888 13.09 16.51 11.78
N CYS A 889 12.36 15.62 11.18
CA CYS A 889 11.03 15.34 11.70
C CYS A 889 10.98 13.88 12.15
N GLU A 890 11.20 13.65 13.45
CA GLU A 890 11.38 12.28 13.91
C GLU A 890 11.10 12.16 15.41
N THR A 891 10.65 10.98 15.83
CA THR A 891 10.51 10.66 17.23
C THR A 891 11.03 9.26 17.50
N GLN A 892 11.91 9.12 18.50
CA GLN A 892 12.40 7.81 18.92
C GLN A 892 11.93 7.52 20.33
N LEU A 893 11.30 6.36 20.53
CA LEU A 893 10.87 5.86 21.83
C LEU A 893 11.71 4.67 22.24
N PRO A 894 12.54 4.78 23.28
CA PRO A 894 13.22 3.60 23.83
C PRO A 894 12.22 2.62 24.39
N VAL A 895 12.36 1.34 24.03
CA VAL A 895 11.54 0.30 24.61
C VAL A 895 12.38 -0.57 25.54
N SER A 896 12.36 -0.24 26.81
CA SER A 896 13.13 -0.97 27.80
C SER A 896 12.44 -2.28 28.19
N PHE A 897 13.26 -3.26 28.59
CA PHE A 897 12.81 -4.59 28.96
C PHE A 897 13.16 -4.91 30.41
N ARG A 898 13.47 -3.88 31.20
CA ARG A 898 13.86 -4.06 32.59
C ARG A 898 12.71 -4.63 33.42
N HIS A 899 11.46 -4.46 32.96
CA HIS A 899 10.31 -4.97 33.69
C HIS A 899 9.47 -5.91 32.83
N LEU A 900 10.02 -6.42 31.75
CA LEU A 900 9.26 -7.40 30.98
C LEU A 900 9.14 -8.69 31.78
N ILE A 901 7.90 -9.14 31.97
CA ILE A 901 7.58 -10.44 32.54
C ILE A 901 7.25 -11.37 31.38
N LEU A 902 8.11 -12.35 31.17
CA LEU A 902 7.95 -13.43 30.21
C LEU A 902 7.02 -14.51 30.77
N PRO A 903 6.21 -15.13 29.91
CA PRO A 903 5.47 -16.32 30.34
C PRO A 903 6.42 -17.46 30.63
N GLU A 904 6.01 -18.34 31.52
CA GLU A 904 6.82 -19.53 31.81
C GLU A 904 6.99 -20.35 30.54
N LYS A 905 8.18 -20.94 30.40
CA LYS A 905 8.44 -21.87 29.29
C LYS A 905 7.33 -22.92 29.22
N TYR A 906 6.97 -23.33 28.01
CA TYR A 906 5.79 -24.18 28.00
C TYR A 906 6.15 -25.65 28.29
N PRO A 907 5.20 -26.44 28.79
CA PRO A 907 5.51 -27.80 29.30
C PRO A 907 5.89 -28.78 28.19
N PRO A 908 6.38 -29.96 28.55
CA PRO A 908 6.51 -31.03 27.55
C PRO A 908 5.14 -31.53 27.13
N PRO A 909 5.01 -32.01 25.90
CA PRO A 909 3.71 -32.55 25.45
C PRO A 909 3.32 -33.81 26.20
N THR A 910 2.12 -34.34 25.96
CA THR A 910 1.79 -35.66 26.49
C THR A 910 2.50 -36.69 25.63
N GLU A 911 3.10 -37.68 26.29
CA GLU A 911 3.78 -38.76 25.56
C GLU A 911 2.80 -39.45 24.64
N LEU A 912 3.13 -39.56 23.36
CA LEU A 912 2.38 -40.48 22.52
C LEU A 912 2.79 -41.90 22.90
N LEU A 913 1.84 -42.68 23.40
CA LEU A 913 2.15 -44.02 23.88
C LEU A 913 1.99 -45.02 22.74
N ASP A 914 2.90 -46.00 22.70
CA ASP A 914 2.86 -47.06 21.70
C ASP A 914 1.93 -48.17 22.20
N LEU A 915 0.65 -47.92 22.03
CA LEU A 915 -0.41 -48.88 22.27
C LEU A 915 -0.64 -49.68 21.01
N GLN A 916 -1.18 -50.88 21.17
CA GLN A 916 -1.58 -51.65 20.00
C GLN A 916 -2.77 -50.95 19.36
N PRO A 917 -2.82 -50.86 18.03
CA PRO A 917 -3.89 -50.09 17.39
C PRO A 917 -5.25 -50.60 17.86
N LEU A 918 -6.11 -49.68 18.27
CA LEU A 918 -7.41 -50.05 18.86
C LEU A 918 -8.40 -50.52 17.81
N PRO A 919 -8.80 -51.80 17.79
CA PRO A 919 -9.79 -52.24 16.80
C PRO A 919 -11.15 -51.58 17.03
N VAL A 920 -11.96 -51.53 15.98
CA VAL A 920 -13.32 -51.00 16.12
C VAL A 920 -14.14 -51.84 17.11
N SER A 921 -13.79 -53.14 17.22
CA SER A 921 -14.45 -54.03 18.15
C SER A 921 -14.36 -53.54 19.61
N ALA A 922 -13.46 -52.60 19.92
CA ALA A 922 -13.39 -52.07 21.27
C ALA A 922 -14.70 -51.41 21.68
N LEU A 923 -15.47 -50.89 20.72
CA LEU A 923 -16.70 -50.22 21.11
C LEU A 923 -17.77 -51.16 21.67
N ARG A 924 -17.52 -52.48 21.65
CA ARG A 924 -18.42 -53.50 22.22
C ARG A 924 -19.89 -53.20 21.96
N ASN A 925 -20.27 -53.17 20.67
CA ASN A 925 -21.61 -52.73 20.26
C ASN A 925 -21.74 -52.71 18.75
N SER A 926 -22.50 -53.67 18.20
CA SER A 926 -22.52 -53.91 16.77
C SER A 926 -23.11 -52.73 16.00
N ALA A 927 -24.17 -52.12 16.54
CA ALA A 927 -24.72 -50.93 15.92
C ALA A 927 -23.69 -49.81 15.90
N PHE A 928 -23.00 -49.59 17.03
CA PHE A 928 -21.97 -48.54 17.09
C PHE A 928 -20.84 -48.84 16.12
N GLU A 929 -20.46 -50.11 16.02
CA GLU A 929 -19.36 -50.49 15.14
C GLU A 929 -19.75 -50.37 13.67
N SER A 930 -21.04 -50.44 13.35
CA SER A 930 -21.40 -50.30 11.94
C SER A 930 -21.06 -48.90 11.40
N LEU A 931 -20.75 -47.96 12.29
CA LEU A 931 -20.40 -46.61 11.85
C LEU A 931 -19.05 -46.58 11.13
N TYR A 932 -18.09 -47.40 11.58
CA TYR A 932 -16.70 -47.27 11.19
C TYR A 932 -16.11 -48.46 10.45
N GLN A 933 -16.72 -49.65 10.54
CA GLN A 933 -16.02 -50.87 10.17
C GLN A 933 -15.83 -51.02 8.67
N ASP A 934 -16.61 -50.29 7.87
CA ASP A 934 -16.37 -50.25 6.43
C ASP A 934 -15.14 -49.40 6.10
N LYS A 935 -14.95 -48.28 6.83
CA LYS A 935 -13.90 -47.29 6.54
C LYS A 935 -12.50 -47.81 6.89
N PHE A 936 -12.32 -48.38 8.07
CA PHE A 936 -10.98 -48.74 8.52
C PHE A 936 -11.08 -49.88 9.53
N PRO A 937 -9.96 -50.53 9.84
CA PRO A 937 -9.98 -51.62 10.84
C PRO A 937 -9.50 -51.20 12.22
N PHE A 938 -8.71 -50.12 12.32
CA PHE A 938 -8.09 -49.67 13.57
C PHE A 938 -8.15 -48.16 13.67
N PHE A 939 -8.41 -47.66 14.87
CA PHE A 939 -8.25 -46.24 15.15
C PHE A 939 -6.76 -45.87 15.22
N ASN A 940 -6.46 -44.58 15.00
CA ASN A 940 -5.07 -44.12 14.93
C ASN A 940 -4.51 -44.01 16.34
N PRO A 941 -3.22 -43.66 16.49
CA PRO A 941 -2.66 -43.64 17.86
C PRO A 941 -3.26 -42.60 18.82
N ILE A 942 -3.75 -41.44 18.34
CA ILE A 942 -4.37 -40.47 19.25
C ILE A 942 -5.74 -40.95 19.73
N GLN A 943 -6.63 -41.32 18.81
CA GLN A 943 -7.90 -41.96 19.17
C GLN A 943 -7.68 -43.14 20.12
N THR A 944 -6.66 -43.96 19.84
CA THR A 944 -6.34 -45.12 20.68
C THR A 944 -5.87 -44.71 22.07
N GLN A 945 -5.19 -43.57 22.18
CA GLN A 945 -4.71 -43.20 23.50
C GLN A 945 -5.80 -42.54 24.34
N VAL A 946 -6.74 -41.83 23.73
CA VAL A 946 -7.77 -41.14 24.53
C VAL A 946 -9.05 -41.95 24.67
N PHE A 947 -9.15 -43.11 24.00
CA PHE A 947 -10.39 -43.87 23.98
C PHE A 947 -10.90 -44.20 25.37
N ASN A 948 -10.05 -44.79 26.22
CA ASN A 948 -10.49 -45.26 27.53
C ASN A 948 -11.11 -44.12 28.35
N THR A 949 -10.52 -42.94 28.27
CA THR A 949 -11.04 -41.79 29.01
C THR A 949 -12.31 -41.25 28.39
N VAL A 950 -12.37 -41.20 27.06
CA VAL A 950 -13.54 -40.60 26.45
C VAL A 950 -14.73 -41.53 26.59
N TYR A 951 -14.52 -42.80 26.25
CA TYR A 951 -15.58 -43.78 26.17
C TYR A 951 -15.94 -44.35 27.54
N ASN A 952 -14.97 -44.56 28.45
CA ASN A 952 -15.22 -45.30 29.69
C ASN A 952 -15.22 -44.43 30.95
N SER A 953 -15.30 -43.10 30.82
CA SER A 953 -15.46 -42.25 31.99
C SER A 953 -16.34 -41.08 31.61
N ASP A 954 -16.67 -40.24 32.59
CA ASP A 954 -17.35 -38.98 32.35
C ASP A 954 -16.47 -37.80 32.65
N ASP A 955 -15.17 -38.03 32.84
CA ASP A 955 -14.26 -36.94 33.10
C ASP A 955 -14.26 -35.95 31.94
N ASN A 956 -14.17 -34.66 32.26
CA ASN A 956 -13.97 -33.66 31.21
C ASN A 956 -12.64 -33.92 30.50
N VAL A 957 -12.61 -33.75 29.17
CA VAL A 957 -11.46 -34.15 28.38
C VAL A 957 -10.99 -32.99 27.52
N PHE A 958 -9.67 -32.82 27.45
CA PHE A 958 -9.02 -31.96 26.47
C PHE A 958 -8.16 -32.84 25.57
N VAL A 959 -8.38 -32.74 24.26
CA VAL A 959 -7.52 -33.39 23.28
C VAL A 959 -6.92 -32.33 22.36
N GLY A 960 -5.59 -32.21 22.39
CA GLY A 960 -4.85 -31.31 21.52
C GLY A 960 -3.94 -32.08 20.58
N ALA A 961 -3.99 -31.77 19.30
CA ALA A 961 -3.25 -32.49 18.27
C ALA A 961 -3.46 -31.76 16.94
N PRO A 962 -2.55 -31.94 15.98
CA PRO A 962 -2.67 -31.17 14.74
C PRO A 962 -3.97 -31.48 14.01
N THR A 963 -4.46 -30.50 13.24
CA THR A 963 -5.53 -30.77 12.29
C THR A 963 -5.15 -31.94 11.42
N GLY A 964 -6.09 -32.87 11.26
CA GLY A 964 -5.80 -34.12 10.58
C GLY A 964 -5.39 -35.24 11.51
N SER A 965 -5.64 -35.09 12.81
CA SER A 965 -5.38 -36.11 13.81
C SER A 965 -6.61 -36.97 14.07
N GLY A 966 -7.75 -36.64 13.47
CA GLY A 966 -8.95 -37.40 13.74
C GLY A 966 -9.62 -37.08 15.05
N LYS A 967 -9.56 -35.81 15.48
CA LYS A 967 -10.15 -35.39 16.75
C LYS A 967 -11.67 -35.48 16.77
N THR A 968 -12.30 -35.45 15.60
CA THR A 968 -13.76 -35.52 15.59
C THR A 968 -14.25 -36.93 15.95
N ILE A 969 -13.47 -37.97 15.65
CA ILE A 969 -13.82 -39.31 16.14
C ILE A 969 -13.75 -39.34 17.66
N CYS A 970 -12.81 -38.58 18.23
CA CYS A 970 -12.72 -38.48 19.68
C CYS A 970 -14.01 -37.88 20.26
N ALA A 971 -14.56 -36.84 19.61
CA ALA A 971 -15.89 -36.36 20.01
C ALA A 971 -16.97 -37.46 19.86
N GLU A 972 -16.93 -38.20 18.75
CA GLU A 972 -17.90 -39.28 18.57
C GLU A 972 -17.87 -40.31 19.71
N PHE A 973 -16.69 -40.59 20.28
CA PHE A 973 -16.63 -41.52 21.42
C PHE A 973 -17.50 -41.04 22.59
N ALA A 974 -17.46 -39.73 22.86
CA ALA A 974 -18.23 -39.18 23.98
C ALA A 974 -19.72 -39.17 23.69
N ILE A 975 -20.09 -38.95 22.42
CA ILE A 975 -21.49 -39.00 22.03
C ILE A 975 -22.02 -40.42 22.16
N LEU A 976 -21.25 -41.42 21.73
CA LEU A 976 -21.69 -42.80 21.86
C LEU A 976 -21.88 -43.18 23.33
N ARG A 977 -20.91 -42.81 24.18
CA ARG A 977 -21.05 -43.05 25.62
C ARG A 977 -22.34 -42.44 26.15
N MET A 978 -22.57 -41.14 25.86
CA MET A 978 -23.81 -40.48 26.26
C MET A 978 -25.03 -41.27 25.81
N LEU A 979 -25.02 -41.78 24.56
CA LEU A 979 -26.17 -42.47 24.03
C LEU A 979 -26.48 -43.74 24.82
N LEU A 980 -25.44 -44.39 25.34
CA LEU A 980 -25.67 -45.54 26.22
C LEU A 980 -26.24 -45.12 27.58
N GLN A 981 -25.78 -44.00 28.16
CA GLN A 981 -26.31 -43.60 29.47
C GLN A 981 -27.75 -43.08 29.39
N SER A 982 -28.07 -42.31 28.37
CA SER A 982 -29.34 -41.58 28.28
C SER A 982 -29.93 -41.77 26.89
N SER A 983 -31.01 -42.56 26.81
CA SER A 983 -31.62 -42.84 25.51
C SER A 983 -32.07 -41.56 24.81
N GLU A 984 -32.54 -40.56 25.56
CA GLU A 984 -32.85 -39.26 24.98
C GLU A 984 -31.92 -38.16 25.53
N GLY A 985 -30.61 -38.45 25.53
CA GLY A 985 -29.65 -37.50 26.02
C GLY A 985 -29.25 -36.47 24.97
N ARG A 986 -28.86 -35.29 25.44
CA ARG A 986 -28.60 -34.17 24.56
C ARG A 986 -27.12 -33.83 24.56
N CYS A 987 -26.53 -33.78 23.37
CA CYS A 987 -25.17 -33.29 23.17
C CYS A 987 -25.25 -32.07 22.27
N VAL A 988 -24.62 -30.97 22.68
CA VAL A 988 -24.44 -29.78 21.84
C VAL A 988 -22.98 -29.75 21.37
N TYR A 989 -22.79 -29.72 20.05
CA TYR A 989 -21.45 -29.62 19.46
C TYR A 989 -21.29 -28.25 18.84
N ILE A 990 -20.28 -27.51 19.31
CA ILE A 990 -19.96 -26.18 18.82
C ILE A 990 -18.70 -26.29 17.99
N THR A 991 -18.74 -25.77 16.76
CA THR A 991 -17.55 -25.52 15.96
C THR A 991 -17.60 -24.07 15.50
N PRO A 992 -16.43 -23.42 15.34
CA PRO A 992 -16.43 -21.96 15.18
C PRO A 992 -16.77 -21.46 13.78
N MET A 993 -16.80 -22.33 12.78
CA MET A 993 -17.01 -21.91 11.41
C MET A 993 -18.29 -22.54 10.88
N GLU A 994 -19.02 -21.80 10.06
CA GLU A 994 -20.28 -22.33 9.58
C GLU A 994 -20.06 -23.44 8.55
N ALA A 995 -19.02 -23.31 7.72
CA ALA A 995 -18.75 -24.34 6.70
C ALA A 995 -18.26 -25.64 7.35
N LEU A 996 -17.50 -25.51 8.43
CA LEU A 996 -17.15 -26.67 9.26
C LEU A 996 -18.40 -27.32 9.84
N ALA A 997 -19.29 -26.51 10.44
CA ALA A 997 -20.54 -27.04 11.01
C ALA A 997 -21.40 -27.74 9.96
N GLU A 998 -21.40 -27.25 8.72
CA GLU A 998 -22.21 -27.91 7.68
C GLU A 998 -21.61 -29.25 7.25
N GLN A 999 -20.27 -29.34 7.14
CA GLN A 999 -19.65 -30.65 6.89
C GLN A 999 -19.95 -31.64 8.01
N VAL A 1000 -19.74 -31.20 9.27
CA VAL A 1000 -20.03 -32.05 10.42
C VAL A 1000 -21.49 -32.47 10.42
N TYR A 1001 -22.38 -31.60 9.94
CA TYR A 1001 -23.79 -31.94 9.94
C TYR A 1001 -24.07 -33.08 8.98
N MET A 1002 -23.48 -33.03 7.78
CA MET A 1002 -23.71 -34.16 6.85
C MET A 1002 -23.16 -35.47 7.41
N ASP A 1003 -21.92 -35.45 7.92
CA ASP A 1003 -21.32 -36.69 8.40
C ASP A 1003 -22.06 -37.27 9.61
N TRP A 1004 -22.46 -36.41 10.56
CA TRP A 1004 -23.13 -36.89 11.77
C TRP A 1004 -24.61 -37.21 11.56
N TYR A 1005 -25.27 -36.58 10.58
CA TYR A 1005 -26.55 -37.10 10.14
C TYR A 1005 -26.41 -38.55 9.69
N GLU A 1006 -25.48 -38.79 8.76
CA GLU A 1006 -25.27 -40.15 8.25
C GLU A 1006 -24.96 -41.14 9.38
N LYS A 1007 -24.13 -40.75 10.35
CA LYS A 1007 -23.73 -41.71 11.37
C LYS A 1007 -24.80 -41.90 12.43
N PHE A 1008 -25.42 -40.82 12.91
CA PHE A 1008 -26.27 -40.90 14.08
C PHE A 1008 -27.76 -40.84 13.78
N GLN A 1009 -28.18 -40.31 12.63
CA GLN A 1009 -29.59 -40.40 12.26
C GLN A 1009 -29.85 -41.58 11.33
N ASP A 1010 -29.23 -41.60 10.15
CA ASP A 1010 -29.46 -42.71 9.22
C ASP A 1010 -29.07 -44.05 9.83
N ARG A 1011 -27.92 -44.14 10.51
CA ARG A 1011 -27.51 -45.43 11.07
C ARG A 1011 -28.11 -45.69 12.45
N LEU A 1012 -27.81 -44.85 13.44
CA LEU A 1012 -28.23 -45.12 14.81
C LEU A 1012 -29.65 -44.64 15.13
N ASN A 1013 -30.32 -43.96 14.21
CA ASN A 1013 -31.68 -43.45 14.41
C ASN A 1013 -31.80 -42.60 15.67
N LYS A 1014 -30.80 -41.76 15.91
CA LYS A 1014 -30.99 -40.62 16.79
C LYS A 1014 -31.35 -39.41 15.91
N LYS A 1015 -31.57 -38.26 16.53
CA LYS A 1015 -31.97 -37.06 15.82
C LYS A 1015 -30.80 -36.08 15.77
N VAL A 1016 -30.31 -35.76 14.55
CA VAL A 1016 -29.23 -34.81 14.36
C VAL A 1016 -29.82 -33.53 13.77
N VAL A 1017 -29.48 -32.38 14.38
CA VAL A 1017 -29.97 -31.08 13.92
C VAL A 1017 -28.82 -30.10 13.83
N LEU A 1018 -28.97 -29.13 12.94
CA LEU A 1018 -28.05 -28.00 12.77
C LEU A 1018 -28.83 -26.73 13.12
N LEU A 1019 -28.34 -25.96 14.08
CA LEU A 1019 -29.00 -24.70 14.41
C LEU A 1019 -28.89 -23.72 13.24
N THR A 1020 -29.93 -22.93 13.07
CA THR A 1020 -30.08 -22.07 11.91
C THR A 1020 -29.86 -20.59 12.22
N GLY A 1021 -30.01 -20.20 13.50
CA GLY A 1021 -30.03 -18.82 13.90
C GLY A 1021 -31.42 -18.25 14.10
N GLU A 1022 -32.45 -18.98 13.76
CA GLU A 1022 -33.82 -18.56 14.01
C GLU A 1022 -34.24 -19.09 15.37
N THR A 1023 -34.57 -18.19 16.30
CA THR A 1023 -34.66 -18.62 17.69
C THR A 1023 -35.77 -19.65 17.91
N SER A 1024 -36.94 -19.50 17.29
CA SER A 1024 -38.00 -20.48 17.56
C SER A 1024 -37.74 -21.79 16.80
N THR A 1025 -37.30 -21.72 15.54
CA THR A 1025 -36.73 -22.89 14.86
C THR A 1025 -35.71 -23.60 15.75
N ASP A 1026 -34.76 -22.85 16.32
CA ASP A 1026 -33.66 -23.46 17.04
C ASP A 1026 -34.10 -24.03 18.39
N LEU A 1027 -35.10 -23.42 19.04
CA LEU A 1027 -35.62 -24.00 20.27
C LEU A 1027 -36.32 -25.34 20.00
N LYS A 1028 -37.12 -25.42 18.94
CA LYS A 1028 -37.70 -26.72 18.60
C LYS A 1028 -36.61 -27.74 18.22
N LEU A 1029 -35.57 -27.28 17.51
CA LEU A 1029 -34.47 -28.18 17.14
C LEU A 1029 -33.74 -28.70 18.38
N LEU A 1030 -33.44 -27.81 19.31
CA LEU A 1030 -32.77 -28.19 20.55
C LEU A 1030 -33.61 -29.11 21.39
N GLY A 1031 -34.92 -28.93 21.39
CA GLY A 1031 -35.78 -29.85 22.09
C GLY A 1031 -35.77 -31.26 21.52
N LYS A 1032 -36.08 -31.39 20.22
CA LYS A 1032 -36.25 -32.74 19.69
C LYS A 1032 -34.93 -33.48 19.47
N GLY A 1033 -33.84 -32.79 19.11
CA GLY A 1033 -32.62 -33.47 18.73
C GLY A 1033 -31.72 -33.95 19.86
N ASN A 1034 -30.98 -35.04 19.59
CA ASN A 1034 -29.98 -35.58 20.52
C ASN A 1034 -28.57 -35.06 20.24
N ILE A 1035 -28.30 -34.68 18.99
CA ILE A 1035 -27.02 -34.11 18.62
C ILE A 1035 -27.34 -32.79 17.94
N ILE A 1036 -26.97 -31.68 18.58
CA ILE A 1036 -27.27 -30.33 18.13
C ILE A 1036 -25.95 -29.69 17.70
N ILE A 1037 -25.75 -29.51 16.40
CA ILE A 1037 -24.57 -28.85 15.86
C ILE A 1037 -24.82 -27.35 15.70
N SER A 1038 -23.86 -26.53 16.16
CA SER A 1038 -24.04 -25.09 16.13
C SER A 1038 -22.71 -24.35 16.03
N THR A 1039 -22.74 -23.16 15.43
CA THR A 1039 -21.67 -22.19 15.58
C THR A 1039 -21.89 -21.36 16.85
N PRO A 1040 -20.85 -20.65 17.30
CA PRO A 1040 -20.92 -20.03 18.64
C PRO A 1040 -22.05 -19.03 18.83
N GLU A 1041 -22.24 -18.11 17.90
CA GLU A 1041 -23.24 -17.08 18.14
C GLU A 1041 -24.65 -17.66 18.19
N LYS A 1042 -24.93 -18.68 17.39
CA LYS A 1042 -26.26 -19.28 17.47
C LYS A 1042 -26.49 -19.93 18.82
N TRP A 1043 -25.43 -20.46 19.43
CA TRP A 1043 -25.57 -21.03 20.76
C TRP A 1043 -25.58 -19.96 21.83
N ASP A 1044 -24.93 -18.82 21.55
CA ASP A 1044 -24.93 -17.71 22.48
C ASP A 1044 -26.34 -17.16 22.67
N ILE A 1045 -27.01 -16.84 21.55
CA ILE A 1045 -28.38 -16.34 21.66
C ILE A 1045 -29.25 -17.30 22.47
N LEU A 1046 -29.06 -18.61 22.27
CA LEU A 1046 -29.86 -19.60 22.97
C LEU A 1046 -29.52 -19.65 24.45
N SER A 1047 -28.25 -19.83 24.77
CA SER A 1047 -27.87 -20.19 26.13
C SER A 1047 -27.79 -19.00 27.05
N ARG A 1048 -27.84 -17.77 26.51
CA ARG A 1048 -28.03 -16.59 27.37
C ARG A 1048 -29.29 -16.73 28.24
N ARG A 1049 -30.33 -17.36 27.72
CA ARG A 1049 -31.60 -17.49 28.43
C ARG A 1049 -31.70 -18.85 29.13
N TRP A 1050 -30.60 -19.32 29.74
CA TRP A 1050 -30.59 -20.68 30.26
C TRP A 1050 -31.46 -20.81 31.50
N LYS A 1051 -31.59 -19.75 32.29
CA LYS A 1051 -32.42 -19.77 33.48
C LYS A 1051 -33.87 -20.14 33.17
N GLN A 1052 -34.31 -19.87 31.94
CA GLN A 1052 -35.70 -20.07 31.54
C GLN A 1052 -35.85 -21.07 30.42
N ARG A 1053 -34.81 -21.85 30.12
CA ARG A 1053 -34.81 -22.80 29.00
C ARG A 1053 -34.26 -24.11 29.54
N LYS A 1054 -35.13 -24.99 29.98
CA LYS A 1054 -34.70 -26.24 30.57
C LYS A 1054 -33.82 -27.06 29.62
N ASN A 1055 -34.08 -27.00 28.31
CA ASN A 1055 -33.26 -27.78 27.37
C ASN A 1055 -31.79 -27.33 27.37
N VAL A 1056 -31.52 -26.07 27.70
CA VAL A 1056 -30.13 -25.62 27.80
C VAL A 1056 -29.48 -26.12 29.09
N GLN A 1057 -30.26 -26.28 30.16
CA GLN A 1057 -29.69 -26.87 31.37
C GLN A 1057 -29.54 -28.38 31.23
N ASN A 1058 -30.59 -29.05 30.74
CA ASN A 1058 -30.58 -30.50 30.55
C ASN A 1058 -29.78 -30.90 29.32
N ILE A 1059 -28.54 -30.43 29.24
CA ILE A 1059 -27.56 -30.85 28.25
C ILE A 1059 -26.65 -31.87 28.91
N ASN A 1060 -26.55 -33.06 28.33
CA ASN A 1060 -25.68 -34.10 28.89
C ASN A 1060 -24.22 -33.89 28.54
N LEU A 1061 -23.94 -33.41 27.32
CA LEU A 1061 -22.59 -33.37 26.77
C LEU A 1061 -22.40 -32.09 25.98
N PHE A 1062 -21.29 -31.40 26.23
CA PHE A 1062 -20.94 -30.19 25.50
C PHE A 1062 -19.56 -30.41 24.87
N VAL A 1063 -19.52 -30.54 23.55
CA VAL A 1063 -18.28 -30.69 22.81
C VAL A 1063 -18.02 -29.39 22.08
N VAL A 1064 -16.81 -28.85 22.20
CA VAL A 1064 -16.39 -27.67 21.47
C VAL A 1064 -15.14 -28.03 20.67
N ASP A 1065 -15.21 -27.84 19.35
CA ASP A 1065 -14.13 -28.13 18.42
C ASP A 1065 -13.35 -26.86 18.09
N GLU A 1066 -12.16 -27.05 17.52
CA GLU A 1066 -11.24 -25.96 17.13
C GLU A 1066 -11.19 -24.84 18.19
N VAL A 1067 -11.02 -25.23 19.45
CA VAL A 1067 -11.08 -24.30 20.59
C VAL A 1067 -9.86 -23.37 20.67
N HIS A 1068 -8.74 -23.74 20.04
CA HIS A 1068 -7.63 -22.80 19.94
C HIS A 1068 -8.10 -21.47 19.33
N LEU A 1069 -9.21 -21.49 18.56
CA LEU A 1069 -9.75 -20.26 18.04
C LEU A 1069 -10.29 -19.32 19.11
N ILE A 1070 -10.21 -19.61 20.41
CA ILE A 1070 -10.56 -18.53 21.35
C ILE A 1070 -9.60 -17.37 21.16
N GLY A 1071 -8.37 -17.64 20.72
CA GLY A 1071 -7.38 -16.60 20.66
C GLY A 1071 -7.41 -15.74 19.42
N GLY A 1072 -8.34 -16.04 18.52
CA GLY A 1072 -8.43 -15.38 17.24
C GLY A 1072 -9.56 -14.39 17.19
N GLU A 1073 -9.89 -13.96 15.97
CA GLU A 1073 -10.70 -12.76 15.81
C GLU A 1073 -12.11 -12.92 16.37
N ASN A 1074 -12.67 -14.13 16.38
CA ASN A 1074 -14.01 -14.29 16.91
C ASN A 1074 -14.03 -15.05 18.22
N GLY A 1075 -12.87 -15.17 18.89
CA GLY A 1075 -12.73 -15.97 20.07
C GLY A 1075 -13.57 -15.60 21.26
N PRO A 1076 -13.86 -14.30 21.51
CA PRO A 1076 -14.63 -13.98 22.73
C PRO A 1076 -16.00 -14.66 22.84
N VAL A 1077 -16.84 -14.70 21.79
CA VAL A 1077 -18.12 -15.42 21.90
C VAL A 1077 -17.90 -16.89 22.28
N LEU A 1078 -16.85 -17.51 21.71
CA LEU A 1078 -16.55 -18.91 22.05
C LEU A 1078 -16.10 -19.05 23.50
N GLU A 1079 -15.27 -18.14 23.98
CA GLU A 1079 -14.87 -18.17 25.37
C GLU A 1079 -16.09 -18.00 26.28
N VAL A 1080 -16.96 -17.04 25.96
CA VAL A 1080 -18.13 -16.79 26.80
C VAL A 1080 -19.02 -18.04 26.87
N ILE A 1081 -19.39 -18.64 25.72
CA ILE A 1081 -20.33 -19.76 25.84
C ILE A 1081 -19.69 -20.92 26.58
N CYS A 1082 -18.37 -21.15 26.41
CA CYS A 1082 -17.75 -22.21 27.21
C CYS A 1082 -17.75 -21.89 28.71
N SER A 1083 -17.45 -20.64 29.09
CA SER A 1083 -17.50 -20.25 30.50
C SER A 1083 -18.92 -20.42 31.04
N ARG A 1084 -19.92 -20.16 30.18
CA ARG A 1084 -21.30 -20.31 30.61
C ARG A 1084 -21.66 -21.77 30.82
N MET A 1085 -21.17 -22.68 29.98
CA MET A 1085 -21.54 -24.08 30.17
C MET A 1085 -20.92 -24.62 31.45
N ARG A 1086 -19.69 -24.19 31.78
CA ARG A 1086 -19.09 -24.53 33.08
C ARG A 1086 -19.93 -23.99 34.25
N TYR A 1087 -20.38 -22.73 34.13
CA TYR A 1087 -21.12 -22.11 35.23
C TYR A 1087 -22.51 -22.75 35.43
N ILE A 1088 -23.21 -23.08 34.34
CA ILE A 1088 -24.47 -23.81 34.44
C ILE A 1088 -24.26 -25.17 35.11
N SER A 1089 -23.21 -25.90 34.68
CA SER A 1089 -22.92 -27.20 35.30
C SER A 1089 -22.76 -27.06 36.81
N SER A 1090 -22.06 -26.03 37.27
CA SER A 1090 -21.92 -25.84 38.72
C SER A 1090 -23.26 -25.45 39.38
N GLN A 1091 -24.17 -24.80 38.65
CA GLN A 1091 -25.46 -24.46 39.27
C GLN A 1091 -26.35 -25.68 39.45
N ILE A 1092 -26.42 -26.58 38.45
CA ILE A 1092 -27.52 -27.53 38.36
C ILE A 1092 -27.28 -28.89 39.02
N GLU A 1093 -26.21 -29.03 39.78
CA GLU A 1093 -26.00 -30.22 40.65
C GLU A 1093 -26.27 -31.53 39.90
N ARG A 1094 -25.72 -31.63 38.71
CA ARG A 1094 -25.83 -32.72 37.75
C ARG A 1094 -24.99 -32.25 36.58
N PRO A 1095 -23.69 -32.54 36.58
CA PRO A 1095 -22.75 -31.75 35.77
C PRO A 1095 -22.88 -32.04 34.28
N ILE A 1096 -22.53 -31.05 33.48
CA ILE A 1096 -22.52 -31.21 32.03
C ILE A 1096 -21.11 -31.56 31.63
N ARG A 1097 -20.95 -32.71 30.97
CA ARG A 1097 -19.62 -33.14 30.59
C ARG A 1097 -19.10 -32.30 29.44
N ILE A 1098 -17.81 -31.93 29.50
CA ILE A 1098 -17.21 -31.12 28.45
C ILE A 1098 -16.06 -31.85 27.79
N VAL A 1099 -16.01 -31.75 26.47
CA VAL A 1099 -14.87 -32.23 25.69
C VAL A 1099 -14.40 -31.13 24.72
N ALA A 1100 -13.17 -30.67 24.92
CA ALA A 1100 -12.57 -29.65 24.09
C ALA A 1100 -11.54 -30.28 23.17
N LEU A 1101 -11.62 -29.94 21.87
CA LEU A 1101 -10.72 -30.40 20.83
C LEU A 1101 -9.94 -29.19 20.33
N SER A 1102 -8.63 -29.35 20.13
CA SER A 1102 -7.78 -28.21 19.78
C SER A 1102 -6.62 -28.64 18.88
N SER A 1103 -6.05 -27.64 18.18
CA SER A 1103 -4.68 -27.82 17.68
C SER A 1103 -3.72 -27.86 18.85
N SER A 1104 -2.51 -28.35 18.59
CA SER A 1104 -1.49 -28.40 19.62
C SER A 1104 -1.30 -27.05 20.30
N LEU A 1105 -1.34 -27.05 21.63
CA LEU A 1105 -1.28 -25.82 22.41
C LEU A 1105 -0.11 -25.90 23.35
N SER A 1106 0.68 -24.83 23.41
CA SER A 1106 1.74 -24.75 24.38
C SER A 1106 1.17 -24.55 25.77
N ASN A 1107 0.07 -23.81 25.87
CA ASN A 1107 -0.61 -23.58 27.14
C ASN A 1107 -1.91 -24.37 27.21
N ALA A 1108 -1.85 -25.62 26.75
CA ALA A 1108 -3.01 -26.50 26.85
C ALA A 1108 -3.49 -26.65 28.29
N LYS A 1109 -2.55 -26.73 29.26
CA LYS A 1109 -2.93 -26.88 30.66
C LYS A 1109 -3.87 -25.79 31.14
N ASP A 1110 -3.70 -24.55 30.61
CA ASP A 1110 -4.58 -23.46 31.02
C ASP A 1110 -6.00 -23.64 30.46
N VAL A 1111 -6.12 -24.04 29.19
CA VAL A 1111 -7.47 -24.29 28.67
C VAL A 1111 -8.13 -25.40 29.48
N ALA A 1112 -7.39 -26.49 29.74
CA ALA A 1112 -7.94 -27.61 30.48
C ALA A 1112 -8.36 -27.22 31.89
N HIS A 1113 -7.56 -26.38 32.57
CA HIS A 1113 -7.95 -25.94 33.90
C HIS A 1113 -9.22 -25.10 33.84
N TRP A 1114 -9.29 -24.20 32.87
CA TRP A 1114 -10.48 -23.35 32.70
C TRP A 1114 -11.75 -24.19 32.46
N LEU A 1115 -11.65 -25.25 31.65
CA LEU A 1115 -12.78 -26.13 31.40
C LEU A 1115 -12.91 -27.28 32.40
N GLY A 1116 -12.08 -27.31 33.44
CA GLY A 1116 -12.23 -28.32 34.47
C GLY A 1116 -11.81 -29.71 34.05
N CYS A 1117 -10.80 -29.85 33.21
CA CYS A 1117 -10.22 -31.15 32.91
C CYS A 1117 -9.08 -31.41 33.87
N SER A 1118 -9.03 -32.61 34.45
CA SER A 1118 -7.89 -32.98 35.29
C SER A 1118 -6.65 -33.22 34.43
N ALA A 1119 -5.49 -33.34 35.09
CA ALA A 1119 -4.26 -33.61 34.36
C ALA A 1119 -4.31 -34.96 33.67
N THR A 1120 -4.92 -35.96 34.32
CA THR A 1120 -4.98 -37.28 33.70
C THR A 1120 -5.91 -37.32 32.49
N SER A 1121 -6.75 -36.29 32.30
CA SER A 1121 -7.71 -36.23 31.20
C SER A 1121 -7.38 -35.10 30.22
N THR A 1122 -6.16 -34.58 30.27
CA THR A 1122 -5.68 -33.55 29.36
C THR A 1122 -4.63 -34.19 28.47
N PHE A 1123 -4.99 -34.39 27.19
CA PHE A 1123 -4.08 -34.98 26.22
C PHE A 1123 -3.49 -33.85 25.39
N ASN A 1124 -2.23 -33.54 25.64
CA ASN A 1124 -1.58 -32.34 25.11
C ASN A 1124 -0.55 -32.76 24.06
N PHE A 1125 -1.02 -33.16 22.87
CA PHE A 1125 -0.11 -33.67 21.87
C PHE A 1125 0.43 -32.51 21.02
N HIS A 1126 1.68 -32.64 20.60
CA HIS A 1126 2.38 -31.62 19.85
C HIS A 1126 2.55 -32.08 18.39
N PRO A 1127 2.94 -31.16 17.47
CA PRO A 1127 2.76 -31.47 16.02
C PRO A 1127 3.49 -32.73 15.54
N ASN A 1128 4.59 -33.10 16.16
CA ASN A 1128 5.32 -34.31 15.80
C ASN A 1128 4.50 -35.59 15.89
N VAL A 1129 3.25 -35.55 16.37
CA VAL A 1129 2.50 -36.79 16.52
C VAL A 1129 1.35 -36.91 15.53
N ARG A 1130 1.39 -36.18 14.41
CA ARG A 1130 0.31 -36.30 13.44
C ARG A 1130 0.31 -37.71 12.85
N PRO A 1131 -0.83 -38.42 12.83
CA PRO A 1131 -0.79 -39.84 12.41
C PRO A 1131 -0.27 -40.05 10.99
N VAL A 1132 -0.62 -39.18 10.05
CA VAL A 1132 0.07 -39.08 8.77
C VAL A 1132 1.23 -38.11 8.96
N PRO A 1133 2.48 -38.56 8.91
CA PRO A 1133 3.61 -37.66 9.15
C PRO A 1133 3.59 -36.48 8.17
N LEU A 1134 3.91 -35.28 8.68
CA LEU A 1134 3.93 -34.09 7.84
C LEU A 1134 5.36 -33.65 7.57
N GLU A 1135 5.70 -33.48 6.30
CA GLU A 1135 6.93 -32.81 5.88
C GLU A 1135 6.57 -31.39 5.47
N LEU A 1136 6.97 -30.42 6.29
CA LEU A 1136 6.73 -29.01 6.03
C LEU A 1136 8.01 -28.34 5.56
N HIS A 1137 7.91 -27.57 4.48
CA HIS A 1137 9.03 -26.80 3.94
C HIS A 1137 8.60 -25.35 3.84
N ILE A 1138 9.44 -24.43 4.31
CA ILE A 1138 9.11 -23.02 4.35
C ILE A 1138 10.13 -22.31 3.47
N GLN A 1139 9.71 -21.85 2.30
CA GLN A 1139 10.55 -21.12 1.36
C GLN A 1139 10.31 -19.63 1.57
N GLY A 1140 11.37 -18.90 1.94
CA GLY A 1140 11.31 -17.47 1.93
C GLY A 1140 11.69 -16.92 0.56
N PHE A 1141 10.96 -15.89 0.15
CA PHE A 1141 11.18 -15.12 -1.06
C PHE A 1141 11.45 -13.69 -0.62
N ASN A 1142 12.61 -13.16 -1.01
CA ASN A 1142 13.07 -11.87 -0.53
C ASN A 1142 12.64 -10.76 -1.48
N ILE A 1143 11.37 -10.71 -1.83
CA ILE A 1143 10.83 -9.66 -2.69
C ILE A 1143 9.75 -8.96 -1.90
N SER A 1144 9.84 -7.65 -1.80
CA SER A 1144 8.91 -6.91 -0.95
C SER A 1144 7.71 -6.35 -1.70
N HIS A 1145 7.75 -6.36 -3.02
CA HIS A 1145 6.61 -5.99 -3.84
C HIS A 1145 5.77 -7.24 -4.11
N THR A 1146 4.48 -7.18 -3.76
CA THR A 1146 3.63 -8.37 -3.74
C THR A 1146 3.50 -9.00 -5.12
N GLN A 1147 3.11 -8.21 -6.14
CA GLN A 1147 2.91 -8.77 -7.47
C GLN A 1147 4.18 -9.45 -8.01
N THR A 1148 5.34 -8.84 -7.76
CA THR A 1148 6.60 -9.42 -8.22
C THR A 1148 6.99 -10.64 -7.40
N ARG A 1149 6.64 -10.65 -6.10
CA ARG A 1149 6.97 -11.83 -5.30
C ARG A 1149 6.10 -13.02 -5.71
N LEU A 1150 4.83 -12.78 -6.09
CA LEU A 1150 3.99 -13.87 -6.59
C LEU A 1150 4.54 -14.38 -7.91
N LEU A 1151 4.99 -13.46 -8.78
CA LEU A 1151 5.63 -13.89 -10.02
C LEU A 1151 6.82 -14.78 -9.73
N SER A 1152 7.68 -14.40 -8.77
CA SER A 1152 8.84 -15.26 -8.49
C SER A 1152 8.44 -16.59 -7.87
N MET A 1153 7.22 -16.70 -7.29
CA MET A 1153 6.71 -17.98 -6.80
C MET A 1153 6.16 -18.87 -7.91
N ALA A 1154 5.74 -18.29 -9.05
CA ALA A 1154 5.11 -19.06 -10.13
C ALA A 1154 5.85 -20.36 -10.49
N LYS A 1155 7.14 -20.30 -10.88
CA LYS A 1155 7.78 -21.56 -11.29
C LYS A 1155 8.07 -22.47 -10.09
N PRO A 1156 8.56 -21.92 -8.96
CA PRO A 1156 8.63 -22.74 -7.73
C PRO A 1156 7.35 -23.51 -7.43
N VAL A 1157 6.14 -22.97 -7.66
CA VAL A 1157 4.92 -23.78 -7.50
C VAL A 1157 5.00 -25.05 -8.35
N TYR A 1158 5.21 -24.88 -9.66
CA TYR A 1158 5.34 -26.03 -10.56
C TYR A 1158 6.41 -27.00 -10.09
N HIS A 1159 7.62 -26.48 -9.79
CA HIS A 1159 8.74 -27.31 -9.35
C HIS A 1159 8.42 -28.07 -8.06
N ALA A 1160 7.64 -27.46 -7.15
CA ALA A 1160 7.25 -28.12 -5.93
C ALA A 1160 6.35 -29.29 -6.24
N ILE A 1161 5.43 -29.11 -7.20
CA ILE A 1161 4.61 -30.24 -7.60
C ILE A 1161 5.48 -31.41 -8.07
N THR A 1162 6.42 -31.12 -8.99
CA THR A 1162 7.19 -32.23 -9.56
C THR A 1162 8.18 -32.81 -8.54
N LYS A 1163 8.66 -32.02 -7.58
CA LYS A 1163 9.54 -32.56 -6.54
C LYS A 1163 8.77 -33.36 -5.50
N HIS A 1164 7.69 -32.82 -4.95
CA HIS A 1164 7.07 -33.38 -3.77
C HIS A 1164 5.83 -34.24 -4.04
N SER A 1165 5.19 -34.10 -5.19
CA SER A 1165 3.98 -34.88 -5.40
C SER A 1165 3.71 -35.02 -6.89
N PRO A 1166 4.63 -35.62 -7.64
CA PRO A 1166 4.52 -35.60 -9.12
C PRO A 1166 3.36 -36.41 -9.66
N LYS A 1167 2.87 -37.41 -8.91
CA LYS A 1167 1.72 -38.19 -9.36
C LYS A 1167 0.47 -38.05 -8.51
N LYS A 1168 0.57 -37.56 -7.25
CA LYS A 1168 -0.50 -37.56 -6.26
C LYS A 1168 -1.13 -36.17 -6.15
N PRO A 1169 -2.32 -36.04 -5.55
CA PRO A 1169 -3.09 -34.79 -5.71
C PRO A 1169 -2.53 -33.61 -4.94
N VAL A 1170 -2.69 -32.42 -5.53
CA VAL A 1170 -2.06 -31.19 -5.06
C VAL A 1170 -3.12 -30.09 -4.90
N ILE A 1171 -3.09 -29.39 -3.78
CA ILE A 1171 -3.93 -28.22 -3.55
C ILE A 1171 -3.02 -27.03 -3.37
N VAL A 1172 -3.27 -25.98 -4.15
CA VAL A 1172 -2.48 -24.76 -4.12
C VAL A 1172 -3.37 -23.66 -3.61
N PHE A 1173 -3.07 -23.11 -2.45
CA PHE A 1173 -3.81 -21.96 -1.93
C PHE A 1173 -3.19 -20.66 -2.39
N VAL A 1174 -4.01 -19.77 -2.94
CA VAL A 1174 -3.52 -18.48 -3.44
C VAL A 1174 -4.32 -17.37 -2.78
N PRO A 1175 -3.81 -16.13 -2.78
CA PRO A 1175 -4.40 -15.10 -1.91
C PRO A 1175 -5.71 -14.49 -2.40
N SER A 1176 -6.08 -14.63 -3.67
CA SER A 1176 -7.28 -13.97 -4.17
C SER A 1176 -7.91 -14.78 -5.30
N ARG A 1177 -9.15 -14.38 -5.64
CA ARG A 1177 -9.91 -14.97 -6.75
C ARG A 1177 -9.13 -14.89 -8.07
N LYS A 1178 -8.64 -13.69 -8.41
CA LYS A 1178 -7.96 -13.49 -9.68
C LYS A 1178 -6.77 -14.46 -9.82
N GLN A 1179 -6.06 -14.69 -8.72
CA GLN A 1179 -4.83 -15.48 -8.76
C GLN A 1179 -5.10 -16.96 -9.02
N THR A 1180 -6.26 -17.47 -8.60
CA THR A 1180 -6.57 -18.88 -8.84
C THR A 1180 -6.48 -19.21 -10.32
N ARG A 1181 -7.26 -18.49 -11.13
CA ARG A 1181 -7.17 -18.66 -12.57
C ARG A 1181 -5.74 -18.42 -13.07
N LEU A 1182 -5.11 -17.30 -12.67
CA LEU A 1182 -3.78 -17.03 -13.21
C LEU A 1182 -2.79 -18.17 -12.91
N THR A 1183 -2.87 -18.77 -11.74
CA THR A 1183 -1.92 -19.78 -11.31
C THR A 1183 -2.21 -21.13 -11.95
N ALA A 1184 -3.50 -21.46 -12.11
CA ALA A 1184 -3.89 -22.61 -12.92
C ALA A 1184 -3.33 -22.51 -14.34
N ILE A 1185 -3.49 -21.34 -14.96
CA ILE A 1185 -3.01 -21.17 -16.31
C ILE A 1185 -1.48 -21.28 -16.33
N ASP A 1186 -0.83 -20.75 -15.29
CA ASP A 1186 0.63 -20.76 -15.32
C ASP A 1186 1.18 -22.16 -15.07
N ILE A 1187 0.52 -22.94 -14.22
CA ILE A 1187 0.90 -24.33 -14.01
C ILE A 1187 0.79 -25.09 -15.33
N LEU A 1188 -0.25 -24.79 -16.12
CA LEU A 1188 -0.38 -25.45 -17.42
C LEU A 1188 0.68 -24.96 -18.41
N THR A 1189 0.92 -23.65 -18.49
CA THR A 1189 2.01 -23.12 -19.30
C THR A 1189 3.35 -23.78 -18.98
N THR A 1190 3.67 -23.92 -17.69
CA THR A 1190 4.95 -24.52 -17.33
C THR A 1190 4.97 -26.01 -17.66
N CYS A 1191 3.83 -26.68 -17.51
CA CYS A 1191 3.72 -28.09 -17.90
C CYS A 1191 4.01 -28.28 -19.39
N ALA A 1192 3.42 -27.44 -20.23
CA ALA A 1192 3.56 -27.60 -21.68
C ALA A 1192 5.01 -27.44 -22.13
N ALA A 1193 5.66 -26.33 -21.73
CA ALA A 1193 7.07 -26.12 -22.06
C ALA A 1193 8.00 -27.08 -21.31
N ASP A 1194 7.46 -28.00 -20.52
CA ASP A 1194 8.26 -29.01 -19.85
C ASP A 1194 8.15 -30.34 -20.60
N ILE A 1195 8.94 -31.32 -20.15
CA ILE A 1195 8.92 -32.63 -20.78
C ILE A 1195 7.66 -33.42 -20.44
N GLN A 1196 7.12 -33.24 -19.23
CA GLN A 1196 5.85 -33.87 -18.85
C GLN A 1196 4.74 -32.89 -19.18
N ARG A 1197 3.87 -33.25 -20.13
CA ARG A 1197 2.76 -32.38 -20.52
C ARG A 1197 1.43 -33.11 -20.27
N GLN A 1198 0.41 -32.35 -19.88
CA GLN A 1198 -0.90 -32.88 -19.53
C GLN A 1198 -0.82 -33.98 -18.47
N ARG A 1199 0.27 -34.00 -17.71
CA ARG A 1199 0.54 -35.07 -16.76
C ARG A 1199 -0.41 -35.05 -15.56
N PHE A 1200 -1.30 -34.07 -15.48
CA PHE A 1200 -2.22 -33.93 -14.36
C PHE A 1200 -3.62 -34.49 -14.64
N LEU A 1201 -3.89 -34.88 -15.89
CA LEU A 1201 -5.19 -35.43 -16.28
C LEU A 1201 -5.13 -36.96 -16.23
N HIS A 1202 -6.12 -37.59 -15.62
CA HIS A 1202 -6.09 -39.03 -15.43
C HIS A 1202 -7.36 -39.70 -15.94
N CYS A 1203 -8.49 -38.98 -15.89
CA CYS A 1203 -9.63 -39.30 -16.74
C CYS A 1203 -9.27 -38.98 -18.20
N THR A 1204 -9.81 -39.77 -19.13
CA THR A 1204 -9.62 -39.47 -20.53
C THR A 1204 -10.39 -38.20 -20.90
N GLU A 1205 -9.90 -37.50 -21.93
CA GLU A 1205 -10.50 -36.21 -22.28
C GLU A 1205 -12.00 -36.33 -22.55
N LYS A 1206 -12.43 -37.47 -23.06
CA LYS A 1206 -13.83 -37.66 -23.44
C LYS A 1206 -14.72 -38.05 -22.26
N ASP A 1207 -14.14 -38.46 -21.13
CA ASP A 1207 -14.96 -38.89 -19.99
C ASP A 1207 -15.63 -37.71 -19.29
N LEU A 1208 -14.98 -36.54 -19.28
CA LEU A 1208 -15.47 -35.41 -18.50
C LEU A 1208 -16.05 -34.30 -19.38
N ILE A 1209 -16.27 -34.57 -20.68
CA ILE A 1209 -17.01 -33.63 -21.52
C ILE A 1209 -18.42 -33.36 -20.97
N PRO A 1210 -19.21 -34.37 -20.57
CA PRO A 1210 -20.49 -34.05 -19.92
C PRO A 1210 -20.31 -33.17 -18.70
N TYR A 1211 -19.29 -33.42 -17.90
CA TYR A 1211 -18.96 -32.53 -16.78
C TYR A 1211 -18.71 -31.11 -17.28
N LEU A 1212 -17.89 -30.98 -18.32
CA LEU A 1212 -17.43 -29.66 -18.74
C LEU A 1212 -18.59 -28.79 -19.19
N GLU A 1213 -19.44 -29.31 -20.08
CA GLU A 1213 -20.42 -28.40 -20.66
C GLU A 1213 -21.42 -27.89 -19.63
N LYS A 1214 -21.44 -28.44 -18.41
CA LYS A 1214 -22.32 -27.95 -17.35
C LYS A 1214 -21.80 -26.67 -16.70
N LEU A 1215 -20.57 -26.26 -16.99
CA LEU A 1215 -19.96 -25.07 -16.41
C LEU A 1215 -20.06 -23.90 -17.38
N SER A 1216 -20.07 -22.69 -16.82
CA SER A 1216 -20.16 -21.47 -17.60
C SER A 1216 -18.80 -20.79 -17.79
N ASP A 1217 -17.87 -20.99 -16.88
CA ASP A 1217 -16.52 -20.45 -17.02
C ASP A 1217 -15.77 -21.26 -18.07
N SER A 1218 -15.41 -20.60 -19.17
CA SER A 1218 -14.78 -21.32 -20.27
C SER A 1218 -13.29 -21.55 -20.03
N THR A 1219 -12.60 -20.60 -19.39
CA THR A 1219 -11.22 -20.83 -18.97
C THR A 1219 -11.12 -22.02 -18.01
N LEU A 1220 -12.13 -22.22 -17.15
CA LEU A 1220 -12.17 -23.37 -16.25
C LEU A 1220 -12.36 -24.66 -17.02
N LYS A 1221 -13.15 -24.65 -18.10
CA LYS A 1221 -13.23 -25.80 -18.99
C LYS A 1221 -11.87 -26.10 -19.64
N GLU A 1222 -11.21 -25.06 -20.16
CA GLU A 1222 -9.90 -25.25 -20.82
C GLU A 1222 -8.89 -25.87 -19.86
N THR A 1223 -8.72 -25.28 -18.67
CA THR A 1223 -7.70 -25.76 -17.72
C THR A 1223 -8.08 -27.13 -17.15
N LEU A 1224 -9.37 -27.36 -16.91
CA LEU A 1224 -9.80 -28.66 -16.44
C LEU A 1224 -9.44 -29.74 -17.43
N LEU A 1225 -9.57 -29.44 -18.73
CA LEU A 1225 -9.19 -30.41 -19.75
C LEU A 1225 -7.76 -30.87 -19.56
N ASN A 1226 -6.86 -29.97 -19.15
CA ASN A 1226 -5.46 -30.30 -18.98
C ASN A 1226 -5.09 -30.69 -17.55
N GLY A 1227 -6.07 -31.02 -16.71
CA GLY A 1227 -5.85 -31.63 -15.41
C GLY A 1227 -5.82 -30.70 -14.23
N VAL A 1228 -6.22 -29.44 -14.39
CA VAL A 1228 -6.06 -28.44 -13.34
C VAL A 1228 -7.38 -27.72 -13.12
N GLY A 1229 -7.95 -27.88 -11.94
CA GLY A 1229 -9.11 -27.13 -11.55
C GLY A 1229 -8.76 -25.88 -10.76
N TYR A 1230 -9.78 -25.08 -10.48
CA TYR A 1230 -9.62 -24.02 -9.50
C TYR A 1230 -10.95 -23.72 -8.84
N LEU A 1231 -10.84 -23.14 -7.64
CA LEU A 1231 -11.98 -22.85 -6.75
C LEU A 1231 -11.86 -21.44 -6.24
N HIS A 1232 -12.94 -20.68 -6.32
CA HIS A 1232 -12.98 -19.36 -5.70
C HIS A 1232 -14.43 -19.00 -5.41
N GLU A 1233 -14.59 -17.98 -4.57
CA GLU A 1233 -15.91 -17.62 -4.07
C GLU A 1233 -16.89 -17.29 -5.20
N GLY A 1234 -16.40 -16.86 -6.36
CA GLY A 1234 -17.21 -16.43 -7.48
C GLY A 1234 -17.79 -17.50 -8.39
N LEU A 1235 -17.58 -18.77 -8.07
CA LEU A 1235 -18.18 -19.86 -8.81
C LEU A 1235 -19.51 -20.24 -8.20
N SER A 1236 -20.47 -20.60 -9.06
CA SER A 1236 -21.73 -21.16 -8.61
C SER A 1236 -21.46 -22.46 -7.85
N PRO A 1237 -22.14 -22.69 -6.73
CA PRO A 1237 -21.88 -23.90 -5.93
C PRO A 1237 -21.89 -25.19 -6.72
N MET A 1238 -22.64 -25.28 -7.83
CA MET A 1238 -22.55 -26.47 -8.67
C MET A 1238 -21.19 -26.57 -9.35
N GLU A 1239 -20.67 -25.44 -9.84
CA GLU A 1239 -19.33 -25.45 -10.43
C GLU A 1239 -18.29 -25.90 -9.40
N ARG A 1240 -18.38 -25.38 -8.18
CA ARG A 1240 -17.53 -25.85 -7.10
C ARG A 1240 -17.67 -27.35 -6.91
N ARG A 1241 -18.91 -27.87 -6.90
CA ARG A 1241 -19.10 -29.31 -6.72
C ARG A 1241 -18.48 -30.10 -7.86
N LEU A 1242 -18.69 -29.65 -9.10
CA LEU A 1242 -18.10 -30.32 -10.26
C LEU A 1242 -16.59 -30.41 -10.14
N VAL A 1243 -15.94 -29.30 -9.77
CA VAL A 1243 -14.49 -29.29 -9.64
C VAL A 1243 -14.03 -30.14 -8.46
N GLU A 1244 -14.71 -30.02 -7.31
CA GLU A 1244 -14.36 -30.78 -6.11
C GLU A 1244 -14.47 -32.27 -6.37
N GLN A 1245 -15.49 -32.69 -7.11
CA GLN A 1245 -15.70 -34.10 -7.43
C GLN A 1245 -14.70 -34.62 -8.47
N LEU A 1246 -14.40 -33.83 -9.50
CA LEU A 1246 -13.32 -34.22 -10.40
C LEU A 1246 -12.00 -34.36 -9.64
N PHE A 1247 -11.78 -33.56 -8.58
CA PHE A 1247 -10.57 -33.70 -7.78
C PHE A 1247 -10.60 -34.96 -6.92
N SER A 1248 -11.69 -35.16 -6.16
CA SER A 1248 -11.80 -36.35 -5.32
C SER A 1248 -11.61 -37.63 -6.11
N SER A 1249 -12.19 -37.70 -7.31
CA SER A 1249 -12.13 -38.96 -8.05
C SER A 1249 -10.76 -39.21 -8.67
N GLY A 1250 -9.89 -38.21 -8.72
CA GLY A 1250 -8.61 -38.34 -9.37
C GLY A 1250 -8.56 -37.91 -10.83
N ALA A 1251 -9.69 -37.49 -11.42
CA ALA A 1251 -9.65 -37.04 -12.80
C ALA A 1251 -8.60 -35.94 -12.97
N ILE A 1252 -8.71 -34.85 -12.17
CA ILE A 1252 -7.72 -33.78 -12.14
C ILE A 1252 -6.84 -33.95 -10.93
N GLN A 1253 -5.57 -33.55 -11.07
CA GLN A 1253 -4.56 -33.80 -10.06
C GLN A 1253 -4.24 -32.58 -9.23
N VAL A 1254 -4.45 -31.36 -9.75
CA VAL A 1254 -4.14 -30.11 -9.08
C VAL A 1254 -5.40 -29.25 -9.01
N VAL A 1255 -5.61 -28.58 -7.88
CA VAL A 1255 -6.70 -27.62 -7.74
C VAL A 1255 -6.14 -26.35 -7.08
N VAL A 1256 -6.37 -25.19 -7.70
CA VAL A 1256 -5.91 -23.90 -7.16
C VAL A 1256 -7.08 -23.24 -6.43
N ALA A 1257 -7.01 -23.19 -5.10
CA ALA A 1257 -8.08 -22.67 -4.27
C ALA A 1257 -7.80 -21.27 -3.75
N SER A 1258 -8.85 -20.47 -3.64
CA SER A 1258 -8.77 -19.17 -2.96
C SER A 1258 -8.57 -19.35 -1.45
N ARG A 1259 -7.79 -18.46 -0.82
CA ARG A 1259 -7.56 -18.54 0.62
C ARG A 1259 -8.87 -18.59 1.39
N SER A 1260 -9.88 -17.87 0.91
CA SER A 1260 -11.10 -17.67 1.67
C SER A 1260 -11.97 -18.91 1.71
N LEU A 1261 -11.65 -19.94 0.94
CA LEU A 1261 -12.36 -21.19 1.03
C LEU A 1261 -11.65 -22.22 1.90
N CYS A 1262 -10.59 -21.85 2.63
CA CYS A 1262 -9.82 -22.91 3.31
C CYS A 1262 -10.60 -23.55 4.44
N TRP A 1263 -11.76 -23.04 4.81
CA TRP A 1263 -12.56 -23.66 5.86
C TRP A 1263 -13.71 -24.51 5.34
N GLY A 1264 -14.12 -24.31 4.10
CA GLY A 1264 -15.27 -25.02 3.58
C GLY A 1264 -14.89 -25.82 2.36
N MET A 1265 -13.64 -26.27 2.33
CA MET A 1265 -13.20 -27.09 1.23
C MET A 1265 -13.42 -28.53 1.62
N ASN A 1266 -13.98 -29.32 0.73
CA ASN A 1266 -14.34 -30.68 1.06
C ASN A 1266 -13.50 -31.72 0.33
N VAL A 1267 -12.25 -31.36 0.00
CA VAL A 1267 -11.28 -32.25 -0.64
C VAL A 1267 -9.97 -32.16 0.15
N ALA A 1268 -9.14 -33.21 0.03
CA ALA A 1268 -7.83 -33.27 0.67
C ALA A 1268 -6.76 -33.61 -0.36
N ALA A 1269 -5.49 -33.55 0.04
CA ALA A 1269 -4.43 -33.65 -0.93
C ALA A 1269 -3.19 -34.31 -0.32
N HIS A 1270 -2.31 -34.78 -1.19
CA HIS A 1270 -1.00 -35.27 -0.78
C HIS A 1270 -0.07 -34.12 -0.47
N LEU A 1271 -0.09 -33.07 -1.29
CA LEU A 1271 0.78 -31.90 -1.19
C LEU A 1271 -0.08 -30.65 -1.14
N VAL A 1272 0.14 -29.80 -0.14
CA VAL A 1272 -0.44 -28.47 -0.13
C VAL A 1272 0.67 -27.47 -0.30
N ILE A 1273 0.49 -26.53 -1.24
CA ILE A 1273 1.39 -25.40 -1.41
C ILE A 1273 0.59 -24.16 -1.06
N ILE A 1274 1.15 -23.32 -0.20
CA ILE A 1274 0.55 -22.04 0.16
C ILE A 1274 1.39 -20.95 -0.53
N MET A 1275 0.85 -20.39 -1.61
CA MET A 1275 1.53 -19.41 -2.45
C MET A 1275 1.28 -18.03 -1.87
N ASP A 1276 2.24 -17.56 -1.06
CA ASP A 1276 2.22 -16.29 -0.34
C ASP A 1276 1.25 -16.39 0.83
N THR A 1277 1.46 -15.53 1.85
CA THR A 1277 0.71 -15.57 3.10
C THR A 1277 0.07 -14.22 3.44
N GLN A 1278 -0.26 -13.41 2.43
CA GLN A 1278 -0.87 -12.10 2.66
C GLN A 1278 -1.96 -11.90 1.63
N TYR A 1279 -2.92 -11.04 1.95
CA TYR A 1279 -3.96 -10.74 0.98
C TYR A 1279 -4.32 -9.28 1.12
N TYR A 1280 -4.85 -8.72 0.05
CA TYR A 1280 -5.09 -7.30 -0.01
C TYR A 1280 -6.48 -7.01 0.55
N ASN A 1281 -6.52 -6.17 1.57
CA ASN A 1281 -7.76 -5.70 2.16
C ASN A 1281 -8.08 -4.37 1.51
N GLY A 1282 -9.20 -4.33 0.77
CA GLY A 1282 -9.63 -3.15 0.02
C GLY A 1282 -10.25 -2.05 0.86
N LYS A 1283 -10.59 -2.37 2.10
CA LYS A 1283 -11.20 -1.40 3.02
C LYS A 1283 -10.15 -0.51 3.65
N ILE A 1284 -9.06 -1.09 4.14
CA ILE A 1284 -7.93 -0.35 4.71
C ILE A 1284 -6.81 -0.13 3.69
N HIS A 1285 -7.00 -0.58 2.45
CA HIS A 1285 -6.07 -0.40 1.34
C HIS A 1285 -4.67 -0.90 1.68
N ALA A 1286 -4.57 -2.12 2.22
CA ALA A 1286 -3.24 -2.60 2.60
C ALA A 1286 -3.27 -4.12 2.71
N TYR A 1287 -2.07 -4.72 2.63
CA TYR A 1287 -1.92 -6.17 2.73
C TYR A 1287 -1.97 -6.60 4.19
N VAL A 1288 -2.69 -7.69 4.43
CA VAL A 1288 -2.94 -8.25 5.76
C VAL A 1288 -2.36 -9.66 5.80
N ASP A 1289 -1.69 -9.99 6.90
CA ASP A 1289 -1.14 -11.32 7.12
C ASP A 1289 -2.26 -12.35 7.30
N TYR A 1290 -2.05 -13.54 6.74
CA TYR A 1290 -2.95 -14.65 7.01
C TYR A 1290 -2.96 -14.94 8.51
N PRO A 1291 -4.11 -14.98 9.17
CA PRO A 1291 -4.14 -15.46 10.56
C PRO A 1291 -3.51 -16.85 10.62
N ILE A 1292 -2.65 -17.07 11.60
CA ILE A 1292 -2.03 -18.38 11.78
C ILE A 1292 -3.06 -19.52 11.78
N TYR A 1293 -4.30 -19.28 12.26
CA TYR A 1293 -5.34 -20.32 12.29
C TYR A 1293 -5.69 -20.77 10.89
N ASP A 1294 -5.74 -19.82 9.94
CA ASP A 1294 -5.96 -20.16 8.54
C ASP A 1294 -4.80 -21.00 7.97
N VAL A 1295 -3.56 -20.64 8.33
CA VAL A 1295 -2.41 -21.41 7.84
C VAL A 1295 -2.45 -22.85 8.35
N LEU A 1296 -2.74 -23.03 9.66
CA LEU A 1296 -2.88 -24.38 10.20
C LEU A 1296 -4.03 -25.13 9.54
N GLN A 1297 -5.10 -24.43 9.14
CA GLN A 1297 -6.18 -25.13 8.44
C GLN A 1297 -5.73 -25.57 7.03
N MET A 1298 -5.05 -24.67 6.31
CA MET A 1298 -4.47 -25.01 5.01
C MET A 1298 -3.51 -26.19 5.09
N VAL A 1299 -2.51 -26.11 5.96
CA VAL A 1299 -1.57 -27.22 6.20
C VAL A 1299 -2.32 -28.50 6.56
N GLY A 1300 -3.41 -28.39 7.33
CA GLY A 1300 -4.20 -29.55 7.66
C GLY A 1300 -4.83 -30.21 6.45
N HIS A 1301 -4.88 -29.51 5.31
CA HIS A 1301 -5.39 -30.21 4.12
C HIS A 1301 -4.42 -31.23 3.49
N ALA A 1302 -3.15 -31.27 3.92
CA ALA A 1302 -2.17 -32.21 3.37
C ALA A 1302 -2.12 -33.45 4.25
N ASN A 1303 -3.18 -34.23 4.16
CA ASN A 1303 -3.39 -35.30 5.13
C ASN A 1303 -4.44 -36.21 4.53
N ARG A 1304 -4.03 -37.43 4.21
CA ARG A 1304 -4.91 -38.42 3.59
C ARG A 1304 -4.63 -39.77 4.23
N PRO A 1305 -5.29 -40.08 5.35
CA PRO A 1305 -4.85 -41.24 6.13
C PRO A 1305 -4.97 -42.56 5.39
N LEU A 1306 -5.97 -42.70 4.51
CA LEU A 1306 -6.25 -43.96 3.85
C LEU A 1306 -5.39 -44.18 2.60
N GLN A 1307 -4.58 -43.21 2.19
CA GLN A 1307 -3.99 -43.27 0.86
C GLN A 1307 -2.50 -42.97 0.84
N ASP A 1308 -2.00 -42.17 1.75
CA ASP A 1308 -0.64 -41.68 1.67
C ASP A 1308 0.15 -42.10 2.90
N ASP A 1309 1.44 -42.39 2.70
CA ASP A 1309 2.32 -42.63 3.83
C ASP A 1309 2.73 -41.35 4.52
N GLU A 1310 2.47 -40.21 3.89
CA GLU A 1310 2.86 -38.92 4.45
C GLU A 1310 2.07 -37.80 3.76
N GLY A 1311 2.05 -36.63 4.40
CA GLY A 1311 1.60 -35.40 3.80
C GLY A 1311 2.77 -34.47 3.62
N ARG A 1312 2.70 -33.59 2.59
CA ARG A 1312 3.74 -32.60 2.30
C ARG A 1312 3.15 -31.22 2.13
N CYS A 1313 3.80 -30.21 2.73
CA CYS A 1313 3.33 -28.84 2.55
C CYS A 1313 4.52 -27.93 2.29
N VAL A 1314 4.37 -27.04 1.31
CA VAL A 1314 5.37 -26.00 1.07
C VAL A 1314 4.66 -24.68 1.30
N ILE A 1315 5.21 -23.87 2.19
CA ILE A 1315 4.73 -22.51 2.41
C ILE A 1315 5.72 -21.56 1.77
N MET A 1316 5.27 -20.82 0.76
CA MET A 1316 6.05 -19.77 0.13
C MET A 1316 5.65 -18.43 0.74
N CYS A 1317 6.58 -17.76 1.39
CA CYS A 1317 6.24 -16.54 2.10
C CYS A 1317 7.32 -15.48 1.85
N GLN A 1318 6.92 -14.22 2.02
CA GLN A 1318 7.91 -13.17 2.10
C GLN A 1318 8.91 -13.52 3.18
N GLY A 1319 10.18 -13.20 2.90
CA GLY A 1319 11.29 -13.66 3.72
C GLY A 1319 11.21 -13.21 5.15
N SER A 1320 10.72 -11.97 5.37
CA SER A 1320 10.53 -11.45 6.72
C SER A 1320 9.45 -12.17 7.51
N LYS A 1321 8.85 -13.25 7.02
CA LYS A 1321 7.92 -14.05 7.80
C LYS A 1321 8.42 -15.46 8.08
N LYS A 1322 9.56 -15.84 7.49
CA LYS A 1322 9.98 -17.23 7.61
C LYS A 1322 10.16 -17.64 9.08
N ASP A 1323 10.86 -16.81 9.88
CA ASP A 1323 11.12 -17.17 11.28
C ASP A 1323 9.82 -17.36 12.03
N PHE A 1324 8.85 -16.49 11.79
CA PHE A 1324 7.63 -16.58 12.57
C PHE A 1324 6.95 -17.92 12.29
N PHE A 1325 6.92 -18.34 11.02
CA PHE A 1325 6.20 -19.58 10.74
C PHE A 1325 6.93 -20.76 11.37
N LYS A 1326 8.27 -20.75 11.34
CA LYS A 1326 9.02 -21.87 11.89
C LYS A 1326 8.76 -21.96 13.39
N LYS A 1327 8.44 -20.83 14.02
CA LYS A 1327 8.22 -20.84 15.45
C LYS A 1327 6.84 -21.34 15.76
N PHE A 1328 5.87 -21.02 14.92
CA PHE A 1328 4.49 -21.26 15.33
C PHE A 1328 3.81 -22.35 14.50
N LEU A 1329 4.57 -23.09 13.69
CA LEU A 1329 4.09 -24.33 13.08
C LEU A 1329 4.84 -25.56 13.55
N TYR A 1330 6.12 -25.45 13.93
CA TYR A 1330 6.85 -26.62 14.44
C TYR A 1330 6.58 -26.86 15.92
N GLU A 1331 6.41 -25.82 16.68
CA GLU A 1331 6.09 -25.89 18.10
C GLU A 1331 4.59 -25.73 18.31
N PRO A 1332 4.05 -26.24 19.41
CA PRO A 1332 2.64 -25.97 19.72
C PRO A 1332 2.44 -24.48 19.94
N LEU A 1333 1.19 -24.05 19.78
CA LEU A 1333 0.69 -22.69 19.64
C LEU A 1333 0.26 -22.09 20.99
N PRO A 1334 0.72 -20.88 21.37
CA PRO A 1334 0.15 -20.22 22.57
C PRO A 1334 -1.08 -19.41 22.23
N VAL A 1335 -2.16 -19.58 22.97
CA VAL A 1335 -3.36 -18.83 22.69
C VAL A 1335 -3.70 -17.99 23.91
N GLU A 1336 -4.26 -16.82 23.65
CA GLU A 1336 -4.67 -15.86 24.66
C GLU A 1336 -6.15 -15.56 24.48
N SER A 1337 -6.73 -14.95 25.49
CA SER A 1337 -8.09 -14.43 25.40
C SER A 1337 -8.07 -12.99 24.92
N HIS A 1338 -9.04 -12.63 24.08
CA HIS A 1338 -9.26 -11.23 23.80
C HIS A 1338 -10.66 -10.77 24.25
N LEU A 1339 -11.20 -11.48 25.26
CA LEU A 1339 -12.50 -11.13 25.80
C LEU A 1339 -12.52 -9.75 26.44
N ASP A 1340 -11.37 -9.29 26.98
CA ASP A 1340 -11.36 -7.96 27.61
C ASP A 1340 -11.57 -6.82 26.60
N HIS A 1341 -11.57 -7.10 25.30
CA HIS A 1341 -11.87 -6.13 24.26
C HIS A 1341 -13.28 -6.29 23.71
N CYS A 1342 -14.04 -7.26 24.20
CA CYS A 1342 -15.37 -7.51 23.68
C CYS A 1342 -16.34 -7.82 24.82
N MET A 1343 -16.39 -6.96 25.83
CA MET A 1343 -17.18 -7.36 26.98
C MET A 1343 -18.60 -6.80 26.96
N HIS A 1344 -18.81 -5.64 26.33
CA HIS A 1344 -20.05 -4.89 26.56
C HIS A 1344 -21.31 -5.72 26.29
N ASP A 1345 -21.44 -6.36 25.13
CA ASP A 1345 -22.72 -7.02 24.82
C ASP A 1345 -22.98 -8.23 25.72
N HIS A 1346 -21.93 -8.93 26.14
CA HIS A 1346 -22.09 -10.02 27.10
C HIS A 1346 -22.45 -9.50 28.49
N PHE A 1347 -21.79 -8.43 28.98
CA PHE A 1347 -22.22 -7.82 30.25
C PHE A 1347 -23.69 -7.38 30.17
N ASN A 1348 -24.08 -6.82 29.02
CA ASN A 1348 -25.44 -6.33 28.84
C ASN A 1348 -26.45 -7.47 28.89
N ALA A 1349 -26.15 -8.57 28.19
CA ALA A 1349 -27.02 -9.73 28.25
C ALA A 1349 -27.10 -10.27 29.67
N GLU A 1350 -25.96 -10.32 30.39
CA GLU A 1350 -25.97 -10.84 31.76
C GLU A 1350 -26.73 -9.95 32.72
N ILE A 1351 -26.77 -8.64 32.46
CA ILE A 1351 -27.59 -7.74 33.28
C ILE A 1351 -29.05 -7.88 32.92
N VAL A 1352 -29.36 -8.14 31.66
CA VAL A 1352 -30.73 -8.43 31.29
C VAL A 1352 -31.23 -9.68 32.04
N THR A 1353 -30.43 -10.76 32.07
CA THR A 1353 -30.87 -12.01 32.69
C THR A 1353 -30.58 -12.11 34.18
N LYS A 1354 -30.02 -11.06 34.79
CA LYS A 1354 -29.83 -10.95 36.24
C LYS A 1354 -28.72 -11.85 36.77
N THR A 1355 -27.83 -12.30 35.90
CA THR A 1355 -26.61 -12.97 36.35
C THR A 1355 -25.64 -11.97 36.94
N ILE A 1356 -25.66 -10.72 36.45
CA ILE A 1356 -24.93 -9.61 37.04
C ILE A 1356 -25.94 -8.58 37.51
N GLU A 1357 -25.98 -8.35 38.81
CA GLU A 1357 -26.84 -7.34 39.42
C GLU A 1357 -26.04 -6.18 40.01
N ASN A 1358 -24.74 -6.35 40.18
CA ASN A 1358 -23.87 -5.32 40.76
C ASN A 1358 -22.46 -5.52 40.21
N LYS A 1359 -21.53 -4.68 40.66
CA LYS A 1359 -20.16 -4.72 40.14
C LYS A 1359 -19.37 -5.89 40.70
N GLN A 1360 -19.64 -6.27 41.95
CA GLN A 1360 -19.03 -7.47 42.51
C GLN A 1360 -19.39 -8.69 41.67
N ASP A 1361 -20.67 -8.81 41.30
CA ASP A 1361 -21.10 -9.92 40.44
C ASP A 1361 -20.31 -9.94 39.15
N ALA A 1362 -19.97 -8.76 38.61
CA ALA A 1362 -19.25 -8.70 37.34
C ALA A 1362 -17.81 -9.20 37.52
N VAL A 1363 -17.22 -8.94 38.68
CA VAL A 1363 -15.90 -9.53 38.97
C VAL A 1363 -16.01 -11.06 39.10
N ASP A 1364 -17.03 -11.54 39.83
CA ASP A 1364 -17.14 -12.99 40.00
C ASP A 1364 -17.36 -13.66 38.66
N TYR A 1365 -18.16 -13.05 37.79
CA TYR A 1365 -18.31 -13.48 36.41
C TYR A 1365 -16.96 -13.63 35.73
N LEU A 1366 -16.13 -12.60 35.81
CA LEU A 1366 -14.86 -12.69 35.08
C LEU A 1366 -14.02 -13.88 35.56
N THR A 1367 -14.14 -14.25 36.84
CA THR A 1367 -13.30 -15.37 37.31
C THR A 1367 -13.61 -16.70 36.62
N TRP A 1368 -14.74 -16.83 35.91
CA TRP A 1368 -15.04 -18.07 35.20
C TRP A 1368 -14.42 -18.18 33.81
N THR A 1369 -13.65 -17.19 33.37
CA THR A 1369 -13.28 -17.09 31.97
C THR A 1369 -11.85 -17.55 31.76
N PHE A 1370 -11.49 -17.75 30.50
CA PHE A 1370 -10.09 -18.06 30.17
C PHE A 1370 -9.20 -16.83 30.28
N LEU A 1371 -9.77 -15.65 30.02
CA LEU A 1371 -9.13 -14.38 30.31
C LEU A 1371 -8.52 -14.39 31.70
N TYR A 1372 -9.34 -14.74 32.71
CA TYR A 1372 -8.90 -14.68 34.09
C TYR A 1372 -7.75 -15.61 34.40
N ARG A 1373 -7.70 -16.79 33.77
CA ARG A 1373 -6.58 -17.68 34.02
C ARG A 1373 -5.30 -17.13 33.33
N ARG A 1374 -5.45 -16.63 32.11
CA ARG A 1374 -4.28 -16.15 31.40
C ARG A 1374 -3.72 -14.85 31.99
N MET A 1375 -4.53 -14.10 32.74
CA MET A 1375 -3.99 -12.94 33.43
C MET A 1375 -2.98 -13.34 34.49
N THR A 1376 -3.18 -14.48 35.14
CA THR A 1376 -2.18 -14.99 36.07
C THR A 1376 -0.94 -15.49 35.33
N GLN A 1377 -1.14 -16.17 34.19
CA GLN A 1377 0.01 -16.81 33.54
C GLN A 1377 0.83 -15.88 32.64
N ASN A 1378 0.27 -14.74 32.20
CA ASN A 1378 0.97 -13.86 31.26
C ASN A 1378 0.58 -12.41 31.47
N PRO A 1379 0.86 -11.85 32.66
CA PRO A 1379 0.25 -10.56 33.02
C PRO A 1379 0.53 -9.45 32.01
N ASN A 1380 1.76 -9.32 31.51
CA ASN A 1380 2.07 -8.21 30.60
C ASN A 1380 1.17 -8.21 29.37
N TYR A 1381 0.63 -9.39 28.97
CA TYR A 1381 -0.24 -9.45 27.79
C TYR A 1381 -1.55 -8.70 28.00
N TYR A 1382 -2.06 -8.68 29.23
CA TYR A 1382 -3.34 -8.04 29.53
C TYR A 1382 -3.14 -6.72 30.22
N ASN A 1383 -1.94 -6.15 30.07
CA ASN A 1383 -1.52 -4.89 30.66
C ASN A 1383 -1.65 -4.91 32.18
N LEU A 1384 -1.32 -6.05 32.78
CA LEU A 1384 -1.03 -6.18 34.19
C LEU A 1384 0.46 -6.07 34.42
N GLN A 1385 0.83 -5.57 35.60
CA GLN A 1385 2.24 -5.51 35.96
C GLN A 1385 2.62 -6.45 37.11
N GLY A 1386 1.65 -7.11 37.75
CA GLY A 1386 1.93 -8.16 38.71
C GLY A 1386 0.75 -9.09 38.84
N ILE A 1387 1.01 -10.30 39.35
CA ILE A 1387 -0.02 -11.34 39.44
C ILE A 1387 -0.59 -11.48 40.86
N SER A 1388 -0.31 -10.55 41.77
CA SER A 1388 -0.82 -10.67 43.14
C SER A 1388 -2.35 -10.57 43.17
N HIS A 1389 -2.95 -11.13 44.21
CA HIS A 1389 -4.41 -11.14 44.27
C HIS A 1389 -5.00 -9.73 44.20
N ARG A 1390 -4.29 -8.74 44.71
CA ARG A 1390 -4.84 -7.40 44.69
C ARG A 1390 -4.62 -6.71 43.35
N HIS A 1391 -3.50 -6.97 42.68
CA HIS A 1391 -3.36 -6.53 41.29
C HIS A 1391 -4.50 -7.05 40.44
N LEU A 1392 -4.74 -8.36 40.49
CA LEU A 1392 -5.81 -8.98 39.73
C LEU A 1392 -7.16 -8.37 40.10
N SER A 1393 -7.43 -8.21 41.40
CA SER A 1393 -8.67 -7.57 41.83
C SER A 1393 -8.81 -6.17 41.25
N ASP A 1394 -7.74 -5.37 41.28
CA ASP A 1394 -7.84 -4.00 40.83
C ASP A 1394 -8.10 -3.95 39.34
N HIS A 1395 -7.39 -4.80 38.60
CA HIS A 1395 -7.52 -4.82 37.15
C HIS A 1395 -8.94 -5.25 36.76
N LEU A 1396 -9.47 -6.28 37.42
CA LEU A 1396 -10.83 -6.71 37.11
C LEU A 1396 -11.83 -5.62 37.44
N SER A 1397 -11.65 -4.94 38.57
CA SER A 1397 -12.54 -3.86 38.95
C SER A 1397 -12.56 -2.77 37.90
N GLU A 1398 -11.39 -2.40 37.40
CA GLU A 1398 -11.33 -1.30 36.44
C GLU A 1398 -11.98 -1.72 35.13
N LEU A 1399 -11.76 -2.96 34.70
CA LEU A 1399 -12.42 -3.49 33.50
C LEU A 1399 -13.93 -3.40 33.63
N VAL A 1400 -14.44 -3.88 34.75
CA VAL A 1400 -15.87 -3.80 35.04
C VAL A 1400 -16.34 -2.36 35.01
N GLU A 1401 -15.61 -1.48 35.69
CA GLU A 1401 -15.99 -0.08 35.77
C GLU A 1401 -16.13 0.52 34.38
N GLN A 1402 -15.10 0.32 33.54
CA GLN A 1402 -15.09 0.90 32.20
C GLN A 1402 -16.26 0.38 31.38
N THR A 1403 -16.59 -0.90 31.55
CA THR A 1403 -17.63 -1.51 30.72
C THR A 1403 -19.04 -1.13 31.19
N LEU A 1404 -19.30 -1.15 32.49
CA LEU A 1404 -20.60 -0.68 32.96
C LEU A 1404 -20.78 0.81 32.68
N SER A 1405 -19.70 1.59 32.75
CA SER A 1405 -19.78 3.01 32.43
C SER A 1405 -20.23 3.21 30.98
N ASP A 1406 -19.55 2.53 30.04
CA ASP A 1406 -19.99 2.62 28.65
C ASP A 1406 -21.45 2.18 28.50
N LEU A 1407 -21.83 1.05 29.12
CA LEU A 1407 -23.22 0.60 29.00
C LEU A 1407 -24.19 1.66 29.47
N GLU A 1408 -23.90 2.31 30.60
CA GLU A 1408 -24.84 3.21 31.22
C GLU A 1408 -24.91 4.53 30.47
N GLN A 1409 -23.76 5.01 29.97
CA GLN A 1409 -23.80 6.19 29.11
C GLN A 1409 -24.64 5.93 27.87
N SER A 1410 -24.49 4.74 27.27
CA SER A 1410 -25.33 4.34 26.14
C SER A 1410 -26.81 4.14 26.52
N LYS A 1411 -27.20 4.40 27.77
CA LYS A 1411 -28.59 4.19 28.19
C LYS A 1411 -29.03 2.74 27.96
N CYS A 1412 -28.11 1.80 28.13
CA CYS A 1412 -28.47 0.38 28.10
C CYS A 1412 -28.76 -0.16 29.48
N ILE A 1413 -28.04 0.34 30.50
CA ILE A 1413 -28.28 -0.06 31.87
C ILE A 1413 -28.38 1.18 32.74
N SER A 1414 -28.69 0.94 34.00
CA SER A 1414 -28.70 1.94 35.05
C SER A 1414 -27.73 1.50 36.14
N ILE A 1415 -27.18 2.51 36.84
CA ILE A 1415 -26.26 2.33 37.97
C ILE A 1415 -26.80 3.16 39.14
N GLU A 1416 -27.35 2.48 40.14
CA GLU A 1416 -27.84 3.12 41.36
C GLU A 1416 -26.83 2.95 42.48
N ASP A 1417 -26.55 4.07 43.18
CA ASP A 1417 -25.55 4.14 44.24
C ASP A 1417 -24.17 3.72 43.74
N GLU A 1418 -23.91 3.93 42.44
CA GLU A 1418 -22.67 3.49 41.78
C GLU A 1418 -22.34 2.03 42.08
N MET A 1419 -23.34 1.24 42.48
CA MET A 1419 -23.10 -0.16 42.85
C MET A 1419 -24.05 -1.10 42.12
N ASP A 1420 -25.35 -0.91 42.26
CA ASP A 1420 -26.29 -1.84 41.64
C ASP A 1420 -26.51 -1.44 40.20
N VAL A 1421 -26.69 -2.45 39.33
CA VAL A 1421 -26.96 -2.20 37.92
C VAL A 1421 -28.25 -2.89 37.53
N ALA A 1422 -28.91 -2.35 36.50
CA ALA A 1422 -30.18 -2.93 36.07
C ALA A 1422 -30.47 -2.65 34.60
N PRO A 1423 -31.10 -3.58 33.89
CA PRO A 1423 -31.30 -3.40 32.45
C PRO A 1423 -32.29 -2.29 32.13
N LEU A 1424 -31.94 -1.47 31.17
CA LEU A 1424 -32.88 -0.53 30.60
C LEU A 1424 -33.50 -1.11 29.34
N ASN A 1425 -34.52 -0.41 28.84
CA ASN A 1425 -35.23 -0.82 27.63
C ASN A 1425 -34.26 -1.14 26.50
N LEU A 1426 -33.46 -0.16 26.09
CA LEU A 1426 -32.56 -0.35 24.96
C LEU A 1426 -31.66 -1.56 25.17
N GLY A 1427 -31.21 -1.77 26.42
CA GLY A 1427 -30.33 -2.89 26.70
C GLY A 1427 -31.02 -4.23 26.54
N MET A 1428 -32.31 -4.29 26.93
CA MET A 1428 -33.11 -5.49 26.70
C MET A 1428 -33.38 -5.75 25.22
N ILE A 1429 -33.60 -4.69 24.43
CA ILE A 1429 -33.73 -4.88 22.98
C ILE A 1429 -32.43 -5.41 22.38
N ALA A 1430 -31.29 -4.84 22.79
CA ALA A 1430 -30.00 -5.32 22.30
C ALA A 1430 -29.79 -6.78 22.64
N ALA A 1431 -30.14 -7.16 23.87
CA ALA A 1431 -29.91 -8.54 24.31
C ALA A 1431 -30.85 -9.51 23.60
N TYR A 1432 -32.11 -9.11 23.41
CA TYR A 1432 -33.11 -10.00 22.83
C TYR A 1432 -32.80 -10.28 21.36
N TYR A 1433 -32.54 -9.23 20.57
CA TYR A 1433 -32.26 -9.46 19.16
C TYR A 1433 -30.81 -9.77 18.87
N TYR A 1434 -29.96 -9.90 19.90
CA TYR A 1434 -28.53 -10.19 19.74
C TYR A 1434 -27.86 -9.15 18.86
N ILE A 1435 -28.08 -7.89 19.18
CA ILE A 1435 -27.58 -6.78 18.39
C ILE A 1435 -26.58 -6.00 19.25
N ASN A 1436 -25.49 -5.58 18.59
CA ASN A 1436 -24.45 -4.77 19.20
C ASN A 1436 -25.07 -3.54 19.87
N TYR A 1437 -24.71 -3.32 21.14
CA TYR A 1437 -25.26 -2.19 21.88
C TYR A 1437 -24.96 -0.84 21.20
N THR A 1438 -23.82 -0.73 20.50
CA THR A 1438 -23.56 0.51 19.75
C THR A 1438 -24.56 0.69 18.60
N THR A 1439 -24.93 -0.41 17.93
CA THR A 1439 -25.99 -0.35 16.92
C THR A 1439 -27.28 0.16 17.52
N ILE A 1440 -27.66 -0.32 18.70
CA ILE A 1440 -28.95 0.06 19.28
C ILE A 1440 -28.92 1.51 19.76
N GLU A 1441 -27.80 1.93 20.37
CA GLU A 1441 -27.59 3.34 20.66
C GLU A 1441 -27.78 4.19 19.42
N LEU A 1442 -27.11 3.83 18.32
CA LEU A 1442 -27.20 4.60 17.09
C LEU A 1442 -28.61 4.62 16.53
N PHE A 1443 -29.34 3.50 16.69
CA PHE A 1443 -30.75 3.46 16.33
C PHE A 1443 -31.55 4.49 17.14
N SER A 1444 -31.26 4.58 18.44
CA SER A 1444 -31.98 5.56 19.26
C SER A 1444 -31.62 6.99 18.88
N MET A 1445 -30.38 7.21 18.42
CA MET A 1445 -29.91 8.55 18.09
C MET A 1445 -30.24 8.98 16.66
N SER A 1446 -30.69 8.06 15.80
CA SER A 1446 -30.97 8.38 14.40
C SER A 1446 -32.44 8.35 14.04
N LEU A 1447 -33.24 7.51 14.70
CA LEU A 1447 -34.65 7.40 14.35
C LEU A 1447 -35.45 8.53 14.96
N ASN A 1448 -36.41 9.05 14.21
CA ASN A 1448 -37.29 10.11 14.69
C ASN A 1448 -38.74 9.67 14.57
N ALA A 1449 -39.63 10.47 15.12
CA ALA A 1449 -41.06 10.17 15.05
C ALA A 1449 -41.64 10.39 13.66
N LYS A 1450 -40.81 10.69 12.66
CA LYS A 1450 -41.24 10.97 11.29
C LYS A 1450 -40.42 10.22 10.25
N THR A 1451 -39.53 9.33 10.68
CA THR A 1451 -38.58 8.70 9.76
C THR A 1451 -39.30 7.76 8.80
N LYS A 1452 -38.74 7.62 7.58
CA LYS A 1452 -39.37 6.96 6.45
C LYS A 1452 -38.65 5.65 6.11
N VAL A 1453 -38.94 5.12 4.93
CA VAL A 1453 -38.32 3.85 4.52
C VAL A 1453 -36.88 4.07 4.06
N ARG A 1454 -36.61 5.19 3.39
CA ARG A 1454 -35.21 5.51 3.04
C ARG A 1454 -34.39 5.76 4.30
N GLY A 1455 -34.99 6.45 5.27
CA GLY A 1455 -34.33 6.61 6.55
C GLY A 1455 -34.03 5.28 7.20
N LEU A 1456 -35.03 4.38 7.18
CA LEU A 1456 -34.85 3.07 7.77
C LEU A 1456 -33.72 2.30 7.09
N ILE A 1457 -33.65 2.34 5.77
CA ILE A 1457 -32.58 1.63 5.06
C ILE A 1457 -31.22 2.22 5.41
N GLU A 1458 -31.14 3.56 5.48
CA GLU A 1458 -29.89 4.20 5.92
C GLU A 1458 -29.52 3.77 7.34
N ILE A 1459 -30.47 3.87 8.26
CA ILE A 1459 -30.22 3.59 9.66
C ILE A 1459 -29.71 2.16 9.83
N ILE A 1460 -30.44 1.18 9.29
CA ILE A 1460 -30.03 -0.21 9.48
C ILE A 1460 -28.77 -0.53 8.69
N SER A 1461 -28.53 0.13 7.55
CA SER A 1461 -27.32 -0.20 6.82
C SER A 1461 -26.10 0.36 7.51
N ASN A 1462 -26.28 1.33 8.41
CA ASN A 1462 -25.16 1.86 9.19
C ASN A 1462 -24.96 1.14 10.51
N ALA A 1463 -25.56 -0.03 10.68
CA ALA A 1463 -25.41 -0.76 11.92
C ALA A 1463 -24.01 -1.37 11.99
N ALA A 1464 -23.56 -1.65 13.22
CA ALA A 1464 -22.26 -2.26 13.43
C ALA A 1464 -22.17 -3.67 12.85
N GLU A 1465 -23.30 -4.36 12.69
CA GLU A 1465 -23.28 -5.72 12.16
C GLU A 1465 -22.85 -5.79 10.71
N TYR A 1466 -22.65 -4.66 10.04
CA TYR A 1466 -22.32 -4.63 8.63
C TYR A 1466 -20.93 -4.07 8.33
N GLU A 1467 -20.17 -3.66 9.36
CA GLU A 1467 -18.85 -3.08 9.13
C GLU A 1467 -17.87 -4.11 8.61
N ASN A 1468 -18.06 -5.38 8.96
CA ASN A 1468 -17.20 -6.48 8.53
C ASN A 1468 -17.70 -7.15 7.25
N ILE A 1469 -18.62 -6.52 6.51
CA ILE A 1469 -19.11 -7.09 5.24
C ILE A 1469 -17.98 -7.04 4.22
N PRO A 1470 -17.76 -8.11 3.43
CA PRO A 1470 -16.58 -8.18 2.55
C PRO A 1470 -16.55 -7.06 1.52
N ILE A 1471 -15.36 -6.50 1.29
CA ILE A 1471 -15.18 -5.37 0.39
C ILE A 1471 -14.14 -5.72 -0.66
N ARG A 1472 -14.40 -5.30 -1.91
CA ARG A 1472 -13.46 -5.42 -3.03
C ARG A 1472 -14.06 -4.92 -4.34
N HIS A 1473 -15.10 -5.62 -4.80
CA HIS A 1473 -15.68 -5.43 -6.12
C HIS A 1473 -16.02 -3.96 -6.39
N HIS A 1474 -15.79 -3.50 -7.62
CA HIS A 1474 -15.95 -2.08 -7.96
C HIS A 1474 -17.11 -1.80 -8.90
N GLU A 1475 -17.93 -2.81 -9.23
CA GLU A 1475 -19.23 -2.53 -9.81
C GLU A 1475 -20.15 -1.79 -8.84
N ASP A 1476 -19.71 -1.61 -7.60
CA ASP A 1476 -20.45 -0.78 -6.66
C ASP A 1476 -20.59 0.63 -7.19
N ASN A 1477 -19.55 1.16 -7.83
CA ASN A 1477 -19.69 2.46 -8.49
C ASN A 1477 -20.75 2.40 -9.58
N LEU A 1478 -20.94 1.24 -10.21
CA LEU A 1478 -21.92 1.13 -11.27
C LEU A 1478 -23.35 1.07 -10.69
N LEU A 1479 -23.56 0.30 -9.62
CA LEU A 1479 -24.86 0.34 -8.95
C LEU A 1479 -25.13 1.72 -8.33
N ARG A 1480 -24.08 2.44 -7.94
CA ARG A 1480 -24.23 3.77 -7.37
C ARG A 1480 -24.65 4.77 -8.44
N GLN A 1481 -24.14 4.60 -9.67
CA GLN A 1481 -24.62 5.44 -10.78
C GLN A 1481 -26.03 5.04 -11.20
N LEU A 1482 -26.39 3.75 -11.07
CA LEU A 1482 -27.78 3.34 -11.21
C LEU A 1482 -28.65 3.87 -10.07
N ALA A 1483 -28.01 4.27 -8.96
CA ALA A 1483 -28.68 4.93 -7.84
C ALA A 1483 -29.07 6.38 -8.13
N GLN A 1484 -28.85 6.86 -9.36
CA GLN A 1484 -29.51 8.08 -9.81
C GLN A 1484 -31.04 7.89 -9.87
N LYS A 1485 -31.49 6.67 -10.19
CA LYS A 1485 -32.91 6.30 -10.16
C LYS A 1485 -33.19 5.11 -9.24
N VAL A 1486 -32.25 4.78 -8.32
CA VAL A 1486 -32.63 3.83 -7.27
C VAL A 1486 -33.75 4.45 -6.45
N PRO A 1487 -34.80 3.71 -6.11
CA PRO A 1487 -36.03 4.36 -5.66
C PRO A 1487 -35.84 5.34 -4.52
N HIS A 1488 -35.09 4.98 -3.49
CA HIS A 1488 -34.84 5.84 -2.35
C HIS A 1488 -33.41 6.34 -2.40
N LYS A 1489 -33.23 7.63 -2.14
CA LYS A 1489 -31.92 8.27 -2.21
C LYS A 1489 -31.76 9.19 -1.00
N LEU A 1490 -30.50 9.44 -0.63
CA LEU A 1490 -30.19 10.17 0.58
C LEU A 1490 -29.19 11.30 0.29
N ASN A 1491 -27.89 11.05 0.50
CA ASN A 1491 -26.87 12.09 0.33
C ASN A 1491 -25.56 11.61 -0.30
N ASN A 1492 -24.45 11.90 0.39
CA ASN A 1492 -23.11 11.72 -0.19
C ASN A 1492 -22.87 10.25 -0.56
N PRO A 1493 -21.93 10.00 -1.46
CA PRO A 1493 -21.56 8.61 -1.74
C PRO A 1493 -20.08 8.35 -1.48
N LYS A 1494 -19.78 7.26 -0.79
CA LYS A 1494 -18.44 6.70 -0.76
C LYS A 1494 -18.49 5.35 -1.45
N PHE A 1495 -17.33 4.85 -1.88
CA PHE A 1495 -17.26 3.59 -2.63
C PHE A 1495 -16.54 2.48 -1.86
N ASN A 1496 -15.89 2.82 -0.76
CA ASN A 1496 -15.11 1.88 0.02
C ASN A 1496 -15.89 1.34 1.22
N ASP A 1497 -16.74 2.19 1.79
CA ASP A 1497 -17.43 1.92 3.05
C ASP A 1497 -18.26 0.64 2.97
N PRO A 1498 -18.10 -0.31 3.91
CA PRO A 1498 -18.99 -1.48 3.90
C PRO A 1498 -20.45 -1.14 4.11
N HIS A 1499 -20.74 -0.04 4.79
CA HIS A 1499 -22.13 0.32 5.03
C HIS A 1499 -22.79 0.74 3.73
N VAL A 1500 -22.06 1.41 2.85
CA VAL A 1500 -22.64 1.79 1.58
C VAL A 1500 -22.85 0.56 0.69
N LYS A 1501 -21.90 -0.37 0.71
CA LYS A 1501 -22.10 -1.63 -0.01
C LYS A 1501 -23.36 -2.34 0.47
N THR A 1502 -23.63 -2.35 1.78
CA THR A 1502 -24.83 -3.01 2.29
C THR A 1502 -26.09 -2.25 1.90
N ASN A 1503 -26.05 -0.92 1.90
CA ASN A 1503 -27.21 -0.15 1.46
C ASN A 1503 -27.51 -0.43 -0.01
N LEU A 1504 -26.46 -0.48 -0.84
CA LEU A 1504 -26.64 -0.75 -2.25
C LEU A 1504 -27.20 -2.15 -2.47
N LEU A 1505 -26.63 -3.15 -1.80
CA LEU A 1505 -27.10 -4.51 -2.04
C LEU A 1505 -28.51 -4.71 -1.50
N LEU A 1506 -28.91 -3.90 -0.51
CA LEU A 1506 -30.29 -3.96 -0.03
C LEU A 1506 -31.25 -3.38 -1.07
N GLN A 1507 -30.93 -2.20 -1.62
CA GLN A 1507 -31.79 -1.67 -2.67
C GLN A 1507 -31.81 -2.58 -3.89
N ALA A 1508 -30.69 -3.25 -4.17
CA ALA A 1508 -30.66 -4.25 -5.24
C ALA A 1508 -31.60 -5.40 -4.95
N HIS A 1509 -31.70 -5.79 -3.67
CA HIS A 1509 -32.59 -6.89 -3.31
C HIS A 1509 -34.06 -6.51 -3.46
N LEU A 1510 -34.45 -5.33 -2.95
CA LEU A 1510 -35.86 -4.98 -3.09
C LEU A 1510 -36.27 -4.73 -4.53
N SER A 1511 -35.30 -4.66 -5.44
CA SER A 1511 -35.55 -4.39 -6.85
C SER A 1511 -35.14 -5.56 -7.74
N ARG A 1512 -34.99 -6.74 -7.16
CA ARG A 1512 -34.72 -8.00 -7.89
C ARG A 1512 -33.69 -7.81 -9.01
N MET A 1513 -32.49 -7.38 -8.62
CA MET A 1513 -31.38 -7.15 -9.55
C MET A 1513 -30.31 -8.21 -9.31
N GLN A 1514 -29.96 -8.96 -10.35
CA GLN A 1514 -29.01 -10.06 -10.22
C GLN A 1514 -27.57 -9.54 -10.25
N LEU A 1515 -26.77 -10.00 -9.29
CA LEU A 1515 -25.41 -9.50 -9.09
C LEU A 1515 -24.41 -10.63 -9.27
N SER A 1516 -23.13 -10.30 -9.10
CA SER A 1516 -22.06 -11.30 -9.09
C SER A 1516 -22.37 -12.42 -8.11
N ALA A 1517 -21.76 -13.60 -8.30
CA ALA A 1517 -21.86 -14.65 -7.28
C ALA A 1517 -21.34 -14.14 -5.95
N GLU A 1518 -20.27 -13.34 -6.00
CA GLU A 1518 -19.73 -12.72 -4.79
C GLU A 1518 -20.72 -11.73 -4.18
N LEU A 1519 -21.20 -10.77 -4.98
CA LEU A 1519 -22.20 -9.84 -4.45
C LEU A 1519 -23.47 -10.57 -4.01
N GLN A 1520 -23.75 -11.73 -4.61
CA GLN A 1520 -24.92 -12.49 -4.20
C GLN A 1520 -24.73 -13.05 -2.79
N SER A 1521 -23.58 -13.68 -2.51
CA SER A 1521 -23.35 -14.14 -1.14
C SER A 1521 -23.31 -12.98 -0.15
N ASP A 1522 -22.85 -11.80 -0.60
CA ASP A 1522 -22.85 -10.63 0.28
C ASP A 1522 -24.27 -10.19 0.64
N THR A 1523 -25.15 -10.09 -0.37
CA THR A 1523 -26.55 -9.79 -0.08
C THR A 1523 -27.14 -10.81 0.88
N GLU A 1524 -26.77 -12.09 0.71
CA GLU A 1524 -27.28 -13.13 1.58
C GLU A 1524 -26.86 -12.91 3.03
N GLU A 1525 -25.59 -12.54 3.26
CA GLU A 1525 -25.17 -12.24 4.63
C GLU A 1525 -25.91 -11.03 5.20
N ILE A 1526 -26.15 -10.02 4.36
CA ILE A 1526 -26.87 -8.83 4.81
C ILE A 1526 -28.28 -9.19 5.25
N LEU A 1527 -28.99 -9.93 4.39
CA LEU A 1527 -30.34 -10.40 4.70
C LEU A 1527 -30.36 -11.31 5.93
N SER A 1528 -29.24 -11.96 6.26
CA SER A 1528 -29.18 -12.78 7.47
C SER A 1528 -29.35 -11.97 8.76
N LYS A 1529 -29.23 -10.65 8.72
CA LYS A 1529 -29.34 -9.78 9.89
C LYS A 1529 -30.40 -8.69 9.75
N ALA A 1530 -30.83 -8.39 8.52
CA ALA A 1530 -31.76 -7.29 8.29
C ALA A 1530 -33.05 -7.43 9.10
N ILE A 1531 -33.60 -8.64 9.22
CA ILE A 1531 -34.91 -8.78 9.88
C ILE A 1531 -34.81 -8.41 11.36
N ARG A 1532 -33.77 -8.86 12.05
CA ARG A 1532 -33.64 -8.53 13.47
C ARG A 1532 -33.26 -7.07 13.68
N LEU A 1533 -32.46 -6.48 12.78
CA LEU A 1533 -32.27 -5.03 12.87
C LEU A 1533 -33.59 -4.29 12.72
N ILE A 1534 -34.44 -4.74 11.78
CA ILE A 1534 -35.73 -4.10 11.56
C ILE A 1534 -36.62 -4.23 12.79
N GLN A 1535 -36.61 -5.40 13.42
CA GLN A 1535 -37.40 -5.60 14.64
C GLN A 1535 -36.89 -4.75 15.80
N ALA A 1536 -35.56 -4.60 15.92
CA ALA A 1536 -35.02 -3.70 16.92
C ALA A 1536 -35.54 -2.29 16.71
N CYS A 1537 -35.51 -1.82 15.45
CA CYS A 1537 -36.10 -0.51 15.14
C CYS A 1537 -37.56 -0.44 15.54
N VAL A 1538 -38.33 -1.50 15.25
CA VAL A 1538 -39.75 -1.53 15.59
C VAL A 1538 -39.94 -1.36 17.09
N ASP A 1539 -39.12 -2.02 17.89
CA ASP A 1539 -39.23 -1.91 19.34
C ASP A 1539 -38.78 -0.53 19.83
N VAL A 1540 -37.76 0.05 19.17
CA VAL A 1540 -37.31 1.39 19.54
C VAL A 1540 -38.42 2.41 19.26
N LEU A 1541 -39.09 2.28 18.11
CA LEU A 1541 -40.19 3.19 17.77
C LEU A 1541 -41.38 3.02 18.71
N SER A 1542 -41.80 1.77 18.93
CA SER A 1542 -42.97 1.52 19.79
C SER A 1542 -42.71 1.94 21.24
N SER A 1543 -41.45 1.86 21.69
CA SER A 1543 -41.12 2.33 23.02
C SER A 1543 -41.23 3.85 23.11
N ASN A 1544 -40.97 4.55 22.01
CA ASN A 1544 -41.14 5.99 21.93
C ASN A 1544 -42.53 6.41 21.46
N GLY A 1545 -43.48 5.48 21.39
CA GLY A 1545 -44.86 5.80 21.07
C GLY A 1545 -45.12 6.25 19.64
N TRP A 1546 -44.14 6.17 18.74
CA TRP A 1546 -44.29 6.66 17.37
C TRP A 1546 -44.89 5.58 16.48
N LEU A 1547 -46.09 5.85 15.95
CA LEU A 1547 -46.87 4.84 15.23
C LEU A 1547 -46.46 4.73 13.76
N SER A 1548 -46.45 5.85 13.05
CA SER A 1548 -46.10 5.87 11.63
C SER A 1548 -44.78 5.18 11.32
N PRO A 1549 -43.66 5.47 11.99
CA PRO A 1549 -42.42 4.75 11.66
C PRO A 1549 -42.46 3.28 12.03
N ALA A 1550 -43.19 2.91 13.09
CA ALA A 1550 -43.28 1.50 13.49
C ALA A 1550 -43.97 0.68 12.40
N LEU A 1551 -45.11 1.18 11.91
CA LEU A 1551 -45.79 0.47 10.82
C LEU A 1551 -44.97 0.48 9.54
N ALA A 1552 -44.24 1.56 9.27
CA ALA A 1552 -43.33 1.57 8.12
C ALA A 1552 -42.24 0.51 8.26
N ALA A 1553 -41.77 0.24 9.47
CA ALA A 1553 -40.73 -0.79 9.64
C ALA A 1553 -41.30 -2.20 9.57
N MET A 1554 -42.55 -2.39 10.01
CA MET A 1554 -43.25 -3.66 9.75
C MET A 1554 -43.43 -3.93 8.25
N GLU A 1555 -43.77 -2.88 7.50
CA GLU A 1555 -43.77 -3.00 6.06
C GLU A 1555 -42.37 -3.31 5.53
N LEU A 1556 -41.33 -2.70 6.10
CA LEU A 1556 -39.98 -2.95 5.60
C LEU A 1556 -39.52 -4.37 5.86
N ALA A 1557 -39.95 -4.96 6.97
CA ALA A 1557 -39.77 -6.39 7.18
C ALA A 1557 -40.48 -7.19 6.07
N GLN A 1558 -41.72 -6.80 5.73
CA GLN A 1558 -42.42 -7.47 4.63
C GLN A 1558 -41.63 -7.38 3.34
N MET A 1559 -41.15 -6.18 3.03
CA MET A 1559 -40.46 -5.91 1.78
C MET A 1559 -39.18 -6.72 1.68
N VAL A 1560 -38.35 -6.71 2.72
CA VAL A 1560 -37.10 -7.45 2.65
C VAL A 1560 -37.37 -8.94 2.54
N THR A 1561 -38.45 -9.42 3.16
CA THR A 1561 -38.79 -10.83 3.02
C THR A 1561 -39.11 -11.19 1.58
N GLN A 1562 -40.04 -10.47 0.96
CA GLN A 1562 -40.57 -10.88 -0.34
C GLN A 1562 -39.85 -10.24 -1.53
N ALA A 1563 -38.77 -9.49 -1.28
CA ALA A 1563 -38.04 -8.72 -2.29
C ALA A 1563 -39.02 -7.87 -3.08
N MET A 1564 -39.30 -6.67 -2.59
CA MET A 1564 -40.44 -5.93 -3.09
C MET A 1564 -40.35 -4.52 -2.56
N TRP A 1565 -40.59 -3.53 -3.43
CA TRP A 1565 -40.50 -2.17 -2.96
C TRP A 1565 -41.81 -1.79 -2.28
N SER A 1566 -41.88 -0.53 -1.82
CA SER A 1566 -42.98 -0.09 -0.97
C SER A 1566 -44.32 -0.30 -1.66
N LYS A 1567 -44.50 0.35 -2.81
CA LYS A 1567 -45.72 0.18 -3.61
C LYS A 1567 -45.34 -0.54 -4.90
N ASP A 1568 -45.52 -1.86 -4.88
CA ASP A 1568 -45.57 -2.73 -6.04
C ASP A 1568 -46.93 -3.43 -6.05
N SER A 1569 -47.13 -4.27 -7.05
CA SER A 1569 -48.27 -5.18 -7.02
C SER A 1569 -48.01 -6.25 -5.99
N TYR A 1570 -49.01 -6.51 -5.15
CA TYR A 1570 -48.93 -7.64 -4.24
C TYR A 1570 -48.75 -8.93 -5.01
N LEU A 1571 -49.25 -8.97 -6.26
CA LEU A 1571 -49.06 -10.08 -7.17
C LEU A 1571 -47.60 -10.34 -7.50
N LYS A 1572 -46.68 -9.43 -7.14
CA LYS A 1572 -45.24 -9.70 -7.26
C LYS A 1572 -44.77 -10.78 -6.30
N GLN A 1573 -45.60 -11.19 -5.35
CA GLN A 1573 -45.22 -12.26 -4.45
C GLN A 1573 -45.38 -13.63 -5.08
N LEU A 1574 -46.33 -13.74 -6.01
CA LEU A 1574 -46.68 -15.02 -6.60
C LEU A 1574 -45.54 -15.55 -7.47
N PRO A 1575 -45.26 -16.86 -7.40
CA PRO A 1575 -44.21 -17.43 -8.25
C PRO A 1575 -44.59 -17.35 -9.73
N HIS A 1576 -43.60 -16.98 -10.55
CA HIS A 1576 -43.66 -16.97 -12.01
C HIS A 1576 -44.47 -15.80 -12.58
N PHE A 1577 -44.67 -14.73 -11.81
CA PHE A 1577 -45.33 -13.53 -12.32
C PHE A 1577 -44.29 -12.55 -12.82
N THR A 1578 -44.44 -12.09 -14.07
CA THR A 1578 -43.62 -11.04 -14.64
C THR A 1578 -44.44 -9.77 -14.77
N SER A 1579 -43.79 -8.74 -15.31
CA SER A 1579 -44.45 -7.45 -15.44
C SER A 1579 -45.73 -7.57 -16.27
N GLU A 1580 -45.67 -8.36 -17.35
CA GLU A 1580 -46.83 -8.51 -18.23
C GLU A 1580 -48.01 -9.12 -17.49
N HIS A 1581 -47.76 -10.13 -16.66
CA HIS A 1581 -48.86 -10.79 -15.95
C HIS A 1581 -49.50 -9.83 -14.95
N ILE A 1582 -48.69 -8.97 -14.32
CA ILE A 1582 -49.23 -7.98 -13.39
C ILE A 1582 -50.07 -6.95 -14.15
N LYS A 1583 -49.60 -6.51 -15.31
CA LYS A 1583 -50.39 -5.64 -16.17
C LYS A 1583 -51.73 -6.27 -16.51
N ARG A 1584 -51.73 -7.55 -16.84
CA ARG A 1584 -52.96 -8.24 -17.25
C ARG A 1584 -53.94 -8.37 -16.08
N CYS A 1585 -53.43 -8.77 -14.90
CA CYS A 1585 -54.30 -8.90 -13.74
C CYS A 1585 -54.85 -7.55 -13.30
N THR A 1586 -54.02 -6.50 -13.36
CA THR A 1586 -54.51 -5.16 -13.06
C THR A 1586 -55.54 -4.72 -14.09
N ASP A 1587 -55.34 -5.10 -15.36
CA ASP A 1587 -56.31 -4.79 -16.40
C ASP A 1587 -57.67 -5.41 -16.10
N LYS A 1588 -57.68 -6.69 -15.72
CA LYS A 1588 -58.93 -7.25 -15.26
C LYS A 1588 -59.30 -6.75 -13.86
N GLY A 1589 -58.34 -6.19 -13.13
CA GLY A 1589 -58.62 -5.56 -11.86
C GLY A 1589 -58.54 -6.47 -10.65
N VAL A 1590 -57.67 -7.49 -10.67
CA VAL A 1590 -57.63 -8.42 -9.56
C VAL A 1590 -56.69 -7.90 -8.45
N GLU A 1591 -55.49 -7.46 -8.83
CA GLU A 1591 -54.55 -6.79 -7.93
C GLU A 1591 -54.25 -7.46 -6.58
N SER A 1592 -54.95 -8.54 -6.23
CA SER A 1592 -54.78 -9.18 -4.91
C SER A 1592 -54.48 -10.66 -5.05
N VAL A 1593 -53.68 -11.19 -4.13
CA VAL A 1593 -53.49 -12.63 -4.05
C VAL A 1593 -54.83 -13.32 -3.80
N PHE A 1594 -55.64 -12.76 -2.91
CA PHE A 1594 -56.96 -13.35 -2.65
C PHE A 1594 -57.83 -13.31 -3.89
N ASP A 1595 -57.63 -12.32 -4.76
CA ASP A 1595 -58.37 -12.26 -6.00
C ASP A 1595 -57.96 -13.39 -6.94
N ILE A 1596 -56.66 -13.71 -6.99
CA ILE A 1596 -56.21 -14.87 -7.76
C ILE A 1596 -56.86 -16.14 -7.21
N MET A 1597 -56.99 -16.25 -5.89
CA MET A 1597 -57.67 -17.41 -5.33
C MET A 1597 -59.15 -17.42 -5.67
N GLU A 1598 -59.76 -16.23 -5.81
CA GLU A 1598 -61.20 -16.15 -6.04
C GLU A 1598 -61.59 -16.48 -7.48
N MET A 1599 -60.66 -16.34 -8.41
CA MET A 1599 -60.98 -16.56 -9.82
C MET A 1599 -61.43 -18.00 -10.06
N GLU A 1600 -62.36 -18.16 -10.98
CA GLU A 1600 -62.67 -19.48 -11.50
C GLU A 1600 -61.41 -20.07 -12.14
N ASP A 1601 -61.21 -21.38 -11.96
CA ASP A 1601 -59.92 -21.98 -12.23
C ASP A 1601 -59.51 -21.83 -13.69
N GLU A 1602 -60.40 -22.18 -14.62
CA GLU A 1602 -60.06 -22.04 -16.03
C GLU A 1602 -59.95 -20.57 -16.44
N GLU A 1603 -60.71 -19.68 -15.80
CA GLU A 1603 -60.61 -18.26 -16.10
C GLU A 1603 -59.23 -17.71 -15.76
N ARG A 1604 -58.73 -18.05 -14.56
CA ARG A 1604 -57.38 -17.62 -14.21
C ARG A 1604 -56.33 -18.33 -15.04
N ASN A 1605 -56.57 -19.58 -15.45
CA ASN A 1605 -55.61 -20.25 -16.33
C ASN A 1605 -55.51 -19.52 -17.67
N ALA A 1606 -56.65 -19.11 -18.23
CA ALA A 1606 -56.66 -18.34 -19.46
C ALA A 1606 -56.04 -16.95 -19.27
N LEU A 1607 -56.12 -16.41 -18.05
CA LEU A 1607 -55.52 -15.11 -17.76
C LEU A 1607 -54.01 -15.19 -17.58
N LEU A 1608 -53.51 -16.25 -16.92
CA LEU A 1608 -52.13 -16.30 -16.48
C LEU A 1608 -51.16 -16.40 -17.65
N GLN A 1609 -51.51 -17.20 -18.66
CA GLN A 1609 -50.62 -17.55 -19.77
C GLN A 1609 -49.32 -18.16 -19.22
N LEU A 1610 -49.50 -19.37 -18.68
CA LEU A 1610 -48.53 -19.97 -17.78
C LEU A 1610 -48.57 -21.49 -17.94
N THR A 1611 -47.41 -22.12 -17.68
CA THR A 1611 -47.22 -23.58 -17.66
C THR A 1611 -48.06 -24.21 -16.54
N ASP A 1612 -48.13 -25.54 -16.55
CA ASP A 1612 -48.86 -26.28 -15.51
C ASP A 1612 -48.08 -26.35 -14.21
N SER A 1613 -46.76 -26.58 -14.31
CA SER A 1613 -45.89 -26.55 -13.14
C SER A 1613 -45.88 -25.16 -12.51
N GLN A 1614 -45.87 -24.13 -13.35
CA GLN A 1614 -45.87 -22.76 -12.83
C GLN A 1614 -47.20 -22.42 -12.14
N ILE A 1615 -48.32 -22.85 -12.74
CA ILE A 1615 -49.64 -22.69 -12.09
C ILE A 1615 -49.68 -23.43 -10.76
N ALA A 1616 -49.03 -24.61 -10.67
CA ALA A 1616 -49.01 -25.34 -9.41
C ALA A 1616 -48.16 -24.65 -8.34
N ASP A 1617 -47.05 -24.01 -8.74
CA ASP A 1617 -46.29 -23.21 -7.78
C ASP A 1617 -47.11 -22.02 -7.28
N VAL A 1618 -47.82 -21.36 -8.20
CA VAL A 1618 -48.74 -20.29 -7.80
C VAL A 1618 -49.72 -20.81 -6.76
N ALA A 1619 -50.22 -22.03 -6.97
CA ALA A 1619 -51.20 -22.61 -6.06
C ALA A 1619 -50.59 -22.96 -4.70
N ARG A 1620 -49.35 -23.45 -4.68
CA ARG A 1620 -48.73 -23.77 -3.39
C ARG A 1620 -48.54 -22.50 -2.56
N PHE A 1621 -48.14 -21.40 -3.20
CA PHE A 1621 -48.06 -20.13 -2.48
C PHE A 1621 -49.44 -19.67 -2.02
N CYS A 1622 -50.45 -19.72 -2.90
CA CYS A 1622 -51.79 -19.26 -2.53
C CYS A 1622 -52.40 -20.09 -1.41
N ASN A 1623 -51.97 -21.35 -1.27
CA ASN A 1623 -52.42 -22.13 -0.14
C ASN A 1623 -51.65 -21.78 1.13
N ARG A 1624 -50.35 -21.47 0.99
CA ARG A 1624 -49.62 -21.08 2.19
C ARG A 1624 -49.74 -19.59 2.51
N TYR A 1625 -50.39 -18.79 1.67
CA TYR A 1625 -50.58 -17.37 1.96
C TYR A 1625 -51.47 -17.20 3.18
N PRO A 1626 -51.18 -16.22 4.04
CA PRO A 1626 -51.99 -16.02 5.25
C PRO A 1626 -53.42 -15.60 4.91
N ASN A 1627 -54.38 -16.30 5.53
CA ASN A 1627 -55.81 -16.11 5.32
C ASN A 1627 -56.41 -16.08 6.72
N ILE A 1628 -56.39 -14.90 7.34
CA ILE A 1628 -56.65 -14.78 8.77
C ILE A 1628 -57.82 -13.85 8.99
N GLU A 1629 -58.85 -14.35 9.67
CA GLU A 1629 -59.94 -13.53 10.18
C GLU A 1629 -59.64 -13.18 11.62
N LEU A 1630 -59.68 -11.88 11.95
CA LEU A 1630 -59.50 -11.46 13.32
C LEU A 1630 -60.84 -10.97 13.88
N SER A 1631 -60.96 -11.07 15.20
CA SER A 1631 -62.10 -10.54 15.95
C SER A 1631 -61.58 -9.97 17.25
N TYR A 1632 -61.91 -8.71 17.56
CA TYR A 1632 -61.43 -8.07 18.78
C TYR A 1632 -62.59 -7.65 19.67
N GLU A 1633 -62.41 -7.82 20.99
CA GLU A 1633 -63.38 -7.41 22.00
C GLU A 1633 -62.67 -6.58 23.06
N VAL A 1634 -63.22 -5.40 23.36
CA VAL A 1634 -62.71 -4.58 24.46
C VAL A 1634 -63.43 -5.04 25.74
N VAL A 1635 -62.70 -5.71 26.64
CA VAL A 1635 -63.31 -6.17 27.88
C VAL A 1635 -63.67 -4.97 28.73
N ASP A 1636 -64.82 -5.04 29.43
CA ASP A 1636 -65.32 -3.97 30.29
C ASP A 1636 -65.58 -2.69 29.51
N LYS A 1637 -65.99 -2.82 28.23
CA LYS A 1637 -66.18 -1.66 27.37
C LYS A 1637 -67.21 -0.69 27.94
N ASP A 1638 -68.13 -1.21 28.77
CA ASP A 1638 -69.24 -0.42 29.28
C ASP A 1638 -68.74 0.77 30.11
N SER A 1639 -67.79 0.54 31.01
CA SER A 1639 -67.36 1.55 31.98
C SER A 1639 -66.02 2.17 31.55
N ILE A 1640 -66.09 3.24 30.75
CA ILE A 1640 -64.92 4.03 30.41
C ILE A 1640 -64.47 4.80 31.65
N ARG A 1641 -63.25 4.54 32.12
CA ARG A 1641 -62.74 5.16 33.33
C ARG A 1641 -61.33 5.65 33.09
N SER A 1642 -61.10 6.94 33.30
CA SER A 1642 -59.81 7.53 32.97
C SER A 1642 -58.69 6.92 33.80
N GLY A 1643 -57.51 6.80 33.18
CA GLY A 1643 -56.30 6.33 33.81
C GLY A 1643 -56.24 4.85 34.10
N GLY A 1644 -57.29 4.09 33.81
CA GLY A 1644 -57.42 2.73 34.25
C GLY A 1644 -57.12 1.70 33.17
N PRO A 1645 -57.39 0.43 33.49
CA PRO A 1645 -56.95 -0.66 32.61
C PRO A 1645 -57.88 -0.86 31.42
N VAL A 1646 -57.32 -0.82 30.21
CA VAL A 1646 -58.01 -1.14 28.98
C VAL A 1646 -57.46 -2.46 28.49
N VAL A 1647 -58.27 -3.50 28.59
CA VAL A 1647 -57.92 -4.85 28.14
C VAL A 1647 -58.60 -5.05 26.80
N VAL A 1648 -57.82 -5.20 25.74
CA VAL A 1648 -58.36 -5.55 24.44
C VAL A 1648 -57.91 -6.97 24.12
N LEU A 1649 -58.86 -7.90 24.00
CA LEU A 1649 -58.55 -9.28 23.66
C LEU A 1649 -58.86 -9.50 22.19
N VAL A 1650 -57.83 -9.89 21.42
CA VAL A 1650 -57.95 -10.08 19.98
C VAL A 1650 -57.72 -11.55 19.68
N GLN A 1651 -58.59 -12.13 18.84
CA GLN A 1651 -58.48 -13.52 18.42
C GLN A 1651 -58.22 -13.58 16.92
N LEU A 1652 -57.46 -14.59 16.52
CA LEU A 1652 -57.03 -14.79 15.14
C LEU A 1652 -57.32 -16.23 14.75
N GLU A 1653 -58.03 -16.40 13.62
CA GLU A 1653 -58.45 -17.69 13.11
C GLU A 1653 -57.95 -17.85 11.67
N ARG A 1654 -57.42 -19.03 11.38
CA ARG A 1654 -56.75 -19.34 10.11
C ARG A 1654 -57.60 -20.29 9.29
N GLU A 1655 -58.11 -19.81 8.15
CA GLU A 1655 -59.04 -20.57 7.32
C GLU A 1655 -58.53 -21.97 7.01
N GLU A 1656 -57.25 -22.09 6.66
CA GLU A 1656 -56.64 -23.39 6.39
C GLU A 1656 -55.35 -23.49 7.19
N GLU A 1657 -55.27 -24.51 8.06
CA GLU A 1657 -54.17 -24.64 9.00
C GLU A 1657 -52.82 -24.50 8.29
N VAL A 1658 -51.85 -23.94 9.01
CA VAL A 1658 -50.53 -23.67 8.43
C VAL A 1658 -49.96 -24.96 7.85
N THR A 1659 -49.41 -24.85 6.64
CA THR A 1659 -48.81 -26.00 5.97
C THR A 1659 -47.30 -25.86 5.81
N GLY A 1660 -46.64 -25.04 6.63
CA GLY A 1660 -45.19 -24.98 6.62
C GLY A 1660 -44.59 -23.60 6.84
N PRO A 1661 -43.26 -23.51 6.70
CA PRO A 1661 -42.59 -22.21 6.85
C PRO A 1661 -43.00 -21.24 5.77
N VAL A 1662 -42.57 -19.99 5.93
CA VAL A 1662 -42.94 -18.93 4.99
C VAL A 1662 -42.41 -19.25 3.59
N ILE A 1663 -43.21 -18.94 2.57
CA ILE A 1663 -42.78 -19.01 1.18
C ILE A 1663 -42.16 -17.66 0.84
N ALA A 1664 -40.85 -17.64 0.67
CA ALA A 1664 -40.12 -16.42 0.35
C ALA A 1664 -38.81 -16.81 -0.31
N PRO A 1665 -38.86 -17.31 -1.55
CA PRO A 1665 -37.65 -17.86 -2.19
C PRO A 1665 -36.49 -16.89 -2.22
N LEU A 1666 -36.76 -15.60 -2.47
CA LEU A 1666 -35.70 -14.61 -2.56
C LEU A 1666 -35.07 -14.27 -1.23
N PHE A 1667 -35.52 -14.89 -0.14
CA PHE A 1667 -34.92 -14.70 1.17
C PHE A 1667 -34.15 -15.96 1.57
N PRO A 1668 -32.90 -15.83 2.05
CA PRO A 1668 -32.06 -17.02 2.28
C PRO A 1668 -32.51 -17.87 3.45
N GLN A 1669 -32.60 -17.27 4.65
CA GLN A 1669 -33.03 -18.01 5.81
C GLN A 1669 -34.49 -18.46 5.65
N LYS A 1670 -34.82 -19.58 6.30
CA LYS A 1670 -36.18 -20.08 6.34
C LYS A 1670 -36.87 -19.46 7.54
N ARG A 1671 -37.97 -18.76 7.29
CA ARG A 1671 -38.63 -17.96 8.30
C ARG A 1671 -39.89 -18.65 8.76
N GLU A 1672 -40.45 -18.14 9.84
CA GLU A 1672 -41.81 -18.46 10.22
C GLU A 1672 -42.63 -17.17 10.31
N GLU A 1673 -43.94 -17.30 10.08
CA GLU A 1673 -44.80 -16.13 10.06
C GLU A 1673 -44.78 -15.40 11.40
N GLY A 1674 -44.62 -14.09 11.36
CA GLY A 1674 -44.66 -13.26 12.56
C GLY A 1674 -45.60 -12.08 12.41
N TRP A 1675 -46.32 -11.77 13.48
CA TRP A 1675 -47.37 -10.75 13.45
C TRP A 1675 -47.19 -9.77 14.59
N TRP A 1676 -47.59 -8.51 14.36
CA TRP A 1676 -47.74 -7.56 15.46
C TRP A 1676 -49.17 -7.03 15.48
N VAL A 1677 -49.76 -6.98 16.68
CA VAL A 1677 -51.03 -6.30 16.93
C VAL A 1677 -50.72 -4.94 17.53
N VAL A 1678 -51.13 -3.88 16.84
CA VAL A 1678 -50.94 -2.50 17.28
C VAL A 1678 -52.30 -1.89 17.55
N ILE A 1679 -52.37 -1.02 18.55
CA ILE A 1679 -53.60 -0.34 18.95
C ILE A 1679 -53.43 1.18 18.89
N GLY A 1680 -52.34 1.67 18.29
CA GLY A 1680 -52.08 3.10 18.25
C GLY A 1680 -53.19 3.88 17.56
N ASP A 1681 -53.23 5.17 17.83
CA ASP A 1681 -54.19 6.10 17.24
C ASP A 1681 -53.52 6.90 16.13
N ALA A 1682 -54.22 7.04 15.00
CA ALA A 1682 -53.60 7.59 13.79
C ALA A 1682 -53.55 9.12 13.80
N LYS A 1683 -54.62 9.76 14.28
CA LYS A 1683 -54.67 11.23 14.28
C LYS A 1683 -53.48 11.82 15.01
N SER A 1684 -53.21 11.33 16.23
CA SER A 1684 -52.10 11.79 17.04
C SER A 1684 -50.80 11.04 16.76
N ASN A 1685 -50.85 9.95 15.98
CA ASN A 1685 -49.68 9.13 15.69
C ASN A 1685 -49.03 8.61 16.99
N SER A 1686 -49.86 8.17 17.92
CA SER A 1686 -49.41 7.69 19.22
C SER A 1686 -49.55 6.18 19.26
N LEU A 1687 -48.42 5.47 19.22
CA LEU A 1687 -48.46 4.03 19.33
C LEU A 1687 -48.85 3.65 20.76
N ILE A 1688 -50.00 2.98 20.90
CA ILE A 1688 -50.65 2.86 22.19
C ILE A 1688 -50.27 1.55 22.86
N SER A 1689 -50.61 0.42 22.26
CA SER A 1689 -50.13 -0.87 22.71
C SER A 1689 -49.56 -1.62 21.51
N ILE A 1690 -48.84 -2.70 21.80
CA ILE A 1690 -48.39 -3.60 20.75
C ILE A 1690 -48.05 -4.94 21.39
N LYS A 1691 -48.30 -6.00 20.65
CA LYS A 1691 -47.93 -7.34 21.11
C LYS A 1691 -47.51 -8.17 19.91
N ARG A 1692 -46.32 -8.78 19.98
CA ARG A 1692 -45.78 -9.63 18.92
C ARG A 1692 -46.23 -11.09 19.12
N LEU A 1693 -46.60 -11.77 18.03
CA LEU A 1693 -47.16 -13.11 18.16
C LEU A 1693 -46.82 -14.00 16.95
N THR A 1694 -46.72 -15.30 17.23
CA THR A 1694 -46.70 -16.37 16.24
C THR A 1694 -48.05 -17.06 16.26
N LEU A 1695 -48.63 -17.30 15.07
CA LEU A 1695 -49.99 -17.79 14.92
C LEU A 1695 -49.99 -19.13 14.22
N GLN A 1696 -50.58 -20.15 14.86
CA GLN A 1696 -50.89 -21.39 14.18
C GLN A 1696 -52.30 -21.33 13.61
N GLN A 1697 -53.15 -22.30 13.92
CA GLN A 1697 -54.51 -22.27 13.40
C GLN A 1697 -55.33 -21.16 14.07
N LYS A 1698 -55.24 -21.06 15.40
CA LYS A 1698 -56.08 -20.13 16.15
C LYS A 1698 -55.31 -19.65 17.38
N ALA A 1699 -55.53 -18.39 17.75
CA ALA A 1699 -54.89 -17.88 18.97
C ALA A 1699 -55.60 -16.65 19.52
N LYS A 1700 -55.46 -16.45 20.84
CA LYS A 1700 -56.02 -15.32 21.57
C LYS A 1700 -54.88 -14.51 22.17
N VAL A 1701 -55.05 -13.18 22.25
CA VAL A 1701 -53.98 -12.31 22.73
C VAL A 1701 -54.55 -11.13 23.50
N LYS A 1702 -53.83 -10.71 24.53
CA LYS A 1702 -54.22 -9.65 25.44
C LYS A 1702 -53.40 -8.40 25.16
N LEU A 1703 -54.04 -7.24 25.17
CA LEU A 1703 -53.36 -5.96 25.00
C LEU A 1703 -53.75 -5.05 26.15
N ASP A 1704 -52.74 -4.43 26.77
CA ASP A 1704 -52.91 -3.57 27.92
C ASP A 1704 -52.76 -2.10 27.51
N PHE A 1705 -53.63 -1.27 28.06
CA PHE A 1705 -53.52 0.17 27.86
C PHE A 1705 -54.06 0.88 29.11
N VAL A 1706 -53.72 2.16 29.25
CA VAL A 1706 -54.19 3.00 30.35
C VAL A 1706 -54.87 4.23 29.76
N ALA A 1707 -56.16 4.40 30.04
CA ALA A 1707 -56.99 5.38 29.35
C ALA A 1707 -56.47 6.81 29.53
N PRO A 1708 -56.74 7.72 28.57
CA PRO A 1708 -56.37 9.13 28.75
C PRO A 1708 -57.47 10.00 29.34
N ALA A 1709 -58.73 9.59 29.23
CA ALA A 1709 -59.85 10.33 29.79
C ALA A 1709 -61.11 9.50 29.66
N THR A 1710 -62.20 9.99 30.27
CA THR A 1710 -63.54 9.50 29.99
C THR A 1710 -64.14 10.31 28.84
N GLY A 1711 -63.44 10.29 27.72
CA GLY A 1711 -63.80 11.15 26.61
C GLY A 1711 -64.24 10.42 25.36
N ALA A 1712 -64.63 9.15 25.52
CA ALA A 1712 -65.09 8.31 24.41
C ALA A 1712 -64.13 8.41 23.21
N HIS A 1713 -62.92 7.90 23.43
CA HIS A 1713 -61.84 8.05 22.45
C HIS A 1713 -62.08 7.15 21.24
N ASN A 1714 -61.20 7.33 20.24
CA ASN A 1714 -61.23 6.61 18.98
C ASN A 1714 -59.84 6.09 18.66
N TYR A 1715 -59.75 4.81 18.29
CA TYR A 1715 -58.47 4.17 18.02
C TYR A 1715 -58.54 3.33 16.74
N THR A 1716 -57.40 3.21 16.07
CA THR A 1716 -57.24 2.28 14.96
C THR A 1716 -56.53 1.03 15.47
N LEU A 1717 -56.90 -0.13 14.94
CA LEU A 1717 -56.26 -1.39 15.28
C LEU A 1717 -55.58 -1.93 14.03
N TYR A 1718 -54.32 -2.35 14.18
CA TYR A 1718 -53.49 -2.87 13.10
C TYR A 1718 -53.10 -4.31 13.39
N PHE A 1719 -53.21 -5.16 12.37
CA PHE A 1719 -52.69 -6.52 12.36
C PHE A 1719 -51.68 -6.57 11.22
N MET A 1720 -50.40 -6.67 11.53
CA MET A 1720 -49.36 -6.43 10.54
C MET A 1720 -48.38 -7.59 10.43
N SER A 1721 -48.13 -8.03 9.20
CA SER A 1721 -47.22 -9.11 8.90
C SER A 1721 -45.77 -8.62 8.99
N ASP A 1722 -44.87 -9.56 9.23
CA ASP A 1722 -43.46 -9.30 9.05
C ASP A 1722 -42.89 -10.00 7.83
N ALA A 1723 -43.74 -10.68 7.04
CA ALA A 1723 -43.29 -11.64 6.04
C ALA A 1723 -44.06 -11.57 4.73
N TYR A 1724 -45.32 -11.15 4.71
CA TYR A 1724 -46.11 -11.08 3.49
C TYR A 1724 -46.69 -9.68 3.34
N MET A 1725 -46.88 -9.25 2.09
CA MET A 1725 -47.56 -8.00 1.79
C MET A 1725 -48.98 -8.29 1.35
N GLY A 1726 -49.91 -7.40 1.73
CA GLY A 1726 -51.29 -7.47 1.34
C GLY A 1726 -52.23 -7.89 2.45
N CYS A 1727 -51.77 -8.76 3.35
CA CYS A 1727 -52.62 -9.36 4.36
C CYS A 1727 -52.74 -8.52 5.64
N ASP A 1728 -52.23 -7.29 5.64
CA ASP A 1728 -52.36 -6.44 6.82
C ASP A 1728 -53.80 -5.94 6.96
N GLN A 1729 -54.31 -5.97 8.19
CA GLN A 1729 -55.68 -5.56 8.46
C GLN A 1729 -55.72 -4.29 9.31
N GLU A 1730 -56.72 -3.44 9.03
CA GLU A 1730 -57.05 -2.24 9.79
C GLU A 1730 -58.50 -2.30 10.24
N TYR A 1731 -58.76 -1.99 11.51
CA TYR A 1731 -60.11 -1.84 12.05
C TYR A 1731 -60.13 -0.57 12.90
N LYS A 1732 -61.31 -0.23 13.46
CA LYS A 1732 -61.43 0.95 14.31
C LYS A 1732 -62.36 0.67 15.47
N PHE A 1733 -62.19 1.44 16.55
CA PHE A 1733 -63.07 1.35 17.72
C PHE A 1733 -62.91 2.55 18.65
N GLY B 1 65.90 31.78 -9.10
CA GLY B 1 65.25 33.05 -8.80
C GLY B 1 64.04 33.45 -9.63
N PRO B 2 62.88 32.79 -9.38
CA PRO B 2 61.67 33.08 -10.14
C PRO B 2 60.55 33.72 -9.31
N LEU B 3 60.56 35.04 -9.25
CA LEU B 3 59.40 35.77 -8.76
C LEU B 3 58.30 35.84 -9.81
N GLY B 4 58.69 35.94 -11.09
CA GLY B 4 57.76 36.14 -12.19
C GLY B 4 57.65 35.03 -13.21
N SER B 5 58.73 34.29 -13.46
CA SER B 5 58.65 33.18 -14.42
C SER B 5 57.85 32.01 -13.86
N MET B 6 57.94 31.77 -12.55
CA MET B 6 57.25 30.65 -11.92
C MET B 6 56.37 31.18 -10.80
N THR B 7 55.05 31.00 -10.94
CA THR B 7 54.09 31.47 -9.96
C THR B 7 53.12 30.34 -9.63
N GLN B 8 52.93 30.10 -8.33
CA GLN B 8 52.00 29.09 -7.86
C GLN B 8 51.14 29.68 -6.75
N THR B 9 50.03 29.02 -6.44
CA THR B 9 48.98 29.57 -5.59
C THR B 9 48.52 28.49 -4.61
N PHE B 10 48.42 28.85 -3.35
CA PHE B 10 48.10 27.86 -2.32
C PHE B 10 46.63 27.43 -2.41
N SER B 11 46.39 26.12 -2.25
CA SER B 11 45.04 25.57 -2.20
C SER B 11 44.87 24.84 -0.87
N SER B 12 43.80 25.18 -0.15
CA SER B 12 43.52 24.59 1.15
C SER B 12 43.59 23.07 1.09
N LYS B 13 43.92 22.46 2.24
CA LYS B 13 44.11 21.03 2.42
C LYS B 13 43.80 20.69 3.89
N THR B 14 42.56 20.91 4.30
CA THR B 14 42.16 20.87 5.72
C THR B 14 42.30 19.46 6.30
N GLU B 15 42.63 19.40 7.60
CA GLU B 15 43.03 18.13 8.20
C GLU B 15 41.84 17.30 8.67
N TRP B 16 40.79 17.96 9.18
CA TRP B 16 39.66 17.17 9.66
C TRP B 16 39.10 16.27 8.57
N ARG B 17 39.24 16.63 7.29
CA ARG B 17 38.69 15.79 6.22
C ARG B 17 39.46 14.48 6.07
N VAL B 18 40.81 14.54 6.16
CA VAL B 18 41.62 13.33 6.16
C VAL B 18 41.30 12.48 7.37
N ARG B 19 41.09 13.12 8.53
CA ARG B 19 40.71 12.37 9.72
C ARG B 19 39.29 11.77 9.60
N ALA B 20 38.41 12.44 8.86
CA ALA B 20 37.05 11.94 8.63
C ALA B 20 37.05 10.73 7.71
N ILE B 21 37.79 10.81 6.60
CA ILE B 21 37.95 9.63 5.74
C ILE B 21 38.53 8.47 6.55
N SER B 22 39.50 8.77 7.40
CA SER B 22 40.10 7.76 8.25
C SER B 22 39.08 7.12 9.21
N ALA B 23 38.29 7.96 9.90
CA ALA B 23 37.35 7.43 10.89
C ALA B 23 36.19 6.65 10.24
N ALA B 24 35.90 6.88 8.96
CA ALA B 24 34.88 6.05 8.31
C ALA B 24 35.20 4.55 8.40
N ASN B 25 36.50 4.18 8.43
CA ASN B 25 36.96 2.79 8.37
C ASN B 25 37.25 2.15 9.75
N LEU B 26 36.88 2.82 10.84
CA LEU B 26 37.16 2.25 12.16
C LEU B 26 36.52 0.88 12.34
N HIS B 27 35.39 0.60 11.66
CA HIS B 27 34.67 -0.66 11.86
C HIS B 27 35.56 -1.89 11.58
N LEU B 28 36.56 -1.75 10.70
CA LEU B 28 37.49 -2.86 10.45
C LEU B 28 38.20 -3.32 11.73
N ARG B 29 38.58 -2.38 12.60
CA ARG B 29 39.29 -2.69 13.85
C ARG B 29 38.43 -3.45 14.86
N THR B 30 37.12 -3.47 14.72
CA THR B 30 36.30 -4.12 15.73
C THR B 30 36.27 -5.64 15.57
N ASN B 31 36.83 -6.16 14.50
CA ASN B 31 36.94 -7.60 14.33
C ASN B 31 38.32 -8.11 14.74
N HIS B 32 39.12 -7.25 15.35
CA HIS B 32 40.46 -7.56 15.78
C HIS B 32 40.69 -6.75 17.06
N ILE B 33 39.94 -7.08 18.11
CA ILE B 33 40.12 -6.45 19.41
C ILE B 33 40.87 -7.41 20.30
N TYR B 34 41.97 -6.94 20.91
CA TYR B 34 42.75 -7.75 21.81
C TYR B 34 42.83 -7.11 23.19
N VAL B 35 42.92 -7.95 24.22
CA VAL B 35 43.05 -7.51 25.60
C VAL B 35 44.38 -7.97 26.14
N SER B 36 45.12 -7.06 26.78
CA SER B 36 46.31 -7.47 27.53
C SER B 36 45.91 -8.27 28.77
N SER B 37 46.69 -9.33 29.06
CA SER B 37 46.42 -10.19 30.22
C SER B 37 47.69 -10.42 31.03
N ASP B 38 48.45 -9.35 31.30
CA ASP B 38 49.70 -9.48 32.03
C ASP B 38 49.49 -9.49 33.54
N ASP B 39 48.40 -8.87 34.01
CA ASP B 39 47.99 -9.02 35.40
C ASP B 39 47.61 -10.47 35.67
N ILE B 40 48.05 -10.99 36.82
CA ILE B 40 48.02 -12.45 37.02
C ILE B 40 47.21 -12.87 38.25
N LYS B 41 47.08 -12.00 39.26
CA LYS B 41 46.73 -12.50 40.60
C LYS B 41 45.23 -12.74 40.79
N GLU B 42 44.37 -12.00 40.10
CA GLU B 42 42.92 -12.04 40.27
C GLU B 42 42.48 -11.56 41.66
N THR B 43 43.41 -11.07 42.48
CA THR B 43 43.06 -10.54 43.79
C THR B 43 42.11 -9.36 43.66
N GLY B 44 42.33 -8.50 42.66
CA GLY B 44 41.40 -7.45 42.37
C GLY B 44 40.13 -7.99 41.74
N TYR B 45 39.27 -7.07 41.31
CA TYR B 45 38.06 -7.50 40.65
C TYR B 45 38.36 -7.93 39.22
N THR B 46 37.47 -8.74 38.66
CA THR B 46 37.48 -9.05 37.23
C THR B 46 36.40 -8.22 36.55
N TYR B 47 36.76 -7.51 35.49
CA TYR B 47 35.84 -6.64 34.79
C TYR B 47 35.50 -7.24 33.44
N ILE B 48 34.22 -7.42 33.16
CA ILE B 48 33.76 -8.00 31.92
C ILE B 48 33.07 -6.91 31.10
N LEU B 49 33.60 -6.68 29.89
CA LEU B 49 33.17 -5.65 28.96
C LEU B 49 32.41 -6.30 27.83
N PRO B 50 31.12 -6.01 27.67
CA PRO B 50 30.38 -6.59 26.56
C PRO B 50 30.88 -6.04 25.23
N LYS B 51 31.03 -6.92 24.25
CA LYS B 51 31.63 -6.52 22.98
C LYS B 51 30.76 -5.50 22.24
N ASN B 52 29.43 -5.57 22.39
CA ASN B 52 28.61 -4.71 21.55
C ASN B 52 28.93 -3.22 21.78
N VAL B 53 28.84 -2.74 23.03
CA VAL B 53 29.18 -1.34 23.32
C VAL B 53 30.67 -1.03 23.11
N LEU B 54 31.56 -1.99 23.33
CA LEU B 54 32.94 -1.78 22.92
C LEU B 54 33.04 -1.43 21.44
N LYS B 55 32.42 -2.24 20.58
CA LYS B 55 32.57 -2.02 19.16
C LYS B 55 31.95 -0.70 18.76
N LYS B 56 30.79 -0.36 19.32
CA LYS B 56 30.18 0.95 19.02
C LYS B 56 31.07 2.11 19.47
N PHE B 57 31.61 2.03 20.70
CA PHE B 57 32.57 2.99 21.22
C PHE B 57 33.75 3.21 20.27
N ILE B 58 34.35 2.13 19.77
CA ILE B 58 35.41 2.23 18.77
C ILE B 58 34.89 2.93 17.52
N CYS B 59 33.73 2.53 17.01
CA CYS B 59 33.18 3.10 15.78
C CYS B 59 32.89 4.61 15.90
N ILE B 60 32.54 5.12 17.07
CA ILE B 60 32.22 6.53 17.19
C ILE B 60 33.44 7.41 17.48
N SER B 61 34.65 6.82 17.54
CA SER B 61 35.82 7.53 18.01
C SER B 61 36.57 8.20 16.85
N ASP B 62 37.64 8.90 17.20
CA ASP B 62 38.54 9.53 16.23
C ASP B 62 39.94 8.93 16.40
N LEU B 63 40.74 9.01 15.35
CA LEU B 63 42.07 8.43 15.46
C LEU B 63 43.06 9.34 16.18
N ARG B 64 42.79 10.63 16.30
CA ARG B 64 43.71 11.54 16.96
C ARG B 64 43.17 12.10 18.27
N ALA B 65 41.93 12.56 18.27
CA ALA B 65 41.32 13.17 19.45
C ALA B 65 40.68 12.09 20.33
N GLN B 66 41.09 12.04 21.59
CA GLN B 66 40.57 11.03 22.52
C GLN B 66 39.10 11.29 22.82
N ILE B 67 38.35 10.19 23.01
CA ILE B 67 36.99 10.23 23.51
C ILE B 67 36.94 9.33 24.74
N ALA B 68 35.96 9.58 25.62
CA ALA B 68 35.80 8.85 26.89
C ALA B 68 34.36 8.44 27.13
N GLY B 69 34.18 7.30 27.75
CA GLY B 69 32.89 6.91 28.26
C GLY B 69 32.99 6.54 29.73
N TYR B 70 31.89 6.80 30.44
CA TYR B 70 31.75 6.41 31.83
C TYR B 70 31.19 5.00 31.92
N LEU B 71 31.74 4.21 32.85
CA LEU B 71 31.37 2.81 32.99
C LEU B 71 30.42 2.63 34.17
N TYR B 72 29.33 1.91 33.96
CA TYR B 72 28.41 1.57 35.03
C TYR B 72 28.11 0.08 34.95
N GLY B 73 27.92 -0.53 36.11
CA GLY B 73 27.68 -1.97 36.12
C GLY B 73 27.47 -2.51 37.52
N VAL B 74 27.48 -3.84 37.62
CA VAL B 74 27.12 -4.55 38.85
C VAL B 74 27.89 -5.87 38.89
N SER B 75 27.90 -6.52 40.06
CA SER B 75 28.41 -7.88 40.18
C SER B 75 27.30 -8.89 39.91
N PRO B 76 27.62 -9.98 39.20
CA PRO B 76 26.62 -11.01 38.95
C PRO B 76 26.04 -11.53 40.24
N PRO B 77 24.80 -12.06 40.21
CA PRO B 77 24.09 -12.48 41.42
C PRO B 77 24.89 -13.19 42.51
N ASP B 78 25.85 -14.05 42.17
CA ASP B 78 26.50 -14.86 43.21
C ASP B 78 28.00 -14.69 43.23
N ASN B 79 28.54 -13.75 42.47
CA ASN B 79 29.99 -13.64 42.28
C ASN B 79 30.44 -12.21 42.52
N PRO B 80 30.62 -11.81 43.80
CA PRO B 80 30.86 -10.39 44.09
C PRO B 80 32.19 -9.88 43.56
N GLN B 81 33.12 -10.75 43.18
CA GLN B 81 34.45 -10.36 42.71
C GLN B 81 34.48 -10.09 41.21
N VAL B 82 33.38 -10.32 40.51
CA VAL B 82 33.25 -9.99 39.09
C VAL B 82 32.42 -8.72 38.98
N LYS B 83 32.90 -7.76 38.19
CA LYS B 83 32.15 -6.56 37.87
C LYS B 83 31.78 -6.59 36.39
N GLU B 84 30.49 -6.82 36.10
CA GLU B 84 29.95 -6.69 34.76
C GLU B 84 29.77 -5.21 34.40
N ILE B 85 30.29 -4.81 33.24
CA ILE B 85 30.04 -3.46 32.74
C ILE B 85 28.77 -3.48 31.91
N ARG B 86 27.77 -2.73 32.34
CA ARG B 86 26.45 -2.85 31.71
C ARG B 86 26.09 -1.65 30.87
N CYS B 87 26.70 -0.51 31.15
CA CYS B 87 26.35 0.73 30.51
C CYS B 87 27.61 1.54 30.31
N ILE B 88 27.67 2.21 29.16
CA ILE B 88 28.66 3.25 28.88
C ILE B 88 27.86 4.52 28.64
N VAL B 89 28.21 5.58 29.36
CA VAL B 89 27.56 6.88 29.27
C VAL B 89 28.50 7.86 28.57
N MET B 90 28.00 8.50 27.49
CA MET B 90 28.69 9.54 26.73
C MET B 90 28.17 10.92 27.15
N VAL B 91 29.06 11.78 27.62
CA VAL B 91 28.72 13.11 28.13
C VAL B 91 29.35 14.15 27.21
N PRO B 92 28.89 15.40 27.20
CA PRO B 92 29.53 16.43 26.38
C PRO B 92 31.03 16.50 26.68
N GLN B 93 31.84 16.36 25.63
CA GLN B 93 33.27 16.24 25.88
C GLN B 93 34.06 16.84 24.74
N TRP B 94 35.34 17.08 25.01
CA TRP B 94 36.27 17.35 23.92
C TRP B 94 37.63 16.79 24.30
N GLY B 95 38.54 16.68 23.34
CA GLY B 95 39.79 16.02 23.70
C GLY B 95 40.92 16.37 22.75
N THR B 96 42.12 15.99 23.18
CA THR B 96 43.31 16.06 22.34
C THR B 96 43.87 14.64 22.14
N HIS B 97 45.08 14.58 21.60
CA HIS B 97 45.78 13.30 21.45
C HIS B 97 46.26 12.73 22.78
N GLN B 98 46.30 13.53 23.86
CA GLN B 98 46.80 13.08 25.16
C GLN B 98 45.77 12.99 26.29
N THR B 99 44.61 13.61 26.16
CA THR B 99 43.72 13.71 27.31
C THR B 99 42.28 13.86 26.81
N VAL B 100 41.33 13.78 27.75
CA VAL B 100 39.93 14.13 27.49
C VAL B 100 39.51 15.25 28.45
N HIS B 101 38.48 16.00 28.06
CA HIS B 101 37.95 17.11 28.85
C HIS B 101 36.46 16.89 29.05
N LEU B 102 36.10 16.59 30.28
CA LEU B 102 34.75 16.25 30.73
C LEU B 102 34.20 17.34 31.64
N PRO B 103 32.88 17.42 31.77
CA PRO B 103 32.28 18.27 32.80
C PRO B 103 32.57 17.74 34.19
N GLY B 104 32.45 18.64 35.17
CA GLY B 104 32.57 18.22 36.56
C GLY B 104 31.43 17.33 37.01
N GLN B 105 30.27 17.42 36.37
CA GLN B 105 29.09 16.68 36.80
C GLN B 105 29.09 15.25 36.25
N LEU B 106 29.06 14.28 37.15
CA LEU B 106 28.97 12.89 36.77
C LEU B 106 27.57 12.57 36.25
N PRO B 107 27.42 11.48 35.50
CA PRO B 107 26.09 11.09 35.02
C PRO B 107 25.08 10.97 36.16
N GLN B 108 23.86 11.38 35.85
CA GLN B 108 22.76 11.36 36.82
C GLN B 108 21.51 11.03 36.03
N HIS B 109 20.94 9.85 36.24
CA HIS B 109 19.71 9.45 35.59
C HIS B 109 19.09 8.33 36.41
N GLU B 110 17.76 8.23 36.34
CA GLU B 110 17.07 7.21 37.12
C GLU B 110 17.52 5.80 36.72
N TYR B 111 17.81 5.57 35.43
CA TYR B 111 18.17 4.23 34.94
C TYR B 111 19.49 3.74 35.50
N LEU B 112 20.34 4.61 36.04
CA LEU B 112 21.67 4.23 36.52
C LEU B 112 21.71 3.98 38.01
N LYS B 113 20.64 4.31 38.72
CA LYS B 113 20.70 4.29 40.17
C LYS B 113 20.85 2.88 40.72
N GLU B 114 20.49 1.83 39.98
CA GLU B 114 20.74 0.50 40.52
C GLU B 114 22.13 -0.05 40.15
N MET B 115 22.91 0.69 39.36
CA MET B 115 24.26 0.29 39.02
C MET B 115 25.26 1.12 39.82
N GLU B 116 26.50 0.64 39.85
CA GLU B 116 27.57 1.32 40.52
C GLU B 116 28.58 1.79 39.48
N PRO B 117 29.21 2.95 39.71
CA PRO B 117 30.23 3.44 38.76
C PRO B 117 31.50 2.61 38.82
N LEU B 118 32.03 2.26 37.65
CA LEU B 118 33.19 1.41 37.54
C LEU B 118 34.38 2.15 36.94
N GLY B 119 34.23 3.45 36.71
CA GLY B 119 35.32 4.25 36.22
C GLY B 119 35.08 4.75 34.83
N TRP B 120 36.03 4.55 33.92
CA TRP B 120 35.87 5.07 32.56
C TRP B 120 36.76 4.34 31.57
N ILE B 121 36.46 4.56 30.29
CA ILE B 121 37.17 4.00 29.16
C ILE B 121 37.54 5.16 28.24
N HIS B 122 38.71 5.11 27.62
CA HIS B 122 39.04 6.15 26.66
C HIS B 122 39.92 5.60 25.53
N THR B 123 39.76 6.20 24.34
CA THR B 123 40.64 5.79 23.24
C THR B 123 42.01 6.47 23.38
N GLN B 124 42.98 5.94 22.65
CA GLN B 124 44.35 6.47 22.67
C GLN B 124 44.99 6.24 21.32
N PRO B 125 45.75 7.21 20.79
CA PRO B 125 46.41 7.00 19.49
C PRO B 125 47.42 5.86 19.49
N ASN B 126 48.23 5.71 20.54
CA ASN B 126 49.22 4.64 20.53
C ASN B 126 49.24 3.84 21.83
N GLU B 127 49.55 2.55 21.67
CA GLU B 127 49.71 1.65 22.81
C GLU B 127 50.85 2.14 23.69
N SER B 128 50.71 1.95 25.00
CA SER B 128 51.73 2.41 25.94
C SER B 128 51.98 1.33 26.99
N PRO B 129 53.22 1.21 27.48
CA PRO B 129 53.47 0.27 28.58
C PRO B 129 52.80 0.68 29.88
N GLN B 130 52.71 1.99 30.16
CA GLN B 130 52.22 2.49 31.43
C GLN B 130 50.96 3.32 31.24
N LEU B 131 50.22 3.47 32.33
CA LEU B 131 49.10 4.40 32.39
C LEU B 131 49.62 5.82 32.41
N SER B 132 48.99 6.71 31.64
CA SER B 132 49.45 8.08 31.52
C SER B 132 49.36 8.84 32.85
N PRO B 133 50.19 9.86 33.05
CA PRO B 133 50.00 10.73 34.22
C PRO B 133 48.81 11.69 34.05
N GLN B 134 48.41 11.99 32.81
CA GLN B 134 47.15 12.68 32.58
C GLN B 134 45.98 11.84 33.10
N ASP B 135 45.99 10.55 32.78
CA ASP B 135 44.95 9.63 33.24
C ASP B 135 44.95 9.50 34.76
N VAL B 136 46.12 9.33 35.37
CA VAL B 136 46.20 9.25 36.83
C VAL B 136 45.63 10.51 37.48
N THR B 137 45.97 11.70 36.94
CA THR B 137 45.41 12.94 37.46
C THR B 137 43.91 13.03 37.26
N THR B 138 43.42 12.64 36.08
CA THR B 138 41.98 12.72 35.80
C THR B 138 41.19 11.84 36.76
N HIS B 139 41.59 10.58 36.89
CA HIS B 139 40.91 9.64 37.79
C HIS B 139 40.99 10.13 39.22
N ALA B 140 42.17 10.58 39.66
CA ALA B 140 42.34 11.02 41.03
C ALA B 140 41.48 12.24 41.36
N LYS B 141 41.39 13.20 40.44
CA LYS B 141 40.54 14.37 40.71
C LYS B 141 39.06 13.99 40.72
N ILE B 142 38.63 13.10 39.82
CA ILE B 142 37.24 12.65 39.85
C ILE B 142 36.92 12.03 41.19
N MET B 143 37.84 11.20 41.71
CA MET B 143 37.60 10.54 42.97
C MET B 143 37.54 11.55 44.11
N ALA B 144 38.42 12.56 44.10
CA ALA B 144 38.41 13.56 45.18
C ALA B 144 37.12 14.36 45.22
N ASP B 145 36.45 14.52 44.07
CA ASP B 145 35.21 15.28 43.95
C ASP B 145 33.94 14.45 44.07
N ASN B 146 34.00 13.14 43.82
CA ASN B 146 32.83 12.27 43.83
C ASN B 146 33.14 11.06 44.70
N PRO B 147 32.65 11.02 45.95
CA PRO B 147 32.97 9.89 46.84
C PRO B 147 32.39 8.54 46.41
N SER B 148 31.45 8.49 45.47
CA SER B 148 30.93 7.21 45.00
C SER B 148 31.95 6.44 44.15
N TRP B 149 33.13 7.01 43.94
CA TRP B 149 34.17 6.36 43.14
C TRP B 149 35.15 5.75 44.13
N ASP B 150 34.88 4.51 44.51
CA ASP B 150 35.83 3.74 45.30
C ASP B 150 37.11 3.52 44.50
N GLY B 151 38.24 3.87 45.12
CA GLY B 151 39.51 3.69 44.43
C GLY B 151 39.85 2.24 44.20
N GLU B 152 39.27 1.34 44.97
CA GLU B 152 39.54 -0.07 44.86
C GLU B 152 38.57 -0.77 43.90
N LYS B 153 37.61 -0.02 43.33
CA LYS B 153 36.56 -0.55 42.45
C LYS B 153 36.45 0.15 41.09
N THR B 154 36.95 1.37 40.95
CA THR B 154 36.86 2.10 39.69
C THR B 154 38.15 1.90 38.90
N ILE B 155 38.02 1.72 37.59
CA ILE B 155 39.11 1.40 36.69
C ILE B 155 39.16 2.44 35.59
N ILE B 156 40.31 2.46 34.91
CA ILE B 156 40.50 3.12 33.62
C ILE B 156 40.79 2.04 32.59
N ILE B 157 39.91 1.88 31.61
CA ILE B 157 40.19 1.03 30.45
C ILE B 157 40.75 1.91 29.34
N THR B 158 41.89 1.51 28.78
CA THR B 158 42.44 2.23 27.65
C THR B 158 42.31 1.36 26.42
N CYS B 159 41.92 2.02 25.33
CA CYS B 159 41.61 1.41 24.06
C CYS B 159 42.57 2.07 23.05
N SER B 160 43.69 1.39 22.78
CA SER B 160 44.77 1.92 21.96
C SER B 160 44.66 1.40 20.53
N PHE B 161 44.89 2.29 19.56
CA PHE B 161 44.81 1.95 18.14
C PHE B 161 46.14 1.34 17.70
N THR B 162 46.20 0.15 17.77
CA THR B 162 47.27 -0.63 17.18
C THR B 162 46.93 -0.98 15.74
N PRO B 163 47.96 -1.11 14.87
CA PRO B 163 47.73 -1.39 13.45
C PRO B 163 46.69 -2.46 13.14
N GLY B 164 45.68 -2.08 12.36
CA GLY B 164 44.58 -2.97 11.99
C GLY B 164 43.63 -3.36 13.10
N SER B 165 43.72 -2.73 14.28
CA SER B 165 43.11 -3.32 15.48
C SER B 165 43.00 -2.40 16.70
N CYS B 166 42.83 -3.02 17.87
CA CYS B 166 42.59 -2.31 19.12
C CYS B 166 43.07 -3.16 20.28
N THR B 167 43.89 -2.56 21.13
CA THR B 167 44.34 -3.25 22.33
C THR B 167 43.71 -2.60 23.54
N LEU B 168 43.16 -3.41 24.44
CA LEU B 168 42.52 -2.96 25.67
C LEU B 168 43.36 -3.35 26.87
N THR B 169 43.71 -2.38 27.70
CA THR B 169 44.30 -2.71 28.99
C THR B 169 43.58 -1.94 30.11
N ALA B 170 43.29 -2.62 31.22
CA ALA B 170 42.54 -2.05 32.33
C ALA B 170 43.48 -1.75 33.51
N TYR B 171 43.31 -0.57 34.13
CA TYR B 171 44.09 -0.18 35.30
C TYR B 171 43.19 0.30 36.42
N LYS B 172 43.77 0.37 37.61
CA LYS B 172 43.17 1.06 38.75
C LYS B 172 44.26 1.88 39.42
N LEU B 173 43.84 2.86 40.23
CA LEU B 173 44.78 3.64 41.03
C LEU B 173 45.15 2.94 42.33
N THR B 174 46.34 3.18 42.77
CA THR B 174 46.74 2.80 44.12
C THR B 174 46.66 4.02 45.02
N PRO B 175 46.59 3.82 46.34
CA PRO B 175 46.45 4.98 47.26
C PRO B 175 47.46 6.11 47.03
N SER B 176 48.74 5.76 46.86
CA SER B 176 49.78 6.73 46.52
C SER B 176 49.44 7.50 45.26
N GLY B 177 48.95 6.80 44.24
CA GLY B 177 48.63 7.46 42.98
C GLY B 177 47.43 8.34 43.09
N TYR B 178 46.44 7.96 43.92
CA TYR B 178 45.35 8.86 44.22
C TYR B 178 45.88 10.15 44.84
N GLU B 179 46.68 10.02 45.90
CA GLU B 179 47.13 11.21 46.61
C GLU B 179 48.05 12.08 45.75
N TRP B 180 48.72 11.50 44.75
CA TRP B 180 49.52 12.32 43.84
C TRP B 180 48.65 12.98 42.77
N GLY B 181 47.78 12.21 42.11
CA GLY B 181 46.98 12.77 41.05
C GLY B 181 46.11 13.91 41.51
N ARG B 182 45.58 13.80 42.74
CA ARG B 182 44.79 14.87 43.34
C ARG B 182 45.48 16.24 43.25
N GLN B 183 46.73 16.30 43.66
CA GLN B 183 47.40 17.59 43.81
C GLN B 183 48.17 18.01 42.56
N ASN B 184 48.02 17.31 41.43
CA ASN B 184 48.90 17.51 40.29
C ASN B 184 48.33 18.54 39.33
N THR B 185 49.12 19.57 39.05
CA THR B 185 48.71 20.70 38.21
C THR B 185 49.54 20.84 36.94
N ASP B 186 50.76 20.32 36.92
CA ASP B 186 51.54 20.17 35.70
C ASP B 186 51.00 18.94 34.97
N LYS B 187 50.37 19.15 33.82
CA LYS B 187 49.86 18.04 33.05
C LYS B 187 50.62 17.94 31.72
N GLY B 188 51.93 18.17 31.79
CA GLY B 188 52.81 17.88 30.69
C GLY B 188 52.99 16.40 30.52
N ASN B 189 54.08 16.04 29.86
CA ASN B 189 54.31 14.62 29.65
C ASN B 189 54.96 13.98 30.88
N ASN B 190 55.83 14.71 31.58
CA ASN B 190 56.45 14.19 32.79
C ASN B 190 56.38 15.23 33.91
N PRO B 191 55.30 15.23 34.67
CA PRO B 191 55.14 16.19 35.75
C PRO B 191 55.93 15.77 36.97
N LYS B 192 56.15 16.72 37.87
CA LYS B 192 56.86 16.42 39.10
C LYS B 192 56.09 15.40 39.95
N GLY B 193 56.79 14.35 40.38
CA GLY B 193 56.29 13.41 41.37
C GLY B 193 55.66 12.14 40.84
N TYR B 194 55.68 11.91 39.53
CA TYR B 194 54.89 10.84 38.94
C TYR B 194 55.62 9.51 39.04
N LEU B 195 54.87 8.43 39.23
CA LEU B 195 55.50 7.16 39.61
C LEU B 195 54.75 5.98 38.99
N PRO B 196 55.47 4.90 38.63
CA PRO B 196 54.80 3.71 38.09
C PRO B 196 53.99 2.93 39.12
N SER B 197 54.34 3.04 40.41
CA SER B 197 53.60 2.41 41.49
C SER B 197 52.32 3.14 41.84
N HIS B 198 51.91 4.08 40.99
CA HIS B 198 50.70 4.85 41.19
C HIS B 198 49.46 4.17 40.61
N TYR B 199 49.62 3.04 39.91
CA TYR B 199 48.52 2.33 39.24
C TYR B 199 48.87 0.86 39.15
N GLU B 200 47.87 0.03 38.86
CA GLU B 200 48.13 -1.38 38.65
C GLU B 200 47.10 -1.96 37.69
N ARG B 201 47.53 -3.00 36.95
CA ARG B 201 46.65 -3.64 36.01
C ARG B 201 45.58 -4.42 36.75
N VAL B 202 44.36 -4.36 36.25
CA VAL B 202 43.27 -5.19 36.73
C VAL B 202 42.86 -6.09 35.58
N GLN B 203 42.48 -7.32 35.91
CA GLN B 203 42.06 -8.27 34.90
C GLN B 203 40.76 -7.82 34.25
N MET B 204 40.63 -8.10 32.96
CA MET B 204 39.51 -7.62 32.17
C MET B 204 39.25 -8.53 30.97
N LEU B 205 38.01 -8.99 30.82
CA LEU B 205 37.60 -9.91 29.77
C LEU B 205 36.51 -9.29 28.89
N LEU B 206 36.56 -9.63 27.58
CA LEU B 206 35.50 -9.25 26.64
C LEU B 206 34.47 -10.36 26.58
N SER B 207 33.18 -10.00 26.58
CA SER B 207 32.15 -11.02 26.58
C SER B 207 31.14 -10.85 25.45
N ASP B 208 30.65 -11.98 24.94
CA ASP B 208 29.50 -12.05 24.07
C ASP B 208 28.25 -12.56 24.77
N ARG B 209 28.27 -12.72 26.11
CA ARG B 209 27.20 -13.44 26.82
C ARG B 209 26.01 -12.54 27.12
N PHE B 210 26.26 -11.27 27.41
CA PHE B 210 25.21 -10.28 27.62
C PHE B 210 25.56 -9.06 26.77
N LEU B 211 24.61 -8.13 26.67
CA LEU B 211 24.79 -6.89 25.92
C LEU B 211 24.77 -5.68 26.87
N GLY B 212 25.60 -4.67 26.57
CA GLY B 212 25.55 -3.41 27.28
C GLY B 212 24.62 -2.43 26.57
N PHE B 213 24.50 -1.23 27.12
CA PHE B 213 23.76 -0.20 26.41
C PHE B 213 24.45 1.13 26.66
N PHE B 214 24.03 2.13 25.90
CA PHE B 214 24.52 3.50 26.03
C PHE B 214 23.45 4.44 26.57
N MET B 215 23.91 5.48 27.26
CA MET B 215 23.13 6.68 27.47
C MET B 215 23.92 7.87 26.93
N VAL B 216 23.18 8.88 26.46
CA VAL B 216 23.80 10.02 25.76
C VAL B 216 23.14 11.29 26.28
N PRO B 217 23.65 12.49 25.97
CA PRO B 217 22.99 13.71 26.48
C PRO B 217 21.58 13.85 25.92
N ALA B 218 20.71 14.49 26.71
CA ALA B 218 19.32 14.64 26.32
C ALA B 218 19.09 15.76 25.31
N GLN B 219 19.85 16.84 25.37
CA GLN B 219 19.62 17.94 24.45
C GLN B 219 20.67 18.04 23.36
N SER B 220 21.93 17.89 23.71
CA SER B 220 22.99 17.98 22.72
C SER B 220 23.39 16.56 22.33
N SER B 221 24.39 16.45 21.47
CA SER B 221 25.12 15.20 21.39
C SER B 221 26.32 15.32 22.32
N TRP B 222 27.17 14.29 22.34
CA TRP B 222 28.36 14.24 23.22
C TRP B 222 29.60 14.94 22.64
N ASN B 223 29.78 14.97 21.33
CA ASN B 223 31.03 15.46 20.73
C ASN B 223 31.03 16.98 20.61
N TYR B 224 31.92 17.64 21.35
CA TYR B 224 32.13 19.08 21.28
C TYR B 224 33.49 19.45 20.71
N ASN B 225 34.19 18.50 20.08
CA ASN B 225 35.50 18.75 19.46
C ASN B 225 35.44 19.70 18.25
N PHE B 226 34.26 20.09 17.77
CA PHE B 226 34.16 21.15 16.77
C PHE B 226 33.54 22.40 17.33
N MET B 227 33.27 22.40 18.63
CA MET B 227 32.57 23.48 19.32
C MET B 227 33.22 23.83 20.66
N GLY B 228 34.50 23.47 20.86
CA GLY B 228 35.15 23.52 22.16
C GLY B 228 34.90 24.78 22.96
N VAL B 229 34.51 25.87 22.28
CA VAL B 229 34.10 27.09 22.97
C VAL B 229 32.90 26.81 23.87
N ARG B 230 31.82 26.28 23.27
CA ARG B 230 30.53 26.06 23.93
C ARG B 230 30.60 24.99 25.01
N HIS B 231 31.77 24.39 25.19
CA HIS B 231 31.98 23.43 26.26
C HIS B 231 32.59 24.15 27.46
N ASP B 232 32.03 23.89 28.64
CA ASP B 232 32.42 24.54 29.87
C ASP B 232 32.51 23.46 30.93
N PRO B 233 33.64 23.37 31.65
CA PRO B 233 33.78 22.34 32.69
C PRO B 233 32.61 22.27 33.65
N ASN B 234 31.84 23.35 33.77
CA ASN B 234 30.67 23.36 34.64
C ASN B 234 29.36 23.15 33.89
N MET B 235 29.40 22.79 32.62
CA MET B 235 28.15 22.60 31.91
C MET B 235 27.37 21.45 32.54
N LYS B 236 26.07 21.67 32.71
CA LYS B 236 25.17 20.66 33.21
C LYS B 236 24.44 20.05 32.02
N TYR B 237 23.99 18.82 32.19
CA TYR B 237 23.44 18.05 31.10
C TYR B 237 22.60 16.94 31.72
N GLU B 238 21.57 16.52 31.00
CA GLU B 238 20.77 15.34 31.31
C GLU B 238 21.11 14.24 30.32
N LEU B 239 20.50 13.08 30.51
CA LEU B 239 20.80 11.88 29.77
C LEU B 239 19.51 11.24 29.23
N GLN B 240 19.65 10.52 28.11
CA GLN B 240 18.57 9.70 27.58
C GLN B 240 19.14 8.34 27.17
N LEU B 241 18.21 7.42 26.96
CA LEU B 241 18.55 6.05 26.61
C LEU B 241 18.55 5.97 25.10
N ALA B 242 19.73 6.08 24.50
CA ALA B 242 19.89 6.14 23.06
C ALA B 242 21.37 5.96 22.73
N ASN B 243 21.64 5.57 21.49
CA ASN B 243 22.98 5.24 20.99
C ASN B 243 23.68 6.44 20.38
N PRO B 244 24.96 6.63 20.69
CA PRO B 244 25.67 7.86 20.29
C PRO B 244 25.95 7.92 18.80
N LYS B 245 25.79 9.10 18.21
CA LYS B 245 26.19 9.29 16.81
C LYS B 245 27.72 9.20 16.70
N GLU B 246 28.23 8.95 15.50
CA GLU B 246 29.68 8.80 15.36
C GLU B 246 30.39 10.16 15.28
N PHE B 247 31.72 10.14 15.48
CA PHE B 247 32.53 11.36 15.65
C PHE B 247 32.21 12.46 14.64
N TYR B 248 32.23 12.15 13.33
CA TYR B 248 32.09 13.16 12.29
C TYR B 248 30.67 13.31 11.76
N HIS B 249 29.66 12.77 12.45
CA HIS B 249 28.26 12.99 12.09
C HIS B 249 27.96 14.49 11.96
N GLU B 250 26.98 14.81 11.11
CA GLU B 250 26.59 16.18 10.82
C GLU B 250 26.20 17.00 12.06
N VAL B 251 25.59 16.37 13.08
CA VAL B 251 25.18 17.16 14.24
C VAL B 251 26.35 17.62 15.08
N HIS B 252 27.54 17.09 14.87
CA HIS B 252 28.68 17.52 15.66
C HIS B 252 29.45 18.67 15.04
N ARG B 253 29.19 18.99 13.78
CA ARG B 253 29.94 20.00 13.06
C ARG B 253 29.01 20.81 12.17
N PRO B 254 27.94 21.39 12.73
CA PRO B 254 26.96 22.07 11.87
C PRO B 254 27.52 23.25 11.11
N SER B 255 28.58 23.87 11.63
CA SER B 255 29.18 25.00 10.94
C SER B 255 29.74 24.58 9.59
N HIS B 256 30.26 23.36 9.45
CA HIS B 256 30.76 22.91 8.14
C HIS B 256 29.67 22.94 7.09
N PHE B 257 28.42 22.72 7.49
CA PHE B 257 27.30 22.71 6.56
C PHE B 257 26.77 24.12 6.32
N LEU B 258 26.56 24.91 7.38
CA LEU B 258 26.02 26.25 7.21
C LEU B 258 27.02 27.19 6.53
N ASN B 259 28.32 27.07 6.83
CA ASN B 259 29.32 27.98 6.28
C ASN B 259 29.63 27.65 4.83
N PHE B 260 29.60 26.37 4.47
CA PHE B 260 29.69 26.02 3.06
C PHE B 260 28.47 26.54 2.29
N ALA B 261 27.27 26.43 2.89
CA ALA B 261 26.08 26.96 2.24
C ALA B 261 26.19 28.48 2.03
N LEU B 262 26.78 29.19 2.99
CA LEU B 262 26.93 30.64 2.82
C LEU B 262 27.88 30.98 1.67
N LEU B 263 29.01 30.26 1.58
CA LEU B 263 30.09 30.53 0.62
C LEU B 263 30.33 32.02 0.42
#